data_4DMT
# 
_entry.id   4DMT 
# 
_audit_conform.dict_name       mmcif_pdbx.dic 
_audit_conform.dict_version    5.379 
_audit_conform.dict_location   http://mmcif.pdb.org/dictionaries/ascii/mmcif_pdbx.dic 
# 
loop_
_database_2.database_id 
_database_2.database_code 
_database_2.pdbx_database_accession 
_database_2.pdbx_DOI 
PDB   4DMT         pdb_00004dmt 10.2210/pdb4dmt/pdb 
RCSB  RCSB070525   ?            ?                   
WWPDB D_1000070525 ?            ?                   
# 
_pdbx_database_related.db_name        PDB 
_pdbx_database_related.db_id          4DMU 
_pdbx_database_related.details        . 
_pdbx_database_related.content_type   unspecified 
# 
_pdbx_database_status.status_code                     REL 
_pdbx_database_status.entry_id                        4DMT 
_pdbx_database_status.recvd_initial_deposition_date   2012-02-08 
_pdbx_database_status.deposit_site                    RCSB 
_pdbx_database_status.process_site                    RCSB 
_pdbx_database_status.status_code_sf                  REL 
_pdbx_database_status.status_code_mr                  ? 
_pdbx_database_status.SG_entry                        ? 
_pdbx_database_status.status_code_cs                  ? 
_pdbx_database_status.methods_development_category    ? 
_pdbx_database_status.pdb_format_compatible           Y 
_pdbx_database_status.status_code_nmr_data            ? 
# 
loop_
_audit_author.name 
_audit_author.pdbx_ordinal 
'Brondijk, T.H.C.' 1 
'Huizinga, E.G.'   2 
# 
_citation.id                        primary 
_citation.title                     
'Implications for collagen I chain registry from the structure of the collagen von Willebrand factor A3 domain complex.' 
_citation.journal_abbrev            Proc.Natl.Acad.Sci.USA 
_citation.journal_volume            109 
_citation.page_first                5253 
_citation.page_last                 5258 
_citation.year                      2012 
_citation.journal_id_ASTM           PNASA6 
_citation.country                   US 
_citation.journal_id_ISSN           0027-8424 
_citation.journal_id_CSD            0040 
_citation.book_publisher            ? 
_citation.pdbx_database_id_PubMed   22440751 
_citation.pdbx_database_id_DOI      10.1073/pnas.1112388109 
# 
loop_
_citation_author.citation_id 
_citation_author.name 
_citation_author.ordinal 
_citation_author.identifier_ORCID 
primary 'Brondijk, T.H.' 1 ? 
primary 'Bihan, D.'      2 ? 
primary 'Farndale, R.W.' 3 ? 
primary 'Huizinga, E.G.' 4 ? 
# 
_cell.entry_id           4DMT 
_cell.length_a           31.330 
_cell.length_b           24.430 
_cell.length_c           39.320 
_cell.angle_alpha        90.00 
_cell.angle_beta         103.11 
_cell.angle_gamma        90.00 
_cell.Z_PDB              6 
_cell.pdbx_unique_axis   ? 
_cell.length_a_esd       ? 
_cell.length_b_esd       ? 
_cell.length_c_esd       ? 
_cell.angle_alpha_esd    ? 
_cell.angle_beta_esd     ? 
_cell.angle_gamma_esd    ? 
# 
_symmetry.entry_id                         4DMT 
_symmetry.space_group_name_H-M             'P 1 21 1' 
_symmetry.pdbx_full_space_group_name_H-M   ? 
_symmetry.cell_setting                     ? 
_symmetry.Int_Tables_number                4 
_symmetry.space_group_name_Hall            ? 
# 
loop_
_entity.id 
_entity.type 
_entity.src_method 
_entity.pdbx_description 
_entity.formula_weight 
_entity.pdbx_number_of_molecules 
_entity.pdbx_ec 
_entity.pdbx_mutation 
_entity.pdbx_fragment 
_entity.details 
1 polymer     syn 'Collagen III derived peptide' 2860.123 3   ? ? ? ? 
2 non-polymer syn GLYCEROL                       92.094   4   ? ? ? ? 
3 water       nat water                          18.015   157 ? ? ? ? 
# 
_entity_poly.entity_id                      1 
_entity_poly.type                           'polypeptide(L)' 
_entity_poly.nstd_linkage                   no 
_entity_poly.nstd_monomer                   yes 
_entity_poly.pdbx_seq_one_letter_code       '(ACE)GP(HYP)GP(HYP)GP(HYP)GPRGQ(HYP)GVMGF(HYP)GP(HYP)GP(HYP)GP(HYP)(NH2)' 
_entity_poly.pdbx_seq_one_letter_code_can   XGPPGPPGPPGPRGQPGVMGFPGPPGPPGPPX 
_entity_poly.pdbx_strand_id                 A,B,C 
_entity_poly.pdbx_target_identifier         ? 
# 
loop_
_entity_poly_seq.entity_id 
_entity_poly_seq.num 
_entity_poly_seq.mon_id 
_entity_poly_seq.hetero 
1 1  ACE n 
1 2  GLY n 
1 3  PRO n 
1 4  HYP n 
1 5  GLY n 
1 6  PRO n 
1 7  HYP n 
1 8  GLY n 
1 9  PRO n 
1 10 HYP n 
1 11 GLY n 
1 12 PRO n 
1 13 ARG n 
1 14 GLY n 
1 15 GLN n 
1 16 HYP n 
1 17 GLY n 
1 18 VAL n 
1 19 MET n 
1 20 GLY n 
1 21 PHE n 
1 22 HYP n 
1 23 GLY n 
1 24 PRO n 
1 25 HYP n 
1 26 GLY n 
1 27 PRO n 
1 28 HYP n 
1 29 GLY n 
1 30 PRO n 
1 31 HYP n 
1 32 NH2 n 
# 
_pdbx_entity_src_syn.entity_id              1 
_pdbx_entity_src_syn.pdbx_src_id            1 
_pdbx_entity_src_syn.pdbx_alt_source_flag   sample 
_pdbx_entity_src_syn.pdbx_beg_seq_num       ? 
_pdbx_entity_src_syn.pdbx_end_seq_num       ? 
_pdbx_entity_src_syn.organism_scientific    ? 
_pdbx_entity_src_syn.organism_common_name   ? 
_pdbx_entity_src_syn.ncbi_taxonomy_id       ? 
_pdbx_entity_src_syn.details                'synthetic peptide covers part of human collagen III sequence' 
# 
_struct_ref.id                         1 
_struct_ref.db_name                    PDB 
_struct_ref.db_code                    4DMT 
_struct_ref.pdbx_db_accession          4DMT 
_struct_ref.entity_id                  1 
_struct_ref.pdbx_align_begin           ? 
_struct_ref.pdbx_seq_one_letter_code   ? 
_struct_ref.pdbx_db_isoform            ? 
# 
loop_
_struct_ref_seq.align_id 
_struct_ref_seq.ref_id 
_struct_ref_seq.pdbx_PDB_id_code 
_struct_ref_seq.pdbx_strand_id 
_struct_ref_seq.seq_align_beg 
_struct_ref_seq.pdbx_seq_align_beg_ins_code 
_struct_ref_seq.seq_align_end 
_struct_ref_seq.pdbx_seq_align_end_ins_code 
_struct_ref_seq.pdbx_db_accession 
_struct_ref_seq.db_align_beg 
_struct_ref_seq.pdbx_db_align_beg_ins_code 
_struct_ref_seq.db_align_end 
_struct_ref_seq.pdbx_db_align_end_ins_code 
_struct_ref_seq.pdbx_auth_seq_align_beg 
_struct_ref_seq.pdbx_auth_seq_align_end 
1 1 4DMT A 1 ? 32 ? 4DMT 0 ? 31 ? 0 31 
2 1 4DMT B 1 ? 32 ? 4DMT 0 ? 31 ? 0 31 
3 1 4DMT C 1 ? 32 ? 4DMT 0 ? 31 ? 0 31 
# 
loop_
_chem_comp.id 
_chem_comp.type 
_chem_comp.mon_nstd_flag 
_chem_comp.name 
_chem_comp.pdbx_synonyms 
_chem_comp.formula 
_chem_comp.formula_weight 
ACE non-polymer         . 'ACETYL GROUP'   ?                               'C2 H4 O'        44.053  
ARG 'L-peptide linking' y ARGININE         ?                               'C6 H15 N4 O2 1' 175.209 
GLN 'L-peptide linking' y GLUTAMINE        ?                               'C5 H10 N2 O3'   146.144 
GLY 'peptide linking'   y GLYCINE          ?                               'C2 H5 N O2'     75.067  
GOL non-polymer         . GLYCEROL         'GLYCERIN; PROPANE-1,2,3-TRIOL' 'C3 H8 O3'       92.094  
HOH non-polymer         . WATER            ?                               'H2 O'           18.015  
HYP 'L-peptide linking' n 4-HYDROXYPROLINE HYDROXYPROLINE                  'C5 H9 N O3'     131.130 
MET 'L-peptide linking' y METHIONINE       ?                               'C5 H11 N O2 S'  149.211 
NH2 non-polymer         . 'AMINO GROUP'    ?                               'H2 N'           16.023  
PHE 'L-peptide linking' y PHENYLALANINE    ?                               'C9 H11 N O2'    165.189 
PRO 'L-peptide linking' y PROLINE          ?                               'C5 H9 N O2'     115.130 
VAL 'L-peptide linking' y VALINE           ?                               'C5 H11 N O2'    117.146 
# 
_exptl.entry_id          4DMT 
_exptl.method            'X-RAY DIFFRACTION' 
_exptl.crystals_number   1 
# 
_exptl_crystal.id                    1 
_exptl_crystal.density_meas          ? 
_exptl_crystal.density_Matthews      1.71 
_exptl_crystal.density_percent_sol   27.99 
_exptl_crystal.description           ? 
_exptl_crystal.F_000                 ? 
_exptl_crystal.preparation           ? 
# 
_exptl_crystal_grow.crystal_id      1 
_exptl_crystal_grow.method          'VAPOR DIFFUSION, HANGING DROP' 
_exptl_crystal_grow.temp            291 
_exptl_crystal_grow.temp_details    ? 
_exptl_crystal_grow.pH              ? 
_exptl_crystal_grow.pdbx_details    '0.95-1.0 M ammonium tartrate , VAPOR DIFFUSION, HANGING DROP, temperature 291K' 
_exptl_crystal_grow.pdbx_pH_range   ? 
# 
_diffrn.id                     1 
_diffrn.ambient_temp           100 
_diffrn.ambient_temp_details   ? 
_diffrn.crystal_id             1 
# 
_diffrn_detector.diffrn_id              1 
_diffrn_detector.detector               CCD 
_diffrn_detector.type                   'ADSC QUANTUM 315r' 
_diffrn_detector.pdbx_collection_date   2008-03-02 
_diffrn_detector.details                ? 
# 
_diffrn_radiation.diffrn_id                        1 
_diffrn_radiation.wavelength_id                    1 
_diffrn_radiation.pdbx_monochromatic_or_laue_m_l   M 
_diffrn_radiation.monochromator                    ? 
_diffrn_radiation.pdbx_diffrn_protocol             'SINGLE WAVELENGTH' 
_diffrn_radiation.pdbx_scattering_type             x-ray 
# 
_diffrn_radiation_wavelength.id           1 
_diffrn_radiation_wavelength.wavelength   0.975 
_diffrn_radiation_wavelength.wt           1.0 
# 
_diffrn_source.diffrn_id                   1 
_diffrn_source.source                      SYNCHROTRON 
_diffrn_source.type                        'ESRF BEAMLINE ID14-4' 
_diffrn_source.pdbx_synchrotron_site       ESRF 
_diffrn_source.pdbx_synchrotron_beamline   ID14-4 
_diffrn_source.pdbx_wavelength             ? 
_diffrn_source.pdbx_wavelength_list        0.975 
# 
_reflns.entry_id                     4DMT 
_reflns.observed_criterion_sigma_I   -3.7 
_reflns.observed_criterion_sigma_F   0 
_reflns.d_resolution_low             38.29 
_reflns.d_resolution_high            1.39 
_reflns.number_obs                   11914 
_reflns.number_all                   11914 
_reflns.percent_possible_obs         99.8 
_reflns.pdbx_Rmerge_I_obs            0.107 
_reflns.pdbx_Rsym_value              ? 
_reflns.pdbx_netI_over_sigmaI        13.8 
_reflns.B_iso_Wilson_estimate        8.3 
_reflns.pdbx_redundancy              6.9 
_reflns.R_free_details               ? 
_reflns.limit_h_max                  ? 
_reflns.limit_h_min                  ? 
_reflns.limit_k_max                  ? 
_reflns.limit_k_min                  ? 
_reflns.limit_l_max                  ? 
_reflns.limit_l_min                  ? 
_reflns.observed_criterion_F_max     ? 
_reflns.observed_criterion_F_min     ? 
_reflns.pdbx_chi_squared             ? 
_reflns.pdbx_scaling_rejects         ? 
_reflns.pdbx_ordinal                 1 
_reflns.pdbx_diffrn_id               1 
# 
_reflns_shell.d_res_high             1.39 
_reflns_shell.d_res_low              1.47 
_reflns_shell.percent_possible_all   99.6 
_reflns_shell.Rmerge_I_obs           0.572 
_reflns_shell.pdbx_Rsym_value        ? 
_reflns_shell.meanI_over_sigI_obs    3.8 
_reflns_shell.pdbx_redundancy        6.3 
_reflns_shell.percent_possible_obs   ? 
_reflns_shell.number_unique_all      1721 
_reflns_shell.number_measured_all    ? 
_reflns_shell.number_measured_obs    ? 
_reflns_shell.number_unique_obs      ? 
_reflns_shell.pdbx_chi_squared       ? 
_reflns_shell.pdbx_ordinal           1 
_reflns_shell.pdbx_diffrn_id         1 
# 
_refine.entry_id                                 4DMT 
_refine.ls_number_reflns_obs                     11334 
_refine.ls_number_reflns_all                     11334 
_refine.pdbx_ls_sigma_I                          ? 
_refine.pdbx_ls_sigma_F                          . 
_refine.pdbx_data_cutoff_high_absF               ? 
_refine.pdbx_data_cutoff_low_absF                ? 
_refine.pdbx_data_cutoff_high_rms_absF           ? 
_refine.ls_d_res_low                             38.29 
_refine.ls_d_res_high                            1.39 
_refine.ls_percent_reflns_obs                    99.78 
_refine.ls_R_factor_obs                          0.10847 
_refine.ls_R_factor_all                          ? 
_refine.ls_R_factor_R_work                       0.10671 
_refine.ls_R_factor_R_free                       0.14466 
_refine.ls_R_factor_R_free_error                 ? 
_refine.ls_R_factor_R_free_error_details         ? 
_refine.ls_percent_reflns_R_free                 4.8 
_refine.ls_number_reflns_R_free                  570 
_refine.ls_number_parameters                     ? 
_refine.ls_number_restraints                     ? 
_refine.occupancy_min                            ? 
_refine.occupancy_max                            ? 
_refine.correlation_coeff_Fo_to_Fc               0.985 
_refine.correlation_coeff_Fo_to_Fc_free          0.971 
_refine.B_iso_mean                               7.710 
_refine.aniso_B[1][1]                            -0.32 
_refine.aniso_B[2][2]                            -0.07 
_refine.aniso_B[3][3]                            0.24 
_refine.aniso_B[1][2]                            0.00 
_refine.aniso_B[1][3]                            -0.33 
_refine.aniso_B[2][3]                            0.00 
_refine.solvent_model_details                    MASK 
_refine.solvent_model_param_ksol                 ? 
_refine.solvent_model_param_bsol                 ? 
_refine.pdbx_solvent_vdw_probe_radii             1.40 
_refine.pdbx_solvent_ion_probe_radii             0.80 
_refine.pdbx_solvent_shrinkage_radii             0.80 
_refine.pdbx_ls_cross_valid_method               THROUGHOUT 
_refine.details                                  'HYDROGENS HAVE BEEN ADDED IN THE RIDING POSITIONS' 
_refine.pdbx_starting_model                      '1V7H poly-ala' 
_refine.pdbx_method_to_determine_struct          'MOLECULAR REPLACEMENT' 
_refine.pdbx_isotropic_thermal_model             anisotrpic 
_refine.pdbx_stereochemistry_target_values       'MAXIMUM LIKELIHOOD' 
_refine.pdbx_stereochem_target_val_spec_case     ? 
_refine.pdbx_R_Free_selection_details            RANDOM 
_refine.pdbx_overall_ESU_R                       0.066 
_refine.pdbx_overall_ESU_R_Free                  0.054 
_refine.overall_SU_ML                            0.034 
_refine.pdbx_overall_phase_error                 ? 
_refine.overall_SU_B                             1.898 
_refine.overall_SU_R_Cruickshank_DPI             ? 
_refine.ls_redundancy_reflns_obs                 ? 
_refine.B_iso_min                                ? 
_refine.B_iso_max                                ? 
_refine.overall_SU_R_free                        ? 
_refine.ls_wR_factor_R_free                      ? 
_refine.ls_wR_factor_R_work                      ? 
_refine.overall_FOM_free_R_set                   ? 
_refine.overall_FOM_work_R_set                   ? 
_refine.pdbx_diffrn_id                           1 
_refine.pdbx_refine_id                           'X-RAY DIFFRACTION' 
_refine.pdbx_TLS_residual_ADP_flag               ? 
_refine.pdbx_overall_SU_R_free_Cruickshank_DPI   ? 
_refine.pdbx_overall_SU_R_Blow_DPI               ? 
_refine.pdbx_overall_SU_R_free_Blow_DPI          ? 
# 
_refine_hist.pdbx_refine_id                   'X-RAY DIFFRACTION' 
_refine_hist.cycle_id                         LAST 
_refine_hist.pdbx_number_atoms_protein        606 
_refine_hist.pdbx_number_atoms_nucleic_acid   0 
_refine_hist.pdbx_number_atoms_ligand         24 
_refine_hist.number_atoms_solvent             157 
_refine_hist.number_atoms_total               787 
_refine_hist.d_res_high                       1.39 
_refine_hist.d_res_low                        38.29 
# 
loop_
_refine_ls_restr.type 
_refine_ls_restr.dev_ideal 
_refine_ls_restr.dev_ideal_target 
_refine_ls_restr.weight 
_refine_ls_restr.number 
_refine_ls_restr.pdbx_restraint_function 
_refine_ls_restr.pdbx_refine_id 
r_bond_refined_d             0.010  0.021  ? 686  ? 'X-RAY DIFFRACTION' 
r_bond_other_d               0.003  0.020  ? 520  ? 'X-RAY DIFFRACTION' 
r_angle_refined_deg          1.940  2.403  ? 965  ? 'X-RAY DIFFRACTION' 
r_angle_other_deg            1.002  3.000  ? 1228 ? 'X-RAY DIFFRACTION' 
r_dihedral_angle_1_deg       4.922  5.000  ? 91   ? 'X-RAY DIFFRACTION' 
r_dihedral_angle_2_deg       38.092 20.000 ? 9    ? 'X-RAY DIFFRACTION' 
r_dihedral_angle_3_deg       10.104 15.000 ? 32   ? 'X-RAY DIFFRACTION' 
r_dihedral_angle_4_deg       10.093 15.000 ? 3    ? 'X-RAY DIFFRACTION' 
r_chiral_restr               0.092  0.200  ? 91   ? 'X-RAY DIFFRACTION' 
r_gen_planes_refined         0.008  0.027  ? 723  ? 'X-RAY DIFFRACTION' 
r_gen_planes_other           0.001  0.020  ? 72   ? 'X-RAY DIFFRACTION' 
r_nbd_refined                ?      ?      ? ?    ? 'X-RAY DIFFRACTION' 
r_nbd_other                  ?      ?      ? ?    ? 'X-RAY DIFFRACTION' 
r_nbtor_refined              ?      ?      ? ?    ? 'X-RAY DIFFRACTION' 
r_nbtor_other                ?      ?      ? ?    ? 'X-RAY DIFFRACTION' 
r_xyhbond_nbd_refined        ?      ?      ? ?    ? 'X-RAY DIFFRACTION' 
r_xyhbond_nbd_other          ?      ?      ? ?    ? 'X-RAY DIFFRACTION' 
r_metal_ion_refined          ?      ?      ? ?    ? 'X-RAY DIFFRACTION' 
r_metal_ion_other            ?      ?      ? ?    ? 'X-RAY DIFFRACTION' 
r_symmetry_vdw_refined       ?      ?      ? ?    ? 'X-RAY DIFFRACTION' 
r_symmetry_vdw_other         ?      ?      ? ?    ? 'X-RAY DIFFRACTION' 
r_symmetry_hbond_refined     ?      ?      ? ?    ? 'X-RAY DIFFRACTION' 
r_symmetry_hbond_other       ?      ?      ? ?    ? 'X-RAY DIFFRACTION' 
r_symmetry_metal_ion_refined ?      ?      ? ?    ? 'X-RAY DIFFRACTION' 
r_symmetry_metal_ion_other   ?      ?      ? ?    ? 'X-RAY DIFFRACTION' 
r_mcbond_it                  0.921  1.500  ? 481  ? 'X-RAY DIFFRACTION' 
r_mcbond_other               0.284  1.500  ? 167  ? 'X-RAY DIFFRACTION' 
r_mcangle_it                 1.382  2.000  ? 786  ? 'X-RAY DIFFRACTION' 
r_scbond_it                  2.130  3.000  ? 205  ? 'X-RAY DIFFRACTION' 
r_scangle_it                 3.245  4.500  ? 178  ? 'X-RAY DIFFRACTION' 
r_rigid_bond_restr           0.807  3.000  ? 1204 ? 'X-RAY DIFFRACTION' 
r_sphericity_free            ?      ?      ? ?    ? 'X-RAY DIFFRACTION' 
r_sphericity_bonded          ?      ?      ? ?    ? 'X-RAY DIFFRACTION' 
# 
_refine_ls_shell.pdbx_total_number_of_bins_used   20 
_refine_ls_shell.d_res_high                       1.390 
_refine_ls_shell.d_res_low                        1.426 
_refine_ls_shell.number_reflns_R_work             836 
_refine_ls_shell.R_factor_R_work                  0.150 
_refine_ls_shell.percent_reflns_obs               99.10 
_refine_ls_shell.R_factor_R_free                  0.244 
_refine_ls_shell.R_factor_R_free_error            ? 
_refine_ls_shell.percent_reflns_R_free            ? 
_refine_ls_shell.number_reflns_R_free             48 
_refine_ls_shell.number_reflns_all                ? 
_refine_ls_shell.R_factor_all                     ? 
_refine_ls_shell.number_reflns_obs                ? 
_refine_ls_shell.redundancy_reflns_obs            ? 
_refine_ls_shell.pdbx_refine_id                   'X-RAY DIFFRACTION' 
# 
_struct.entry_id                  4DMT 
_struct.title                     'Crystal structure of a VWF binding collagen III derived triple helical peptide' 
_struct.pdbx_model_details        ? 
_struct.pdbx_CASP_flag            ? 
_struct.pdbx_model_type_details   ? 
# 
_struct_keywords.entry_id        4DMT 
_struct_keywords.pdbx_keywords   'STRUCTURAL PROTEIN' 
_struct_keywords.text            'collagen triple helix, Von willebrand factor, STRUCTURAL PROTEIN' 
# 
loop_
_struct_asym.id 
_struct_asym.pdbx_blank_PDB_chainid_flag 
_struct_asym.pdbx_modified 
_struct_asym.entity_id 
_struct_asym.details 
A N N 1 ? 
B N N 1 ? 
C N N 1 ? 
D N N 2 ? 
E N N 2 ? 
F N N 2 ? 
G N N 2 ? 
H N N 3 ? 
I N N 3 ? 
J N N 3 ? 
# 
_struct_biol.id        1 
_struct_biol.details   ? 
# 
loop_
_struct_conn.id 
_struct_conn.conn_type_id 
_struct_conn.pdbx_leaving_atom_flag 
_struct_conn.pdbx_PDB_id 
_struct_conn.ptnr1_label_asym_id 
_struct_conn.ptnr1_label_comp_id 
_struct_conn.ptnr1_label_seq_id 
_struct_conn.ptnr1_label_atom_id 
_struct_conn.pdbx_ptnr1_label_alt_id 
_struct_conn.pdbx_ptnr1_PDB_ins_code 
_struct_conn.pdbx_ptnr1_standard_comp_id 
_struct_conn.ptnr1_symmetry 
_struct_conn.ptnr2_label_asym_id 
_struct_conn.ptnr2_label_comp_id 
_struct_conn.ptnr2_label_seq_id 
_struct_conn.ptnr2_label_atom_id 
_struct_conn.pdbx_ptnr2_label_alt_id 
_struct_conn.pdbx_ptnr2_PDB_ins_code 
_struct_conn.ptnr1_auth_asym_id 
_struct_conn.ptnr1_auth_comp_id 
_struct_conn.ptnr1_auth_seq_id 
_struct_conn.ptnr2_auth_asym_id 
_struct_conn.ptnr2_auth_comp_id 
_struct_conn.ptnr2_auth_seq_id 
_struct_conn.ptnr2_symmetry 
_struct_conn.pdbx_ptnr3_label_atom_id 
_struct_conn.pdbx_ptnr3_label_seq_id 
_struct_conn.pdbx_ptnr3_label_comp_id 
_struct_conn.pdbx_ptnr3_label_asym_id 
_struct_conn.pdbx_ptnr3_label_alt_id 
_struct_conn.pdbx_ptnr3_PDB_ins_code 
_struct_conn.details 
_struct_conn.pdbx_dist_value 
_struct_conn.pdbx_value_order 
_struct_conn.pdbx_role 
covale1  covale both ? A PRO 3  C   ? ? ? 1_555 A HYP 4  N   ? ? A PRO 2  A HYP 3  1_555 ? ? ? ? ? ? ? 1.346 ? ? 
covale2  covale both ? A HYP 4  C   ? ? ? 1_555 A GLY 5  N   ? ? A HYP 3  A GLY 4  1_555 ? ? ? ? ? ? ? 1.319 ? ? 
covale3  covale both ? A PRO 6  C   ? ? ? 1_555 A HYP 7  N   ? ? A PRO 5  A HYP 6  1_555 ? ? ? ? ? ? ? 1.325 ? ? 
covale4  covale both ? A HYP 7  C   ? ? ? 1_555 A GLY 8  N   ? ? A HYP 6  A GLY 7  1_555 ? ? ? ? ? ? ? 1.323 ? ? 
covale5  covale both ? A PRO 9  C   ? ? ? 1_555 A HYP 10 N   ? ? A PRO 8  A HYP 9  1_555 ? ? ? ? ? ? ? 1.335 ? ? 
covale6  covale both ? A HYP 10 C   ? ? ? 1_555 A GLY 11 N   ? ? A HYP 9  A GLY 10 1_555 ? ? ? ? ? ? ? 1.325 ? ? 
covale7  covale both ? A GLN 15 C   ? ? ? 1_555 A HYP 16 N   ? ? A GLN 14 A HYP 15 1_555 ? ? ? ? ? ? ? 1.329 ? ? 
covale8  covale both ? A HYP 16 C   ? ? ? 1_555 A GLY 17 N   ? ? A HYP 15 A GLY 16 1_555 ? ? ? ? ? ? ? 1.322 ? ? 
covale9  covale both ? A PHE 21 C   ? ? ? 1_555 A HYP 22 N   ? ? A PHE 20 A HYP 21 1_555 ? ? ? ? ? ? ? 1.328 ? ? 
covale10 covale both ? A HYP 22 C   ? ? ? 1_555 A GLY 23 N   ? ? A HYP 21 A GLY 22 1_555 ? ? ? ? ? ? ? 1.327 ? ? 
covale11 covale both ? A PRO 24 C   ? ? ? 1_555 A HYP 25 N   ? ? A PRO 23 A HYP 24 1_555 ? ? ? ? ? ? ? 1.345 ? ? 
covale12 covale both ? A HYP 25 C   ? ? ? 1_555 A GLY 26 N   ? ? A HYP 24 A GLY 25 1_555 ? ? ? ? ? ? ? 1.322 ? ? 
covale13 covale both ? A PRO 27 C   ? ? ? 1_555 A HYP 28 N   ? ? A PRO 26 A HYP 27 1_555 ? ? ? ? ? ? ? 1.335 ? ? 
covale14 covale both ? A HYP 28 C   ? ? ? 1_555 A GLY 29 N   ? ? A HYP 27 A GLY 28 1_555 ? ? ? ? ? ? ? 1.322 ? ? 
covale15 covale both ? A PRO 30 C   ? ? ? 1_555 A HYP 31 N   ? ? A PRO 29 A HYP 30 1_555 ? ? ? ? ? ? ? 1.336 ? ? 
covale16 covale both ? A HYP 31 C   ? ? ? 1_555 A NH2 32 N   ? ? A HYP 30 A NH2 31 1_555 ? ? ? ? ? ? ? 1.282 ? ? 
covale17 covale both ? B ACE 1  C   ? ? ? 1_555 B GLY 2  N   ? ? B ACE 0  B GLY 1  1_555 ? ? ? ? ? ? ? 1.345 ? ? 
covale18 covale one  ? B ACE 1  C   ? ? ? 1_555 C ACE 1  CH3 ? ? B ACE 0  C ACE 0  1_555 ? ? ? ? ? ? ? 1.505 ? ? 
covale19 covale none ? B ACE 1  CH3 ? ? ? 1_555 C ACE 1  CH3 ? ? B ACE 0  C ACE 0  1_555 ? ? ? ? ? ? ? 1.531 ? ? 
covale20 covale both ? B PRO 3  C   ? ? ? 1_555 B HYP 4  N   ? ? B PRO 2  B HYP 3  1_555 ? ? ? ? ? ? ? 1.331 ? ? 
covale21 covale both ? B HYP 4  C   ? ? ? 1_555 B GLY 5  N   ? ? B HYP 3  B GLY 4  1_555 ? ? ? ? ? ? ? 1.321 ? ? 
covale22 covale both ? B PRO 6  C   ? ? ? 1_555 B HYP 7  N   ? ? B PRO 5  B HYP 6  1_555 ? ? ? ? ? ? ? 1.336 ? ? 
covale23 covale both ? B HYP 7  C   ? ? ? 1_555 B GLY 8  N   ? ? B HYP 6  B GLY 7  1_555 ? ? ? ? ? ? ? 1.322 ? ? 
covale24 covale both ? B PRO 9  C   ? ? ? 1_555 B HYP 10 N   ? ? B PRO 8  B HYP 9  1_555 ? ? ? ? ? ? ? 1.338 ? ? 
covale25 covale both ? B HYP 10 C   ? ? ? 1_555 B GLY 11 N   ? ? B HYP 9  B GLY 10 1_555 ? ? ? ? ? ? ? 1.327 ? ? 
covale26 covale both ? B GLN 15 C   ? ? ? 1_555 B HYP 16 N   ? ? B GLN 14 B HYP 15 1_555 ? ? ? ? ? ? ? 1.333 ? ? 
covale27 covale both ? B HYP 16 C   ? ? ? 1_555 B GLY 17 N   ? ? B HYP 15 B GLY 16 1_555 ? ? ? ? ? ? ? 1.325 ? ? 
covale28 covale both ? B PHE 21 C   ? ? ? 1_555 B HYP 22 N   ? ? B PHE 20 B HYP 21 1_555 ? ? ? ? ? ? ? 1.342 ? ? 
covale29 covale both ? B HYP 22 C   ? ? ? 1_555 B GLY 23 N   ? ? B HYP 21 B GLY 22 1_555 ? ? ? ? ? ? ? 1.320 ? ? 
covale30 covale both ? B PRO 24 C   ? ? ? 1_555 B HYP 25 N   ? ? B PRO 23 B HYP 24 1_555 ? ? ? ? ? ? ? 1.333 ? ? 
covale31 covale both ? B HYP 25 C   ? ? ? 1_555 B GLY 26 N   ? ? B HYP 24 B GLY 25 1_555 ? ? ? ? ? ? ? 1.329 ? ? 
covale32 covale both ? B PRO 27 C   ? ? ? 1_555 B HYP 28 N   ? ? B PRO 26 B HYP 27 1_555 ? ? ? ? ? ? ? 1.333 ? ? 
covale33 covale both ? B HYP 28 C   ? ? ? 1_555 B GLY 29 N   ? ? B HYP 27 B GLY 28 1_555 ? ? ? ? ? ? ? 1.323 ? ? 
covale34 covale both ? B PRO 30 C   ? ? ? 1_555 B HYP 31 N   ? ? B PRO 29 B HYP 30 1_555 ? ? ? ? ? ? ? 1.355 ? ? 
covale35 covale both ? B HYP 31 C   ? ? ? 1_555 B NH2 32 N   ? ? B HYP 30 B NH2 31 1_555 ? ? ? ? ? ? ? 1.271 ? ? 
covale36 covale both ? C ACE 1  C   ? ? ? 1_555 C GLY 2  N   ? ? C ACE 0  C GLY 1  1_555 ? ? ? ? ? ? ? 1.334 ? ? 
covale37 covale both ? C PRO 3  C   ? ? ? 1_555 C HYP 4  N   ? ? C PRO 2  C HYP 3  1_555 ? ? ? ? ? ? ? 1.333 ? ? 
covale38 covale both ? C HYP 4  C   ? ? ? 1_555 C GLY 5  N   ? ? C HYP 3  C GLY 4  1_555 ? ? ? ? ? ? ? 1.323 ? ? 
covale39 covale both ? C PRO 6  C   ? ? ? 1_555 C HYP 7  N   ? ? C PRO 5  C HYP 6  1_555 ? ? ? ? ? ? ? 1.331 ? ? 
covale40 covale both ? C HYP 7  C   ? ? ? 1_555 C GLY 8  N   ? ? C HYP 6  C GLY 7  1_555 ? ? ? ? ? ? ? 1.325 ? ? 
covale41 covale both ? C PRO 9  C   ? ? ? 1_555 C HYP 10 N   ? ? C PRO 8  C HYP 9  1_555 ? ? ? ? ? ? ? 1.341 ? ? 
covale42 covale both ? C HYP 10 C   ? ? ? 1_555 C GLY 11 N   ? ? C HYP 9  C GLY 10 1_555 ? ? ? ? ? ? ? 1.328 ? ? 
covale43 covale both ? C GLN 15 C   ? ? ? 1_555 C HYP 16 N   ? ? C GLN 14 C HYP 15 1_555 ? ? ? ? ? ? ? 1.341 ? ? 
covale44 covale both ? C HYP 16 C   ? ? ? 1_555 C GLY 17 N   ? ? C HYP 15 C GLY 16 1_555 ? ? ? ? ? ? ? 1.324 ? ? 
covale45 covale both ? C PHE 21 C   ? ? ? 1_555 C HYP 22 N   ? ? C PHE 20 C HYP 21 1_555 ? ? ? ? ? ? ? 1.337 ? ? 
covale46 covale both ? C HYP 22 C   ? ? ? 1_555 C GLY 23 N   ? ? C HYP 21 C GLY 22 1_555 ? ? ? ? ? ? ? 1.329 ? ? 
covale47 covale both ? C PRO 24 C   ? ? ? 1_555 C HYP 25 N   ? ? C PRO 23 C HYP 24 1_555 ? ? ? ? ? ? ? 1.339 ? ? 
covale48 covale both ? C HYP 25 C   ? ? ? 1_555 C GLY 26 N   ? ? C HYP 24 C GLY 25 1_555 ? ? ? ? ? ? ? 1.320 ? ? 
covale49 covale both ? C PRO 27 C   ? ? ? 1_555 C HYP 28 N   ? ? C PRO 26 C HYP 27 1_555 ? ? ? ? ? ? ? 1.326 ? ? 
covale50 covale both ? C HYP 28 C   ? ? ? 1_555 C GLY 29 N   ? ? C HYP 27 C GLY 28 1_555 ? ? ? ? ? ? ? 1.324 ? ? 
covale51 covale both ? C PRO 30 C   ? ? ? 1_555 C HYP 31 N   ? ? C PRO 29 C HYP 30 1_555 ? ? ? ? ? ? ? 1.330 ? ? 
covale52 covale both ? C HYP 31 C   ? ? ? 1_555 C NH2 32 N   ? ? C HYP 30 C NH2 31 1_555 ? ? ? ? ? ? ? 1.259 ? ? 
# 
_struct_conn_type.id          covale 
_struct_conn_type.criteria    ? 
_struct_conn_type.reference   ? 
# 
loop_
_struct_site.id 
_struct_site.pdbx_evidence_code 
_struct_site.pdbx_auth_asym_id 
_struct_site.pdbx_auth_comp_id 
_struct_site.pdbx_auth_seq_id 
_struct_site.pdbx_auth_ins_code 
_struct_site.pdbx_num_residues 
_struct_site.details 
AC1 Software A GOL 101 ? 6  'BINDING SITE FOR RESIDUE GOL A 101' 
AC2 Software B GOL 101 ? 11 'BINDING SITE FOR RESIDUE GOL B 101' 
AC3 Software C GOL 101 ? 6  'BINDING SITE FOR RESIDUE GOL C 101' 
AC4 Software C GOL 102 ? 10 'BINDING SITE FOR RESIDUE GOL C 102' 
# 
loop_
_struct_site_gen.id 
_struct_site_gen.site_id 
_struct_site_gen.pdbx_num_res 
_struct_site_gen.label_comp_id 
_struct_site_gen.label_asym_id 
_struct_site_gen.label_seq_id 
_struct_site_gen.pdbx_auth_ins_code 
_struct_site_gen.auth_comp_id 
_struct_site_gen.auth_asym_id 
_struct_site_gen.auth_seq_id 
_struct_site_gen.label_atom_id 
_struct_site_gen.label_alt_id 
_struct_site_gen.symmetry 
_struct_site_gen.details 
1  AC1 6  HYP A 28 ? HYP A 27  . ? 1_555 ? 
2  AC1 6  GLY A 29 ? GLY A 28  . ? 1_555 ? 
3  AC1 6  HYP A 31 ? HYP A 30  . ? 1_555 ? 
4  AC1 6  HOH H .  ? HOH A 203 . ? 1_555 ? 
5  AC1 6  HOH H .  ? HOH A 206 . ? 1_555 ? 
6  AC1 6  PRO B 30 ? PRO B 29  . ? 1_555 ? 
7  AC2 11 HOH H .  ? HOH A 206 . ? 1_555 ? 
8  AC2 11 VAL B 18 ? VAL B 17  . ? 1_655 ? 
9  AC2 11 MET B 19 ? MET B 18  . ? 1_655 ? 
10 AC2 11 PRO B 27 ? PRO B 26  . ? 1_555 ? 
11 AC2 11 HYP B 28 ? HYP B 27  . ? 1_555 ? 
12 AC2 11 GLY B 29 ? GLY B 28  . ? 1_555 ? 
13 AC2 11 PRO B 30 ? PRO B 29  . ? 1_555 ? 
14 AC2 11 HOH I .  ? HOH B 206 . ? 1_655 ? 
15 AC2 11 HOH I .  ? HOH B 244 . ? 1_555 ? 
16 AC2 11 HOH I .  ? HOH B 251 . ? 1_655 ? 
17 AC2 11 VAL C 18 ? VAL C 17  . ? 1_655 ? 
18 AC3 6  VAL C 18 ? VAL C 17  . ? 1_555 ? 
19 AC3 6  MET C 19 ? MET C 18  . ? 1_555 ? 
20 AC3 6  GLY C 20 ? GLY C 19  . ? 1_555 ? 
21 AC3 6  PHE C 21 ? PHE C 20  . ? 1_555 ? 
22 AC3 6  HYP C 22 ? HYP C 21  . ? 1_555 ? 
23 AC3 6  HOH J .  ? HOH C 217 . ? 1_555 ? 
24 AC4 10 PRO A 30 ? PRO A 29  . ? 1_555 ? 
25 AC4 10 GLY B 5  ? GLY B 4   . ? 1_756 ? 
26 AC4 10 PRO B 6  ? PRO B 5   . ? 1_756 ? 
27 AC4 10 HYP B 7  ? HYP B 6   . ? 1_756 ? 
28 AC4 10 PRO C 6  ? PRO C 5   . ? 1_756 ? 
29 AC4 10 GLY C 26 ? GLY C 25  . ? 1_555 ? 
30 AC4 10 PRO C 27 ? PRO C 26  . ? 1_555 ? 
31 AC4 10 HYP C 28 ? HYP C 27  . ? 1_555 ? 
32 AC4 10 HOH J .  ? HOH C 212 . ? 1_555 ? 
33 AC4 10 HOH J .  ? HOH C 263 . ? 1_555 ? 
# 
_atom_sites.entry_id                    4DMT 
_atom_sites.fract_transf_matrix[1][1]   0.00986368 
_atom_sites.fract_transf_matrix[1][2]   -0.01203500 
_atom_sites.fract_transf_matrix[1][3]   -0.02884198 
_atom_sites.fract_transf_matrix[2][1]   -0.00543738 
_atom_sites.fract_transf_matrix[2][2]   -0.03806875 
_atom_sites.fract_transf_matrix[2][3]   0.01402555 
_atom_sites.fract_transf_matrix[3][1]   -0.02223452 
_atom_sites.fract_transf_matrix[3][2]   -0.00182435 
_atom_sites.fract_transf_matrix[3][3]   -0.01357154 
_atom_sites.fract_transf_vector[1]      0.341895 
_atom_sites.fract_transf_vector[2]      0.091946 
_atom_sites.fract_transf_vector[3]      0.168124 
# 
loop_
_atom_type.symbol 
C 
N 
O 
S 
# 
loop_
_atom_site.group_PDB 
_atom_site.id 
_atom_site.type_symbol 
_atom_site.label_atom_id 
_atom_site.label_alt_id 
_atom_site.label_comp_id 
_atom_site.label_asym_id 
_atom_site.label_entity_id 
_atom_site.label_seq_id 
_atom_site.pdbx_PDB_ins_code 
_atom_site.Cartn_x 
_atom_site.Cartn_y 
_atom_site.Cartn_z 
_atom_site.occupancy 
_atom_site.B_iso_or_equiv 
_atom_site.pdbx_formal_charge 
_atom_site.auth_seq_id 
_atom_site.auth_comp_id 
_atom_site.auth_asym_id 
_atom_site.auth_atom_id 
_atom_site.pdbx_PDB_model_num 
ATOM   1   N N   . GLY A 1 2  ? -1.485  13.257  42.674  1.00 19.26 ? 1   GLY A N   1 
ATOM   2   C CA  . GLY A 1 2  ? -2.906  12.958  42.301  1.00 18.25 ? 1   GLY A CA  1 
ATOM   3   C C   . GLY A 1 2  ? -3.034  11.732  41.401  1.00 16.88 ? 1   GLY A C   1 
ATOM   4   O O   . GLY A 1 2  ? -2.023  11.119  41.028  1.00 17.42 ? 1   GLY A O   1 
ATOM   5   N N   . PRO A 1 3  ? -4.273  11.355  41.060  1.00 14.79 ? 2   PRO A N   1 
ATOM   6   C CA  . PRO A 1 3  ? -4.541  10.130  40.287  1.00 13.10 ? 2   PRO A CA  1 
ATOM   7   C C   . PRO A 1 3  ? -4.429  10.356  38.768  1.00 10.85 ? 2   PRO A C   1 
ATOM   8   O O   . PRO A 1 3  ? -5.213  11.111  38.212  1.00 9.50  ? 2   PRO A O   1 
ATOM   9   C CB  . PRO A 1 3  ? -5.981  9.784   40.690  1.00 13.53 ? 2   PRO A CB  1 
ATOM   10  C CG  . PRO A 1 3  ? -6.581  11.013  41.134  1.00 15.15 ? 2   PRO A CG  1 
ATOM   11  C CD  . PRO A 1 3  ? -5.516  12.014  41.480  1.00 15.74 ? 2   PRO A CD  1 
HETATM 12  N N   . HYP A 1 4  ? -3.434  9.745   38.099  1.00 9.56  ? 3   HYP A N   1 
HETATM 13  C CA  . HYP A 1 4  ? -3.323  9.947   36.653  1.00 8.61  ? 3   HYP A CA  1 
HETATM 14  C C   . HYP A 1 4  ? -4.562  9.454   35.925  1.00 7.67  ? 3   HYP A C   1 
HETATM 15  O O   . HYP A 1 4  ? -5.232  8.521   36.367  1.00 7.88  ? 3   HYP A O   1 
HETATM 16  C CB  . HYP A 1 4  ? -2.101  9.144   36.232  1.00 9.03  ? 3   HYP A CB  1 
HETATM 17  C CG  . HYP A 1 4  ? -1.291  9.029   37.501  1.00 9.12  ? 3   HYP A CG  1 
HETATM 18  C CD  . HYP A 1 4  ? -2.353  8.856   38.575  1.00 9.50  ? 3   HYP A CD  1 
HETATM 19  O OD1 . HYP A 1 4  ? -0.622  10.260  37.706  1.00 11.47 ? 3   HYP A OD1 1 
ATOM   20  N N   . GLY A 1 5  ? -4.856  10.094  34.809  1.00 6.57  ? 4   GLY A N   1 
ATOM   21  C CA  . GLY A 1 5  ? -5.998  9.714   34.014  1.00 6.01  ? 4   GLY A CA  1 
ATOM   22  C C   . GLY A 1 5  ? -5.831  8.463   33.181  1.00 5.60  ? 4   GLY A C   1 
ATOM   23  O O   . GLY A 1 5  ? -4.789  7.797   33.208  1.00 5.90  ? 4   GLY A O   1 
ATOM   24  N N   . PRO A 1 6  ? -6.888  8.125   32.436  1.00 5.70  ? 5   PRO A N   1 
ATOM   25  C CA  . PRO A 1 6  ? -6.839  6.969   31.560  1.00 6.29  ? 5   PRO A CA  1 
ATOM   26  C C   . PRO A 1 6  ? -5.824  7.148   30.422  1.00 5.45  ? 5   PRO A C   1 
ATOM   27  O O   . PRO A 1 6  ? -5.541  8.270   30.001  1.00 5.39  ? 5   PRO A O   1 
ATOM   28  C CB  . PRO A 1 6  ? -8.264  6.909   30.987  1.00 7.01  ? 5   PRO A CB  1 
ATOM   29  C CG  . PRO A 1 6  ? -9.107  7.728   31.900  1.00 7.48  ? 5   PRO A CG  1 
ATOM   30  C CD  . PRO A 1 6  ? -8.203  8.792   32.422  1.00 6.30  ? 5   PRO A CD  1 
HETATM 31  N N   . HYP A 1 7  ? -5.307  6.049   29.894  1.00 4.76  ? 6   HYP A N   1 
HETATM 32  C CA  . HYP A 1 7  ? -4.429  6.134   28.732  1.00 4.58  ? 6   HYP A CA  1 
HETATM 33  C C   . HYP A 1 7  ? -5.138  6.772   27.540  1.00 4.74  ? 6   HYP A C   1 
HETATM 34  O O   . HYP A 1 7  ? -6.356  6.629   27.364  1.00 5.88  ? 6   HYP A O   1 
HETATM 35  C CB  . HYP A 1 7  ? -4.106  4.678   28.425  1.00 4.46  ? 6   HYP A CB  1 
HETATM 36  C CG  . HYP A 1 7  ? -4.331  3.936   29.725  1.00 6.00  ? 6   HYP A CG  1 
HETATM 37  C CD  . HYP A 1 7  ? -5.538  4.646   30.324  1.00 5.14  ? 6   HYP A CD  1 
HETATM 38  O OD1 . HYP A 1 7  ? -3.221  4.117   30.603  1.00 8.36  ? 6   HYP A OD1 1 
ATOM   39  N N   . GLY A 1 8  ? -4.360  7.452   26.714  1.00 4.44  ? 7   GLY A N   1 
ATOM   40  C CA  . GLY A 1 8  ? -4.889  8.053   25.508  1.00 4.73  ? 7   GLY A CA  1 
ATOM   41  C C   . GLY A 1 8  ? -5.230  7.001   24.466  1.00 5.40  ? 7   GLY A C   1 
ATOM   42  O O   . GLY A 1 8  ? -4.909  5.829   24.615  1.00 5.51  ? 7   GLY A O   1 
ATOM   43  N N   . PRO A 1 9  ? -5.861  7.434   23.385  1.00 5.76  ? 8   PRO A N   1 
ATOM   44  C CA  . PRO A 1 9  ? -6.201  6.570   22.271  1.00 6.48  ? 8   PRO A CA  1 
ATOM   45  C C   . PRO A 1 9  ? -5.016  6.372   21.335  1.00 6.86  ? 8   PRO A C   1 
ATOM   46  O O   . PRO A 1 9  ? -4.029  7.114   21.403  1.00 6.51  ? 8   PRO A O   1 
ATOM   47  C CB  . PRO A 1 9  ? -7.314  7.347   21.581  1.00 6.50  ? 8   PRO A CB  1 
ATOM   48  C CG  . PRO A 1 9  ? -6.935  8.744   21.796  1.00 6.16  ? 8   PRO A CG  1 
ATOM   49  C CD  . PRO A 1 9  ? -6.328  8.804   23.162  1.00 5.95  ? 8   PRO A CD  1 
HETATM 50  N N   . HYP A 1 10 ? -5.103  5.374   20.452  1.00 7.49  ? 9   HYP A N   1 
HETATM 51  C CA  . HYP A 1 10 ? -4.054  5.184   19.452  1.00 7.68  ? 9   HYP A CA  1 
HETATM 52  C C   . HYP A 1 10 ? -3.885  6.419   18.588  1.00 7.20  ? 9   HYP A C   1 
HETATM 53  O O   . HYP A 1 10 ? -4.831  7.195   18.405  1.00 7.80  ? 9   HYP A O   1 
HETATM 54  C CB  . HYP A 1 10 ? -4.557  4.016   18.617  1.00 8.00  ? 9   HYP A CB  1 
HETATM 55  C CG  . HYP A 1 10 ? -5.434  3.220   19.557  1.00 8.79  ? 9   HYP A CG  1 
HETATM 56  C CD  . HYP A 1 10 ? -6.128  4.312   20.349  1.00 8.28  ? 9   HYP A CD  1 
HETATM 57  O OD1 . HYP A 1 10 ? -4.609  2.467   20.417  1.00 10.80 ? 9   HYP A OD1 1 
ATOM   58  N N   . GLY A 1 11 ? -2.680  6.619   18.071  1.00 6.63  ? 10  GLY A N   1 
ATOM   59  C CA  . GLY A 1 11 ? -2.416  7.760   17.240  1.00 6.51  ? 10  GLY A CA  1 
ATOM   60  C C   . GLY A 1 11 ? -3.047  7.699   15.865  1.00 5.80  ? 10  GLY A C   1 
ATOM   61  O O   . GLY A 1 11 ? -3.722  6.727   15.495  1.00 5.97  ? 10  GLY A O   1 
ATOM   62  N N   . PRO A 1 12 ? -2.823  8.754   15.083  1.00 5.81  ? 11  PRO A N   1 
ATOM   63  C CA  . PRO A 1 12 ? -3.307  8.778   13.711  1.00 6.23  ? 11  PRO A CA  1 
ATOM   64  C C   . PRO A 1 12 ? -2.846  7.580   12.882  1.00 6.28  ? 11  PRO A C   1 
ATOM   65  O O   . PRO A 1 12 ? -1.729  7.096   13.033  1.00 5.64  ? 11  PRO A O   1 
ATOM   66  C CB  . PRO A 1 12 ? -2.688  10.061  13.155  1.00 6.47  ? 11  PRO A CB  1 
ATOM   67  C CG  . PRO A 1 12 ? -2.401  10.915  14.337  1.00 7.07  ? 11  PRO A CG  1 
ATOM   68  C CD  . PRO A 1 12 ? -2.002  9.938   15.393  1.00 5.76  ? 11  PRO A CD  1 
ATOM   69  N N   . ARG A 1 13 ? -3.715  7.119   11.996  1.00 6.28  ? 12  ARG A N   1 
ATOM   70  C CA  . ARG A 1 13 ? -3.367  6.067   11.064  1.00 7.17  ? 12  ARG A CA  1 
ATOM   71  C C   . ARG A 1 13 ? -2.206  6.525   10.207  1.00 7.19  ? 12  ARG A C   1 
ATOM   72  O O   . ARG A 1 13 ? -2.115  7.692   9.847   1.00 7.03  ? 12  ARG A O   1 
ATOM   73  C CB  . ARG A 1 13 ? -4.577  5.765   10.182  1.00 8.46  ? 12  ARG A CB  1 
ATOM   74  C CG  . ARG A 1 13 ? -4.441  4.579   9.257   1.00 11.23 ? 12  ARG A CG  1 
ATOM   75  C CD  . ARG A 1 13 ? -5.772  4.361   8.513   1.00 15.53 ? 12  ARG A CD  1 
ATOM   76  N NE  . ARG A 1 13 ? -6.921  4.360   9.419   1.00 18.67 ? 12  ARG A NE  1 
ATOM   77  C CZ  . ARG A 1 13 ? -7.291  3.317   10.164  1.00 20.46 ? 12  ARG A CZ  1 
ATOM   78  N NH1 . ARG A 1 13 ? -6.618  2.164   10.107  1.00 19.50 ? 12  ARG A NH1 1 
ATOM   79  N NH2 . ARG A 1 13 ? -8.340  3.427   10.972  1.00 23.04 ? 12  ARG A NH2 1 
ATOM   80  N N   . GLY A 1 14 ? -1.314  5.603   9.875   1.00 6.97  ? 13  GLY A N   1 
ATOM   81  C CA  . GLY A 1 14 ? -0.233  5.910   8.965   1.00 6.89  ? 13  GLY A CA  1 
ATOM   82  C C   . GLY A 1 14 ? -0.720  6.256   7.571   1.00 6.17  ? 13  GLY A C   1 
ATOM   83  O O   . GLY A 1 14 ? -1.882  6.041   7.215   1.00 5.78  ? 13  GLY A O   1 
ATOM   84  N N   . GLN A 1 15 ? 0.194   6.797   6.785   1.00 6.01  ? 14  GLN A N   1 
ATOM   85  C CA  . GLN A 1 15 ? -0.109  7.153   5.417   1.00 6.12  ? 14  GLN A CA  1 
ATOM   86  C C   . GLN A 1 15 ? -0.154  5.923   4.521   1.00 5.60  ? 14  GLN A C   1 
ATOM   87  O O   . GLN A 1 15 ? 0.395   4.885   4.851   1.00 5.10  ? 14  GLN A O   1 
ATOM   88  C CB  . GLN A 1 15 ? 0.903   8.196   4.914   1.00 6.97  ? 14  GLN A CB  1 
ATOM   89  C CG  . GLN A 1 15 ? 0.780   9.542   5.651   1.00 8.19  ? 14  GLN A CG  1 
ATOM   90  C CD  . GLN A 1 15 ? -0.579  10.176  5.451   1.00 10.59 ? 14  GLN A CD  1 
ATOM   91  O OE1 . GLN A 1 15 ? -1.001  10.451  4.317   1.00 14.48 ? 14  GLN A OE1 1 
ATOM   92  N NE2 . GLN A 1 15 ? -1.271  10.419  6.545   1.00 13.98 ? 14  GLN A NE2 1 
HETATM 93  N N   . HYP A 1 16 ? -0.830  6.039   3.382   1.00 5.63  ? 15  HYP A N   1 
HETATM 94  C CA  . HYP A 1 16 ? -0.981  4.881   2.504   1.00 5.34  ? 15  HYP A CA  1 
HETATM 95  C C   . HYP A 1 16 ? 0.337   4.428   1.896   1.00 4.26  ? 15  HYP A C   1 
HETATM 96  O O   . HYP A 1 16 ? 1.249   5.223   1.703   1.00 4.89  ? 15  HYP A O   1 
HETATM 97  C CB  . HYP A 1 16 ? -1.858  5.416   1.377   1.00 6.27  ? 15  HYP A CB  1 
HETATM 98  C CG  . HYP A 1 16 ? -2.580  6.602   1.960   1.00 7.94  ? 15  HYP A CG  1 
HETATM 99  C CD  . HYP A 1 16 ? -1.563  7.211   2.885   1.00 6.91  ? 15  HYP A CD  1 
HETATM 100 O OD1 . HYP A 1 16 ? -3.645  6.128   2.739   1.00 9.21  ? 15  HYP A OD1 1 
ATOM   101 N N   . GLY A 1 17 ? 0.414   3.142   1.599   1.00 4.33  ? 16  GLY A N   1 
ATOM   102 C CA  . GLY A 1 17 ? 1.550   2.595   0.918   1.00 4.56  ? 16  GLY A CA  1 
ATOM   103 C C   . GLY A 1 17 ? 1.632   3.046   -0.522  1.00 3.99  ? 16  GLY A C   1 
ATOM   104 O O   . GLY A 1 17 ? 0.662   3.576   -1.093  1.00 4.17  ? 16  GLY A O   1 
ATOM   105 N N   A VAL A 1 18 ? 2.802   2.797   -1.099  0.70 3.87  ? 17  VAL A N   1 
ATOM   106 N N   B VAL A 1 18 ? 2.808   2.855   -1.107  0.30 3.89  ? 17  VAL A N   1 
ATOM   107 C CA  A VAL A 1 18 ? 3.089   3.081   -2.504  0.70 4.10  ? 17  VAL A CA  1 
ATOM   108 C CA  B VAL A 1 18 ? 3.049   3.204   -2.497  0.30 3.86  ? 17  VAL A CA  1 
ATOM   109 C C   A VAL A 1 18 ? 2.219   2.219   -3.411  0.70 4.11  ? 17  VAL A C   1 
ATOM   110 C C   B VAL A 1 18 ? 2.282   2.251   -3.417  0.30 4.00  ? 17  VAL A C   1 
ATOM   111 O O   A VAL A 1 18 ? 1.990   1.049   -3.133  0.70 4.97  ? 17  VAL A O   1 
ATOM   112 O O   B VAL A 1 18 ? 2.171   1.059   -3.141  0.30 4.32  ? 17  VAL A O   1 
ATOM   113 C CB  A VAL A 1 18 ? 4.557   2.765   -2.848  0.70 5.17  ? 17  VAL A CB  1 
ATOM   114 C CB  B VAL A 1 18 ? 4.549   3.132   -2.828  0.30 4.12  ? 17  VAL A CB  1 
ATOM   115 C CG1 A VAL A 1 18 ? 4.882   3.244   -4.271  0.70 5.17  ? 17  VAL A CG1 1 
ATOM   116 C CG1 B VAL A 1 18 ? 5.338   4.138   -2.022  0.30 4.85  ? 17  VAL A CG1 1 
ATOM   117 C CG2 A VAL A 1 18 ? 5.504   3.376   -1.842  0.70 6.46  ? 17  VAL A CG2 1 
ATOM   118 C CG2 B VAL A 1 18 ? 5.060   1.749   -2.547  0.30 3.48  ? 17  VAL A CG2 1 
ATOM   119 N N   . MET A 1 19 ? 1.756   2.798   -4.507  1.00 4.01  ? 18  MET A N   1 
ATOM   120 C CA  . MET A 1 19 ? 1.067   2.042   -5.519  1.00 4.38  ? 18  MET A CA  1 
ATOM   121 C C   . MET A 1 19 ? 1.923   0.872   -5.992  1.00 4.69  ? 18  MET A C   1 
ATOM   122 O O   . MET A 1 19 ? 3.130   0.969   -6.141  1.00 5.21  ? 18  MET A O   1 
ATOM   123 C CB  . MET A 1 19 ? 0.744   2.961   -6.702  1.00 4.01  ? 18  MET A CB  1 
ATOM   124 C CG  . MET A 1 19 ? 0.023   2.279   -7.846  1.00 4.02  ? 18  MET A CG  1 
ATOM   125 S SD  . MET A 1 19 ? -0.767  3.478   -8.923  1.00 5.84  ? 18  MET A SD  1 
ATOM   126 C CE  . MET A 1 19 ? -1.046  2.504   -10.396 1.00 7.10  ? 18  MET A CE  1 
ATOM   127 N N   . GLY A 1 20 ? 1.257   -0.250  -6.250  1.00 5.01  ? 19  GLY A N   1 
ATOM   128 C CA  . GLY A 1 20 ? 1.935   -1.435  -6.730  1.00 5.71  ? 19  GLY A CA  1 
ATOM   129 C C   . GLY A 1 20 ? 2.747   -1.193  -7.991  1.00 5.34  ? 19  GLY A C   1 
ATOM   130 O O   . GLY A 1 20 ? 2.428   -0.309  -8.805  1.00 5.62  ? 19  GLY A O   1 
ATOM   131 N N   . PHE A 1 21 ? 3.801   -1.979  -8.150  1.00 5.72  ? 20  PHE A N   1 
ATOM   132 C CA  . PHE A 1 21 ? 4.601   -1.936  -9.346  1.00 6.19  ? 20  PHE A CA  1 
ATOM   133 C C   . PHE A 1 21 ? 3.747   -2.284  -10.567 1.00 5.51  ? 20  PHE A C   1 
ATOM   134 O O   . PHE A 1 21 ? 2.724   -2.958  -10.462 1.00 6.14  ? 20  PHE A O   1 
ATOM   135 C CB  . PHE A 1 21 ? 5.803   -2.888  -9.244  1.00 6.63  ? 20  PHE A CB  1 
ATOM   136 C CG  . PHE A 1 21 ? 7.043   -2.243  -8.689  1.00 9.33  ? 20  PHE A CG  1 
ATOM   137 C CD1 . PHE A 1 21 ? 8.123   -1.945  -9.529  1.00 10.24 ? 20  PHE A CD1 1 
ATOM   138 C CD2 . PHE A 1 21 ? 7.137   -1.931  -7.342  1.00 10.82 ? 20  PHE A CD2 1 
ATOM   139 C CE1 . PHE A 1 21 ? 9.275   -1.342  -9.040  1.00 11.54 ? 20  PHE A CE1 1 
ATOM   140 C CE2 . PHE A 1 21 ? 8.306   -1.335  -6.835  1.00 11.68 ? 20  PHE A CE2 1 
ATOM   141 C CZ  . PHE A 1 21 ? 9.369   -1.049  -7.688  1.00 12.42 ? 20  PHE A CZ  1 
HETATM 142 N N   . HYP A 1 22 ? 4.169   -1.833  -11.743 1.00 6.07  ? 21  HYP A N   1 
HETATM 143 C CA  . HYP A 1 22 ? 3.454   -2.232  -12.944 1.00 5.93  ? 21  HYP A CA  1 
HETATM 144 C C   . HYP A 1 22 ? 3.601   -3.730  -13.156 1.00 6.07  ? 21  HYP A C   1 
HETATM 145 O O   . HYP A 1 22 ? 4.589   -4.329  -12.739 1.00 6.05  ? 21  HYP A O   1 
HETATM 146 C CB  . HYP A 1 22 ? 4.149   -1.457  -14.061 1.00 6.51  ? 21  HYP A CB  1 
HETATM 147 C CG  . HYP A 1 22 ? 5.019   -0.425  -13.363 1.00 6.78  ? 21  HYP A CG  1 
HETATM 148 C CD  . HYP A 1 22 ? 5.370   -1.036  -12.019 1.00 6.27  ? 21  HYP A CD  1 
HETATM 149 O OD1 . HYP A 1 22 ? 4.321   0.790   -13.165 1.00 8.42  ? 21  HYP A OD1 1 
ATOM   150 N N   . GLY A 1 23 ? 2.624   -4.320  -13.832 1.00 6.40  ? 22  GLY A N   1 
ATOM   151 C CA  . GLY A 1 23 ? 2.646   -5.742  -14.092 1.00 6.49  ? 22  GLY A CA  1 
ATOM   152 C C   . GLY A 1 23 ? 3.747   -6.158  -15.053 1.00 7.22  ? 22  GLY A C   1 
ATOM   153 O O   . GLY A 1 23 ? 4.385   -5.326  -15.702 1.00 6.38  ? 22  GLY A O   1 
ATOM   154 N N   . PRO A 1 24 ? 3.989   -7.462  -15.156 1.00 7.76  ? 23  PRO A N   1 
ATOM   155 C CA  . PRO A 1 24 ? 4.989   -7.933  -16.111 1.00 8.63  ? 23  PRO A CA  1 
ATOM   156 C C   . PRO A 1 24 ? 4.508   -7.832  -17.557 1.00 8.36  ? 23  PRO A C   1 
ATOM   157 O O   . PRO A 1 24 ? 3.304   -7.646  -17.800 1.00 7.47  ? 23  PRO A O   1 
ATOM   158 C CB  . PRO A 1 24 ? 5.207   -9.403  -15.729 1.00 9.54  ? 23  PRO A CB  1 
ATOM   159 C CG  . PRO A 1 24 ? 4.209   -9.732  -14.724 1.00 10.26 ? 23  PRO A CG  1 
ATOM   160 C CD  . PRO A 1 24 ? 3.408   -8.548  -14.348 1.00 8.03  ? 23  PRO A CD  1 
HETATM 161 N N   . HYP A 1 25 ? 5.439   -7.965  -18.518 1.00 8.73  ? 24  HYP A N   1 
HETATM 162 C CA  . HYP A 1 25 ? 5.005   -7.989  -19.904 1.00 9.03  ? 24  HYP A CA  1 
HETATM 163 C C   . HYP A 1 25 ? 4.032   -9.142  -20.167 1.00 8.06  ? 24  HYP A C   1 
HETATM 164 O O   . HYP A 1 25 ? 4.082   -10.188 -19.521 1.00 8.41  ? 24  HYP A O   1 
HETATM 165 C CB  . HYP A 1 25 ? 6.302   -8.135  -20.681 1.00 9.73  ? 24  HYP A CB  1 
HETATM 166 C CG  . HYP A 1 25 ? 7.384   -7.632  -19.745 1.00 10.21 ? 24  HYP A CG  1 
HETATM 167 C CD  . HYP A 1 25 ? 6.901   -8.074  -18.376 1.00 9.88  ? 24  HYP A CD  1 
HETATM 168 O OD1 . HYP A 1 25 ? 7.427   -6.212  -19.798 1.00 13.64 ? 24  HYP A OD1 1 
ATOM   169 N N   . GLY A 1 26 ? 3.118   -8.923  -21.096 1.00 7.64  ? 25  GLY A N   1 
ATOM   170 C CA  . GLY A 1 26 ? 2.122   -9.922  -21.425 1.00 7.23  ? 25  GLY A CA  1 
ATOM   171 C C   . GLY A 1 26 ? 2.689   -11.115 -22.175 1.00 7.66  ? 25  GLY A C   1 
ATOM   172 O O   . GLY A 1 26 ? 3.879   -11.141 -22.502 1.00 7.73  ? 25  GLY A O   1 
ATOM   173 N N   . PRO A 1 27 ? 1.834   -12.111 -22.456 1.00 7.52  ? 26  PRO A N   1 
ATOM   174 C CA  . PRO A 1 27 ? 2.222   -13.272 -23.234 1.00 7.65  ? 26  PRO A CA  1 
ATOM   175 C C   . PRO A 1 27 ? 2.712   -12.893 -24.631 1.00 6.95  ? 26  PRO A C   1 
ATOM   176 O O   . PRO A 1 27 ? 2.383   -11.815 -25.146 1.00 6.69  ? 26  PRO A O   1 
ATOM   177 C CB  . PRO A 1 27 ? 0.926   -14.080 -23.324 1.00 8.06  ? 26  PRO A CB  1 
ATOM   178 C CG  . PRO A 1 27 ? 0.132   -13.643 -22.168 1.00 8.39  ? 26  PRO A CG  1 
ATOM   179 C CD  . PRO A 1 27 ? 0.432   -12.199 -22.030 1.00 7.81  ? 26  PRO A CD  1 
HETATM 180 N N   . HYP A 1 28 ? 3.530   -13.750 -25.245 1.00 6.94  ? 27  HYP A N   1 
HETATM 181 C CA  . HYP A 1 28 ? 3.929   -13.471 -26.624 1.00 6.46  ? 27  HYP A CA  1 
HETATM 182 C C   . HYP A 1 28 ? 2.733   -13.392 -27.582 1.00 6.39  ? 27  HYP A C   1 
HETATM 183 O O   . HYP A 1 28 ? 1.686   -14.005 -27.346 1.00 6.34  ? 27  HYP A O   1 
HETATM 184 C CB  . HYP A 1 28 ? 4.839   -14.646 -26.975 1.00 7.05  ? 27  HYP A CB  1 
HETATM 185 C CG  . HYP A 1 28 ? 5.282   -15.182 -25.626 1.00 7.12  ? 27  HYP A CG  1 
HETATM 186 C CD  . HYP A 1 28 ? 4.054   -15.031 -24.753 1.00 6.62  ? 27  HYP A CD  1 
HETATM 187 O OD1 . HYP A 1 28 ? 6.286   -14.339 -25.102 1.00 7.62  ? 27  HYP A OD1 1 
ATOM   188 N N   . GLY A 1 29 ? 2.906   -12.634 -28.652 1.00 5.58  ? 28  GLY A N   1 
ATOM   189 C CA  . GLY A 1 29 ? 1.838   -12.514 -29.636 1.00 5.15  ? 28  GLY A CA  1 
ATOM   190 C C   . GLY A 1 29 ? 1.635   -13.783 -30.442 1.00 5.28  ? 28  GLY A C   1 
ATOM   191 O O   . GLY A 1 29 ? 2.408   -14.745 -30.345 1.00 5.83  ? 28  GLY A O   1 
ATOM   192 N N   . PRO A 1 30 ? 0.598   -13.773 -31.264 1.00 4.78  ? 29  PRO A N   1 
ATOM   193 C CA  . PRO A 1 30 ? 0.280   -14.860 -32.141 1.00 5.10  ? 29  PRO A CA  1 
ATOM   194 C C   . PRO A 1 30 ? 1.161   -14.828 -33.399 1.00 5.74  ? 29  PRO A C   1 
ATOM   195 O O   . PRO A 1 30 ? 1.898   -13.860 -33.627 1.00 6.40  ? 29  PRO A O   1 
ATOM   196 C CB  . PRO A 1 30 ? -1.173  -14.578 -32.487 1.00 5.38  ? 29  PRO A CB  1 
ATOM   197 C CG  . PRO A 1 30 ? -1.249  -13.110 -32.525 1.00 5.37  ? 29  PRO A CG  1 
ATOM   198 C CD  . PRO A 1 30 ? -0.286  -12.617 -31.485 1.00 5.39  ? 29  PRO A CD  1 
HETATM 199 N N   . HYP A 1 31 ? 1.093   -15.886 -34.213 1.00 6.75  ? 30  HYP A N   1 
HETATM 200 C CA  . HYP A 1 31 ? 1.924   -15.948 -35.430 1.00 7.51  ? 30  HYP A CA  1 
HETATM 201 C C   . HYP A 1 31 ? 1.698   -14.765 -36.378 1.00 8.59  ? 30  HYP A C   1 
HETATM 202 O O   . HYP A 1 31 ? 0.574   -14.253 -36.436 1.00 9.89  ? 30  HYP A O   1 
HETATM 203 C CB  . HYP A 1 31 ? 1.437   -17.227 -36.105 1.00 7.96  ? 30  HYP A CB  1 
HETATM 204 C CG  . HYP A 1 31 ? 0.998   -18.079 -34.932 1.00 7.88  ? 30  HYP A CG  1 
HETATM 205 C CD  . HYP A 1 31 ? 0.278   -17.104 -34.020 1.00 7.27  ? 30  HYP A CD  1 
HETATM 206 O OD1 . HYP A 1 31 ? 2.128   -18.609 -34.260 1.00 8.33  ? 30  HYP A OD1 1 
HETATM 207 N N   . NH2 A 1 32 ? 2.744   -14.378 -37.011 1.00 9.31  ? 31  NH2 A N   1 
HETATM 208 C C   . ACE B 1 1  ? -8.024  14.414  38.800  1.00 19.16 ? 0   ACE B C   1 
HETATM 209 O O   . ACE B 1 1  ? -8.133  13.558  39.685  1.00 20.85 ? 0   ACE B O   1 
HETATM 210 C CH3 . ACE B 1 1  ? -9.251  15.037  38.195  1.00 20.02 ? 0   ACE B CH3 1 
ATOM   211 N N   . GLY B 1 2  ? -6.872  15.042  38.504  1.00 17.92 ? 1   GLY B N   1 
ATOM   212 C CA  . GLY B 1 2  ? -5.535  14.453  38.606  1.00 16.19 ? 1   GLY B CA  1 
ATOM   213 C C   . GLY B 1 2  ? -4.701  14.788  37.370  1.00 14.75 ? 1   GLY B C   1 
ATOM   214 O O   . GLY B 1 2  ? -5.198  15.467  36.459  1.00 15.57 ? 1   GLY B O   1 
ATOM   215 N N   . PRO B 1 3  ? -3.439  14.321  37.329  1.00 14.08 ? 2   PRO B N   1 
ATOM   216 C CA  . PRO B 1 3  ? -2.573  14.471  36.154  1.00 13.10 ? 2   PRO B CA  1 
ATOM   217 C C   . PRO B 1 3  ? -3.114  13.732  34.920  1.00 11.59 ? 2   PRO B C   1 
ATOM   218 O O   . PRO B 1 3  ? -3.934  12.830  35.039  1.00 9.85  ? 2   PRO B O   1 
ATOM   219 C CB  . PRO B 1 3  ? -1.241  13.844  36.594  1.00 13.49 ? 2   PRO B CB  1 
ATOM   220 C CG  . PRO B 1 3  ? -1.345  13.650  38.072  1.00 14.63 ? 2   PRO B CG  1 
ATOM   221 C CD  . PRO B 1 3  ? -2.775  13.575  38.415  1.00 14.51 ? 2   PRO B CD  1 
HETATM 222 N N   . HYP B 1 4  ? -2.654  14.111  33.730  1.00 10.08 ? 3   HYP B N   1 
HETATM 223 C CA  . HYP B 1 4  ? -3.128  13.399  32.556  1.00 9.18  ? 3   HYP B CA  1 
HETATM 224 C C   . HYP B 1 4  ? -2.687  11.939  32.527  1.00 7.68  ? 3   HYP B C   1 
HETATM 225 O O   . HYP B 1 4  ? -1.657  11.554  33.101  1.00 7.71  ? 3   HYP B O   1 
HETATM 226 C CB  . HYP B 1 4  ? -2.500  14.136  31.395  1.00 9.36  ? 3   HYP B CB  1 
HETATM 227 C CG  . HYP B 1 4  ? -2.069  15.473  31.956  1.00 10.50 ? 3   HYP B CG  1 
HETATM 228 C CD  . HYP B 1 4  ? -1.788  15.243  33.415  1.00 10.30 ? 3   HYP B CD  1 
HETATM 229 O OD1 . HYP B 1 4  ? -3.152  16.358  31.822  1.00 12.72 ? 3   HYP B OD1 1 
ATOM   230 N N   . GLY B 1 5  ? -3.474  11.115  31.860  1.00 7.13  ? 4   GLY B N   1 
ATOM   231 C CA  . GLY B 1 5  ? -3.009  9.774   31.593  1.00 6.24  ? 4   GLY B CA  1 
ATOM   232 C C   . GLY B 1 5  ? -1.850  9.777   30.612  1.00 6.22  ? 4   GLY B C   1 
ATOM   233 O O   . GLY B 1 5  ? -1.521  10.815  30.026  1.00 6.48  ? 4   GLY B O   1 
ATOM   234 N N   . PRO B 1 6  ? -1.211  8.624   30.437  1.00 5.75  ? 5   PRO B N   1 
ATOM   235 C CA  . PRO B 1 6  ? -0.146  8.527   29.452  1.00 5.65  ? 5   PRO B CA  1 
ATOM   236 C C   . PRO B 1 6  ? -0.685  8.610   28.026  1.00 5.22  ? 5   PRO B C   1 
ATOM   237 O O   . PRO B 1 6  ? -1.865  8.351   27.788  1.00 5.31  ? 5   PRO B O   1 
ATOM   238 C CB  . PRO B 1 6  ? 0.420   7.134   29.699  1.00 5.80  ? 5   PRO B CB  1 
ATOM   239 C CG  . PRO B 1 6  ? -0.762  6.358   30.177  1.00 5.80  ? 5   PRO B CG  1 
ATOM   240 C CD  . PRO B 1 6  ? -1.554  7.311   31.010  1.00 6.10  ? 5   PRO B CD  1 
HETATM 241 N N   . HYP B 1 7  ? 0.187   8.921   27.063  1.00 5.02  ? 6   HYP B N   1 
HETATM 242 C CA  . HYP B 1 7  ? -0.265  8.901   25.684  1.00 5.11  ? 6   HYP B CA  1 
HETATM 243 C C   . HYP B 1 7  ? -0.689  7.506   25.244  1.00 5.21  ? 6   HYP B C   1 
HETATM 244 O O   . HYP B 1 7  ? -0.233  6.495   25.794  1.00 5.97  ? 6   HYP B O   1 
HETATM 245 C CB  . HYP B 1 7  ? 0.972   9.331   24.909  1.00 5.06  ? 6   HYP B CB  1 
HETATM 246 C CG  . HYP B 1 7  ? 1.897   10.012  25.888  1.00 6.27  ? 6   HYP B CG  1 
HETATM 247 C CD  . HYP B 1 7  ? 1.596   9.314   27.204  1.00 5.21  ? 6   HYP B CD  1 
HETATM 248 O OD1 . HYP B 1 7  ? 1.496   11.367  25.959  1.00 8.56  ? 6   HYP B OD1 1 
ATOM   249 N N   . GLY B 1 8  ? -1.557  7.476   24.247  1.00 5.39  ? 7   GLY B N   1 
ATOM   250 C CA  . GLY B 1 8  ? -1.869  6.241   23.564  1.00 5.37  ? 7   GLY B CA  1 
ATOM   251 C C   . GLY B 1 8  ? -0.676  5.706   22.778  1.00 4.81  ? 7   GLY B C   1 
ATOM   252 O O   . GLY B 1 8  ? 0.394   6.336   22.700  1.00 4.85  ? 7   GLY B O   1 
ATOM   253 N N   . PRO B 1 9  ? -0.835  4.520   22.185  1.00 5.25  ? 8   PRO B N   1 
ATOM   254 C CA  . PRO B 1 9  ? 0.241   3.876   21.447  1.00 5.50  ? 8   PRO B CA  1 
ATOM   255 C C   . PRO B 1 9  ? 0.307   4.372   20.002  1.00 5.60  ? 8   PRO B C   1 
ATOM   256 O O   . PRO B 1 9  ? -0.583  5.094   19.554  1.00 5.23  ? 8   PRO B O   1 
ATOM   257 C CB  . PRO B 1 9  ? -0.144  2.392   21.508  1.00 6.07  ? 8   PRO B CB  1 
ATOM   258 C CG  . PRO B 1 9  ? -1.600  2.422   21.515  1.00 5.62  ? 8   PRO B CG  1 
ATOM   259 C CD  . PRO B 1 9  ? -2.001  3.642   22.323  1.00 5.64  ? 8   PRO B CD  1 
HETATM 260 N N   . HYP B 1 10 ? 1.361   3.993   19.271  1.00 6.31  ? 9   HYP B N   1 
HETATM 261 C CA  . HYP B 1 10 ? 1.489   4.409   17.867  1.00 6.50  ? 9   HYP B CA  1 
HETATM 262 C C   . HYP B 1 10 ? 0.265   4.008   17.053  1.00 6.09  ? 9   HYP B C   1 
HETATM 263 O O   . HYP B 1 10 ? -0.298  2.918   17.236  1.00 6.16  ? 9   HYP B O   1 
HETATM 264 C CB  . HYP B 1 10 ? 2.734   3.657   17.417  1.00 7.06  ? 9   HYP B CB  1 
HETATM 265 C CG  . HYP B 1 10 ? 3.541   3.459   18.677  1.00 7.96  ? 9   HYP B CG  1 
HETATM 266 C CD  . HYP B 1 10 ? 2.495   3.172   19.731  1.00 7.49  ? 9   HYP B CD  1 
HETATM 267 O OD1 . HYP B 1 10 ? 4.164   4.684   18.989  1.00 10.27 ? 9   HYP B OD1 1 
ATOM   268 N N   . GLY B 1 11 ? -0.143  4.890   16.150  1.00 6.03  ? 10  GLY B N   1 
ATOM   269 C CA  . GLY B 1 11 ? -1.309  4.661   15.332  1.00 5.76  ? 10  GLY B CA  1 
ATOM   270 C C   . GLY B 1 11 ? -1.179  3.447   14.437  1.00 5.47  ? 10  GLY B C   1 
ATOM   271 O O   . GLY B 1 11 ? -0.080  2.924   14.232  1.00 5.66  ? 10  GLY B O   1 
ATOM   272 N N   . PRO B 1 12 ? -2.312  2.983   13.894  1.00 5.28  ? 11  PRO B N   1 
ATOM   273 C CA  . PRO B 1 12 ? -2.245  1.815   13.038  1.00 5.96  ? 11  PRO B CA  1 
ATOM   274 C C   . PRO B 1 12 ? -1.404  2.059   11.785  1.00 5.78  ? 11  PRO B C   1 
ATOM   275 O O   . PRO B 1 12 ? -1.309  3.174   11.295  1.00 5.99  ? 11  PRO B O   1 
ATOM   276 C CB  . PRO B 1 12 ? -3.707  1.558   12.659  1.00 7.29  ? 11  PRO B CB  1 
ATOM   277 C CG  . PRO B 1 12 ? -4.430  2.794   12.959  1.00 7.26  ? 11  PRO B CG  1 
ATOM   278 C CD  . PRO B 1 12 ? -3.674  3.536   13.991  1.00 5.75  ? 11  PRO B CD  1 
ATOM   279 N N   . ARG B 1 13 ? -0.817  0.999   11.262  1.00 5.71  ? 12  ARG B N   1 
ATOM   280 C CA  . ARG B 1 13 ? -0.137  1.063   10.001  1.00 5.21  ? 12  ARG B CA  1 
ATOM   281 C C   . ARG B 1 13 ? -1.112  1.501   8.905   1.00 5.31  ? 12  ARG B C   1 
ATOM   282 O O   . ARG B 1 13 ? -2.287  1.160   8.929   1.00 5.93  ? 12  ARG B O   1 
ATOM   283 C CB  . ARG B 1 13 ? 0.506   -0.293  9.690   1.00 5.16  ? 12  ARG B CB  1 
ATOM   284 C CG  . ARG B 1 13 ? 1.347   -0.285  8.422   1.00 6.03  ? 12  ARG B CG  1 
ATOM   285 C CD  . ARG B 1 13 ? 2.142   -1.560  8.266   1.00 6.65  ? 12  ARG B CD  1 
ATOM   286 N NE  . ARG B 1 13 ? 3.122   -1.727  9.343   1.00 6.95  ? 12  ARG B NE  1 
ATOM   287 C CZ  . ARG B 1 13 ? 4.315   -1.133  9.406   1.00 6.98  ? 12  ARG B CZ  1 
ATOM   288 N NH1 . ARG B 1 13 ? 4.732   -0.332  8.427   1.00 7.01  ? 12  ARG B NH1 1 
ATOM   289 N NH2 . ARG B 1 13 ? 5.128   -1.381  10.442  1.00 6.34  ? 12  ARG B NH2 1 
ATOM   290 N N   . GLY B 1 14 ? -0.633  2.304   7.967   1.00 5.32  ? 13  GLY B N   1 
ATOM   291 C CA  . GLY B 1 14 ? -1.468  2.747   6.870   1.00 5.07  ? 13  GLY B CA  1 
ATOM   292 C C   . GLY B 1 14 ? -1.974  1.612   6.005   1.00 5.20  ? 13  GLY B C   1 
ATOM   293 O O   . GLY B 1 14 ? -1.484  0.485   6.068   1.00 5.77  ? 13  GLY B O   1 
ATOM   294 N N   . GLN B 1 15 ? -2.958  1.911   5.173   1.00 5.61  ? 14  GLN B N   1 
ATOM   295 C CA  . GLN B 1 15 ? -3.472  0.911   4.268   1.00 6.59  ? 14  GLN B CA  1 
ATOM   296 C C   . GLN B 1 15 ? -2.431  0.582   3.201   1.00 5.72  ? 14  GLN B C   1 
ATOM   297 O O   . GLN B 1 15 ? -1.565  1.408   2.875   1.00 4.94  ? 14  GLN B O   1 
ATOM   298 C CB  . GLN B 1 15 ? -4.750  1.383   3.576   1.00 7.69  ? 14  GLN B CB  1 
ATOM   299 C CG  . GLN B 1 15 ? -4.563  2.516   2.601   1.00 11.65 ? 14  GLN B CG  1 
ATOM   300 C CD  . GLN B 1 15 ? -5.865  3.002   1.946   1.00 16.11 ? 14  GLN B CD  1 
ATOM   301 O OE1 . GLN B 1 15 ? -6.802  2.226   1.666   1.00 19.03 ? 14  GLN B OE1 1 
ATOM   302 N NE2 . GLN B 1 15 ? -5.907  4.301   1.677   1.00 17.75 ? 14  GLN B NE2 1 
HETATM 303 N N   . HYP B 1 16 ? -2.534  -0.614  2.621   1.00 5.63  ? 15  HYP B N   1 
HETATM 304 C CA  . HYP B 1 16 ? -1.647  -0.925  1.509   1.00 5.65  ? 15  HYP B CA  1 
HETATM 305 C C   . HYP B 1 16 ? -1.910  0.017   0.328   1.00 5.20  ? 15  HYP B C   1 
HETATM 306 O O   . HYP B 1 16 ? -3.019  0.562   0.169   1.00 5.79  ? 15  HYP B O   1 
HETATM 307 C CB  . HYP B 1 16 ? -2.037  -2.348  1.130   1.00 6.04  ? 15  HYP B CB  1 
HETATM 308 C CG  . HYP B 1 16 ? -2.695  -2.927  2.360   1.00 6.99  ? 15  HYP B CG  1 
HETATM 309 C CD  . HYP B 1 16 ? -3.408  -1.752  2.983   1.00 6.88  ? 15  HYP B CD  1 
HETATM 310 O OD1 . HYP B 1 16 ? -1.714  -3.409  3.267   1.00 7.32  ? 15  HYP B OD1 1 
ATOM   311 N N   . GLY B 1 17 ? -0.893  0.189   -0.505  1.00 5.25  ? 16  GLY B N   1 
ATOM   312 C CA  . GLY B 1 17 ? -1.052  0.930   -1.727  1.00 4.91  ? 16  GLY B CA  1 
ATOM   313 C C   . GLY B 1 17 ? -2.056  0.294   -2.657  1.00 5.25  ? 16  GLY B C   1 
ATOM   314 O O   . GLY B 1 17 ? -2.445  -0.866  -2.504  1.00 5.65  ? 16  GLY B O   1 
ATOM   315 N N   . VAL B 1 18 ? -2.474  1.071   -3.643  1.00 5.36  ? 17  VAL B N   1 
ATOM   316 C CA  . VAL B 1 18 ? -3.443  0.595   -4.627  1.00 5.50  ? 17  VAL B CA  1 
ATOM   317 C C   . VAL B 1 18 ? -2.740  -0.360  -5.594  1.00 5.78  ? 17  VAL B C   1 
ATOM   318 O O   . VAL B 1 18 ? -1.513  -0.409  -5.652  1.00 5.51  ? 17  VAL B O   1 
ATOM   319 C CB  . VAL B 1 18 ? -4.142  1.752   -5.378  1.00 5.25  ? 17  VAL B CB  1 
ATOM   320 C CG1 . VAL B 1 18 ? -4.805  2.699   -4.385  1.00 6.04  ? 17  VAL B CG1 1 
ATOM   321 C CG2 . VAL B 1 18 ? -3.152  2.472   -6.332  1.00 5.89  ? 17  VAL B CG2 1 
ATOM   322 N N   . MET B 1 19 ? -3.532  -1.101  -6.360  1.00 6.13  ? 18  MET B N   1 
ATOM   323 C CA  . MET B 1 19 ? -2.997  -2.005  -7.346  1.00 6.19  ? 18  MET B CA  1 
ATOM   324 C C   . MET B 1 19 ? -2.281  -1.263  -8.470  1.00 6.32  ? 18  MET B C   1 
ATOM   325 O O   . MET B 1 19 ? -2.702  -0.194  -8.894  1.00 7.18  ? 18  MET B O   1 
ATOM   326 C CB  . MET B 1 19 ? -4.122  -2.861  -7.916  1.00 6.41  ? 18  MET B CB  1 
ATOM   327 C CG  . MET B 1 19 ? -3.647  -3.955  -8.842  1.00 6.33  ? 18  MET B CG  1 
ATOM   328 S SD  . MET B 1 19 ? -4.963  -5.142  -9.156  1.00 9.31  ? 18  MET B SD  1 
ATOM   329 C CE  . MET B 1 19 ? -4.111  -6.152  -10.360 1.00 9.19  ? 18  MET B CE  1 
ATOM   330 N N   . GLY B 1 20 ? -1.218  -1.867  -8.971  1.00 6.25  ? 19  GLY B N   1 
ATOM   331 C CA  . GLY B 1 20 ? -0.396  -1.280  -10.017 1.00 5.99  ? 19  GLY B CA  1 
ATOM   332 C C   . GLY B 1 20 ? -1.026  -1.273  -11.396 1.00 6.11  ? 19  GLY B C   1 
ATOM   333 O O   . GLY B 1 20 ? -2.037  -1.916  -11.644 1.00 5.70  ? 19  GLY B O   1 
ATOM   334 N N   . PHE B 1 21 ? -0.407  -0.513  -12.287 1.00 5.73  ? 20  PHE B N   1 
ATOM   335 C CA  . PHE B 1 21 ? -0.779  -0.494  -13.709 1.00 6.15  ? 20  PHE B CA  1 
ATOM   336 C C   . PHE B 1 21 ? -0.598  -1.880  -14.327 1.00 6.31  ? 20  PHE B C   1 
ATOM   337 O O   . PHE B 1 21 ? 0.270   -2.642  -13.897 1.00 5.50  ? 20  PHE B O   1 
ATOM   338 C CB  . PHE B 1 21 ? 0.140   0.422   -14.534 1.00 5.84  ? 20  PHE B CB  1 
ATOM   339 C CG  . PHE B 1 21 ? 0.048   1.893   -14.236 1.00 6.04  ? 20  PHE B CG  1 
ATOM   340 C CD1 . PHE B 1 21 ? -1.171  2.546   -14.111 1.00 6.04  ? 20  PHE B CD1 1 
ATOM   341 C CD2 . PHE B 1 21 ? 1.214   2.641   -14.177 1.00 5.42  ? 20  PHE B CD2 1 
ATOM   342 C CE1 . PHE B 1 21 ? -1.216  3.919   -13.904 1.00 6.54  ? 20  PHE B CE1 1 
ATOM   343 C CE2 . PHE B 1 21 ? 1.185   3.994   -13.969 1.00 6.46  ? 20  PHE B CE2 1 
ATOM   344 C CZ  . PHE B 1 21 ? -0.032  4.631   -13.816 1.00 5.38  ? 20  PHE B CZ  1 
HETATM 345 N N   . HYP B 1 22 ? -1.376  -2.190  -15.376 1.00 6.55  ? 21  HYP B N   1 
HETATM 346 C CA  . HYP B 1 22 ? -1.057  -3.362  -16.178 1.00 7.13  ? 21  HYP B CA  1 
HETATM 347 C C   . HYP B 1 22 ? 0.330   -3.266  -16.797 1.00 6.66  ? 21  HYP B C   1 
HETATM 348 O O   . HYP B 1 22 ? 0.839   -2.172  -17.062 1.00 6.79  ? 21  HYP B O   1 
HETATM 349 C CB  . HYP B 1 22 ? -2.123  -3.345  -17.276 1.00 7.11  ? 21  HYP B CB  1 
HETATM 350 C CG  . HYP B 1 22 ? -3.269  -2.548  -16.683 1.00 7.60  ? 21  HYP B CG  1 
HETATM 351 C CD  . HYP B 1 22 ? -2.531  -1.453  -15.936 1.00 7.11  ? 21  HYP B CD  1 
HETATM 352 O OD1 . HYP B 1 22 ? -3.975  -3.330  -15.748 1.00 10.19 ? 21  HYP B OD1 1 
ATOM   353 N N   . GLY B 1 23 ? 0.944   -4.413  -17.018 1.00 6.77  ? 22  GLY B N   1 
ATOM   354 C CA  . GLY B 1 23 ? 2.178   -4.481  -17.761 1.00 6.40  ? 22  GLY B CA  1 
ATOM   355 C C   . GLY B 1 23 ? 1.964   -4.132  -19.224 1.00 6.60  ? 22  GLY B C   1 
ATOM   356 O O   . GLY B 1 23 ? 0.828   -4.001  -19.704 1.00 6.29  ? 22  GLY B O   1 
ATOM   357 N N   . PRO B 1 24 ? 3.068   -3.978  -19.949 1.00 7.00  ? 23  PRO B N   1 
ATOM   358 C CA  . PRO B 1 24 ? 2.996   -3.683  -21.356 1.00 6.93  ? 23  PRO B CA  1 
ATOM   359 C C   . PRO B 1 24 ? 2.580   -4.915  -22.157 1.00 6.69  ? 23  PRO B C   1 
ATOM   360 O O   . PRO B 1 24 ? 2.640   -6.044  -21.658 1.00 6.72  ? 23  PRO B O   1 
ATOM   361 C CB  . PRO B 1 24 ? 4.429   -3.280  -21.680 1.00 7.56  ? 23  PRO B CB  1 
ATOM   362 C CG  . PRO B 1 24 ? 5.226   -4.121  -20.772 1.00 8.70  ? 23  PRO B CG  1 
ATOM   363 C CD  . PRO B 1 24 ? 4.459   -4.162  -19.500 1.00 7.16  ? 23  PRO B CD  1 
HETATM 364 N N   . HYP B 1 25 ? 2.198   -4.702  -23.416 1.00 6.26  ? 24  HYP B N   1 
HETATM 365 C CA  . HYP B 1 25 ? 1.956   -5.841  -24.286 1.00 6.74  ? 24  HYP B CA  1 
HETATM 366 C C   . HYP B 1 25 ? 3.186   -6.748  -24.348 1.00 6.60  ? 24  HYP B C   1 
HETATM 367 O O   . HYP B 1 25 ? 4.339   -6.287  -24.218 1.00 6.89  ? 24  HYP B O   1 
HETATM 368 C CB  . HYP B 1 25 ? 1.700   -5.195  -25.649 1.00 7.05  ? 24  HYP B CB  1 
HETATM 369 C CG  . HYP B 1 25 ? 1.260   -3.773  -25.336 1.00 7.15  ? 24  HYP B CG  1 
HETATM 370 C CD  . HYP B 1 25 ? 2.107   -3.409  -24.133 1.00 6.92  ? 24  HYP B CD  1 
HETATM 371 O OD1 . HYP B 1 25 ? -0.086  -3.777  -24.935 1.00 8.45  ? 24  HYP B OD1 1 
ATOM   372 N N   . GLY B 1 26 ? 2.950   -8.038  -24.565 1.00 6.40  ? 25  GLY B N   1 
ATOM   373 C CA  . GLY B 1 26 ? 4.035   -8.971  -24.729 1.00 6.81  ? 25  GLY B CA  1 
ATOM   374 C C   . GLY B 1 26 ? 4.835   -8.756  -26.001 1.00 6.74  ? 25  GLY B C   1 
ATOM   375 O O   . GLY B 1 26 ? 4.514   -7.876  -26.816 1.00 6.90  ? 25  GLY B O   1 
ATOM   376 N N   . PRO B 1 27 ? 5.870   -9.572  -26.196 1.00 6.80  ? 26  PRO B N   1 
ATOM   377 C CA  . PRO B 1 27 ? 6.694   -9.465  -27.381 1.00 6.94  ? 26  PRO B CA  1 
ATOM   378 C C   . PRO B 1 27 ? 5.961   -9.990  -28.607 1.00 7.07  ? 26  PRO B C   1 
ATOM   379 O O   . PRO B 1 27 ? 4.953   -10.667 -28.484 1.00 6.88  ? 26  PRO B O   1 
ATOM   380 C CB  . PRO B 1 27 ? 7.890   -10.355 -27.050 1.00 7.07  ? 26  PRO B CB  1 
ATOM   381 C CG  . PRO B 1 27 ? 7.317   -11.396 -26.178 1.00 7.22  ? 26  PRO B CG  1 
ATOM   382 C CD  . PRO B 1 27 ? 6.310   -10.673 -25.327 1.00 6.99  ? 26  PRO B CD  1 
HETATM 383 N N   . HYP B 1 28 ? 6.483   -9.709  -29.801 1.00 7.43  ? 27  HYP B N   1 
HETATM 384 C CA  . HYP B 1 28 ? 5.850   -10.196 -31.007 1.00 7.72  ? 27  HYP B CA  1 
HETATM 385 C C   . HYP B 1 28 ? 5.782   -11.707 -31.068 1.00 7.77  ? 27  HYP B C   1 
HETATM 386 O O   . HYP B 1 28 ? 6.612   -12.405 -30.478 1.00 8.49  ? 27  HYP B O   1 
HETATM 387 C CB  . HYP B 1 28 ? 6.767   -9.704  -32.107 1.00 7.86  ? 27  HYP B CB  1 
HETATM 388 C CG  . HYP B 1 28 ? 7.410   -8.462  -31.535 1.00 8.24  ? 27  HYP B CG  1 
HETATM 389 C CD  . HYP B 1 28 ? 7.637   -8.840  -30.087 1.00 7.96  ? 27  HYP B CD  1 
HETATM 390 O OD1 . HYP B 1 28 ? 6.468   -7.411  -31.604 1.00 10.45 ? 27  HYP B OD1 1 
ATOM   391 N N   . GLY B 1 29 ? 4.784   -12.211 -31.777 1.00 8.01  ? 28  GLY B N   1 
ATOM   392 C CA  . GLY B 1 29 ? 4.775   -13.622 -32.106 1.00 7.96  ? 28  GLY B CA  1 
ATOM   393 C C   . GLY B 1 29 ? 5.869   -13.979 -33.095 1.00 8.29  ? 28  GLY B C   1 
ATOM   394 O O   . GLY B 1 29 ? 6.557   -13.110 -33.645 1.00 7.81  ? 28  GLY B O   1 
ATOM   395 N N   . PRO B 1 30 ? 6.035   -15.275 -33.347 1.00 8.94  ? 29  PRO B N   1 
ATOM   396 C CA  . PRO B 1 30 ? 6.985   -15.724 -34.349 1.00 9.28  ? 29  PRO B CA  1 
ATOM   397 C C   . PRO B 1 30 ? 6.475   -15.441 -35.750 1.00 9.73  ? 29  PRO B C   1 
ATOM   398 O O   . PRO B 1 30 ? 5.262   -15.241 -35.919 1.00 9.62  ? 29  PRO B O   1 
ATOM   399 C CB  . PRO B 1 30 ? 7.017   -17.233 -34.131 1.00 10.03 ? 29  PRO B CB  1 
ATOM   400 C CG  . PRO B 1 30 ? 5.627   -17.544 -33.674 1.00 10.25 ? 29  PRO B CG  1 
ATOM   401 C CD  . PRO B 1 30 ? 5.184   -16.377 -32.858 1.00 9.44  ? 29  PRO B CD  1 
HETATM 402 N N   . HYP B 1 31 ? 7.382   -15.403 -36.756 1.00 9.56  ? 30  HYP B N   1 
HETATM 403 C CA  . HYP B 1 31 ? 6.924   -15.333 -38.155 1.00 9.90  ? 30  HYP B CA  1 
HETATM 404 C C   . HYP B 1 31 ? 5.939   -16.459 -38.492 1.00 10.03 ? 30  HYP B C   1 
HETATM 405 O O   . HYP B 1 31 ? 6.128   -17.587 -38.018 1.00 11.09 ? 30  HYP B O   1 
HETATM 406 C CB  . HYP B 1 31 ? 8.204   -15.484 -38.966 1.00 9.71  ? 30  HYP B CB  1 
HETATM 407 C CG  . HYP B 1 31 ? 9.317   -15.029 -38.045 1.00 10.35 ? 30  HYP B CG  1 
HETATM 408 C CD  . HYP B 1 31 ? 8.861   -15.488 -36.672 1.00 9.83  ? 30  HYP B CD  1 
HETATM 409 O OD1 . HYP B 1 31 ? 9.427   -13.609 -38.057 1.00 11.00 ? 30  HYP B OD1 1 
HETATM 410 N N   . NH2 B 1 32 ? 4.917   -16.093 -39.154 1.00 10.77 ? 31  NH2 B N   1 
HETATM 411 C C   . ACE C 1 1  ? -8.723  12.226  37.315  1.00 14.57 ? 0   ACE C C   1 
HETATM 412 O O   . ACE C 1 1  ? -9.794  11.714  37.049  1.00 15.74 ? 0   ACE C O   1 
HETATM 413 C CH3 . ACE C 1 1  ? -8.763  13.665  37.724  1.00 17.04 ? 0   ACE C CH3 1 
ATOM   414 N N   . GLY C 1 2  ? -7.649  11.909  36.590  1.00 11.37 ? 1   GLY C N   1 
ATOM   415 C CA  . GLY C 1 2  ? -7.205  12.876  35.601  1.00 9.55  ? 1   GLY C CA  1 
ATOM   416 C C   . GLY C 1 2  ? -7.870  12.709  34.249  1.00 7.98  ? 1   GLY C C   1 
ATOM   417 O O   . GLY C 1 2  ? -8.620  11.752  34.019  1.00 7.09  ? 1   GLY C O   1 
ATOM   418 N N   . PRO C 1 3  ? -7.587  13.642  33.338  1.00 8.34  ? 2   PRO C N   1 
ATOM   419 C CA  . PRO C 1 3  ? -8.116  13.517  31.987  1.00 7.70  ? 2   PRO C CA  1 
ATOM   420 C C   . PRO C 1 3  ? -7.395  12.427  31.205  1.00 6.49  ? 2   PRO C C   1 
ATOM   421 O O   . PRO C 1 3  ? -6.287  12.019  31.568  1.00 6.48  ? 2   PRO C O   1 
ATOM   422 C CB  . PRO C 1 3  ? -7.795  14.865  31.357  1.00 8.18  ? 2   PRO C CB  1 
ATOM   423 C CG  . PRO C 1 3  ? -6.577  15.332  32.084  1.00 9.51  ? 2   PRO C CG  1 
ATOM   424 C CD  . PRO C 1 3  ? -6.698  14.805  33.488  1.00 9.09  ? 2   PRO C CD  1 
HETATM 425 N N   . HYP C 1 4  ? -8.004  11.972  30.110  1.00 6.45  ? 3   HYP C N   1 
HETATM 426 C CA  . HYP C 1 4  ? -7.315  11.010  29.257  1.00 6.02  ? 3   HYP C CA  1 
HETATM 427 C C   . HYP C 1 4  ? -5.991  11.549  28.744  1.00 5.50  ? 3   HYP C C   1 
HETATM 428 O O   . HYP C 1 4  ? -5.841  12.753  28.530  1.00 6.15  ? 3   HYP C O   1 
HETATM 429 C CB  . HYP C 1 4  ? -8.289  10.782  28.099  1.00 6.72  ? 3   HYP C CB  1 
HETATM 430 C CG  . HYP C 1 4  ? -9.637  11.098  28.703  1.00 6.55  ? 3   HYP C CG  1 
HETATM 431 C CD  . HYP C 1 4  ? -9.375  12.250  29.648  1.00 6.64  ? 3   HYP C CD  1 
HETATM 432 O OD1 . HYP C 1 4  ? -10.071 10.010  29.495  1.00 7.91  ? 3   HYP C OD1 1 
ATOM   433 N N   . GLY C 1 5  ? -5.037  10.658  28.535  1.00 5.62  ? 4   GLY C N   1 
ATOM   434 C CA  . GLY C 1 5  ? -3.799  11.048  27.929  1.00 6.03  ? 4   GLY C CA  1 
ATOM   435 C C   . GLY C 1 5  ? -3.955  11.457  26.478  1.00 6.57  ? 4   GLY C C   1 
ATOM   436 O O   . GLY C 1 5  ? -4.995  11.241  25.853  1.00 6.01  ? 4   GLY C O   1 
ATOM   437 N N   . PRO C 1 6  ? -2.897  12.058  25.930  1.00 7.18  ? 5   PRO C N   1 
ATOM   438 C CA  . PRO C 1 6  ? -2.891  12.448  24.539  1.00 7.50  ? 5   PRO C CA  1 
ATOM   439 C C   . PRO C 1 6  ? -3.005  11.269  23.576  1.00 6.77  ? 5   PRO C C   1 
ATOM   440 O O   . PRO C 1 6  ? -2.670  10.146  23.938  1.00 6.72  ? 5   PRO C O   1 
ATOM   441 C CB  . PRO C 1 6  ? -1.510  13.093  24.372  1.00 8.29  ? 5   PRO C CB  1 
ATOM   442 C CG  . PRO C 1 6  ? -1.070  13.466  25.724  1.00 9.28  ? 5   PRO C CG  1 
ATOM   443 C CD  . PRO C 1 6  ? -1.646  12.430  26.612  1.00 7.87  ? 5   PRO C CD  1 
HETATM 444 N N   . HYP C 1 7  ? -3.415  11.528  22.337  1.00 6.84  ? 6   HYP C N   1 
HETATM 445 C CA  . HYP C 1 7  ? -3.334  10.489  21.314  1.00 7.08  ? 6   HYP C CA  1 
HETATM 446 C C   . HYP C 1 7  ? -1.880  10.057  21.119  1.00 6.67  ? 6   HYP C C   1 
HETATM 447 O O   . HYP C 1 7  ? -0.947  10.831  21.359  1.00 7.11  ? 6   HYP C O   1 
HETATM 448 C CB  . HYP C 1 7  ? -3.888  11.151  20.060  1.00 7.54  ? 6   HYP C CB  1 
HETATM 449 C CG  . HYP C 1 7  ? -4.757  12.264  20.605  1.00 9.20  ? 6   HYP C CG  1 
HETATM 450 C CD  . HYP C 1 7  ? -3.935  12.784  21.763  1.00 8.02  ? 6   HYP C CD  1 
HETATM 451 O OD1 . HYP C 1 7  ? -5.968  11.738  21.136  1.00 12.79 ? 6   HYP C OD1 1 
ATOM   452 N N   . GLY C 1 8  ? -1.695  8.814   20.698  1.00 7.04  ? 7   GLY C N   1 
ATOM   453 C CA  . GLY C 1 8  ? -0.368  8.297   20.460  1.00 6.58  ? 7   GLY C CA  1 
ATOM   454 C C   . GLY C 1 8  ? 0.293   8.872   19.217  1.00 6.57  ? 7   GLY C C   1 
ATOM   455 O O   . GLY C 1 8  ? -0.317  9.687   18.491  1.00 6.07  ? 7   GLY C O   1 
ATOM   456 N N   . PRO C 1 9  ? 1.533   8.447   18.953  1.00 6.78  ? 8   PRO C N   1 
ATOM   457 C CA  . PRO C 1 9  ? 2.288   8.931   17.799  1.00 6.73  ? 8   PRO C CA  1 
ATOM   458 C C   . PRO C 1 9  ? 1.691   8.489   16.476  1.00 6.25  ? 8   PRO C C   1 
ATOM   459 O O   . PRO C 1 9  ? 0.893   7.550   16.434  1.00 6.12  ? 8   PRO C O   1 
ATOM   460 C CB  . PRO C 1 9  ? 3.667   8.286   17.986  1.00 7.28  ? 8   PRO C CB  1 
ATOM   461 C CG  . PRO C 1 9  ? 3.725   8.002   19.458  1.00 7.69  ? 8   PRO C CG  1 
ATOM   462 C CD  . PRO C 1 9  ? 2.356   7.595   19.829  1.00 7.27  ? 8   PRO C CD  1 
HETATM 463 N N   . HYP C 1 10 ? 2.080   9.162   15.384  1.00 6.81  ? 9   HYP C N   1 
HETATM 464 C CA  . HYP C 1 10 ? 1.571   8.750   14.078  1.00 6.95  ? 9   HYP C CA  1 
HETATM 465 C C   . HYP C 1 10 ? 1.985   7.319   13.722  1.00 6.28  ? 9   HYP C C   1 
HETATM 466 O O   . HYP C 1 10 ? 3.097   6.879   14.059  1.00 7.23  ? 9   HYP C O   1 
HETATM 467 C CB  . HYP C 1 10 ? 2.198   9.758   13.124  1.00 7.46  ? 9   HYP C CB  1 
HETATM 468 C CG  . HYP C 1 10 ? 2.647   10.927  13.978  1.00 7.77  ? 9   HYP C CG  1 
HETATM 469 C CD  . HYP C 1 10 ? 3.024   10.292  15.303  1.00 7.58  ? 9   HYP C CD  1 
HETATM 470 O OD1 . HYP C 1 10 ? 1.552   11.791  14.141  1.00 8.28  ? 9   HYP C OD1 1 
ATOM   471 N N   . GLY C 1 11 ? 1.067   6.607   13.078  1.00 5.53  ? 10  GLY C N   1 
ATOM   472 C CA  . GLY C 1 11 ? 1.329   5.269   12.623  1.00 5.63  ? 10  GLY C CA  1 
ATOM   473 C C   . GLY C 1 11 ? 2.276   5.241   11.443  1.00 5.73  ? 10  GLY C C   1 
ATOM   474 O O   . GLY C 1 11 ? 2.483   6.245   10.763  1.00 6.14  ? 10  GLY C O   1 
ATOM   475 N N   . PRO C 1 12 ? 2.851   4.078   11.181  1.00 5.74  ? 11  PRO C N   1 
ATOM   476 C CA  . PRO C 1 12 ? 3.777   3.918   10.076  1.00 5.64  ? 11  PRO C CA  1 
ATOM   477 C C   . PRO C 1 12 ? 3.095   3.737   8.721   1.00 5.01  ? 11  PRO C C   1 
ATOM   478 O O   . PRO C 1 12 ? 1.931   3.354   8.644   1.00 5.15  ? 11  PRO C O   1 
ATOM   479 C CB  . PRO C 1 12 ? 4.513   2.636   10.443  1.00 6.57  ? 11  PRO C CB  1 
ATOM   480 C CG  . PRO C 1 12 ? 3.481   1.823   11.139  1.00 7.06  ? 11  PRO C CG  1 
ATOM   481 C CD  . PRO C 1 12 ? 2.758   2.846   11.989  1.00 5.92  ? 11  PRO C CD  1 
ATOM   482 N N   . ARG C 1 13 ? 3.847   3.973   7.656   1.00 5.00  ? 12  ARG C N   1 
ATOM   483 C CA  . ARG C 1 13 ? 3.327   3.850   6.311   1.00 5.08  ? 12  ARG C CA  1 
ATOM   484 C C   . ARG C 1 13 ? 2.869   2.442   5.970   1.00 4.63  ? 12  ARG C C   1 
ATOM   485 O O   . ARG C 1 13 ? 3.448   1.449   6.437   1.00 4.42  ? 12  ARG C O   1 
ATOM   486 C CB  . ARG C 1 13 ? 4.368   4.314   5.309   1.00 5.39  ? 12  ARG C CB  1 
ATOM   487 C CG  . ARG C 1 13 ? 3.870   4.345   3.868   1.00 6.16  ? 12  ARG C CG  1 
ATOM   488 C CD  . ARG C 1 13 ? 4.853   4.977   2.936   1.00 7.88  ? 12  ARG C CD  1 
ATOM   489 N NE  . ARG C 1 13 ? 5.124   6.359   3.310   1.00 7.76  ? 12  ARG C NE  1 
ATOM   490 C CZ  . ARG C 1 13 ? 4.335   7.399   3.036   1.00 7.23  ? 12  ARG C CZ  1 
ATOM   491 N NH1 . ARG C 1 13 ? 3.194   7.263   2.371   1.00 6.46  ? 12  ARG C NH1 1 
ATOM   492 N NH2 . ARG C 1 13 ? 4.701   8.606   3.439   1.00 8.55  ? 12  ARG C NH2 1 
ATOM   493 N N   . GLY C 1 14 ? 1.825   2.361   5.159   1.00 4.45  ? 13  GLY C N   1 
ATOM   494 C CA  . GLY C 1 14 ? 1.341   1.101   4.676   1.00 4.32  ? 13  GLY C CA  1 
ATOM   495 C C   . GLY C 1 14 ? 2.276   0.390   3.723   1.00 4.45  ? 13  GLY C C   1 
ATOM   496 O O   . GLY C 1 14 ? 3.223   0.965   3.184   1.00 4.50  ? 13  GLY C O   1 
ATOM   497 N N   . GLN C 1 15 ? 1.988   -0.891  3.521   1.00 4.54  ? 14  GLN C N   1 
ATOM   498 C CA  . GLN C 1 15 ? 2.774   -1.738  2.643   1.00 5.07  ? 14  GLN C CA  1 
ATOM   499 C C   . GLN C 1 15 ? 2.564   -1.334  1.181   1.00 5.48  ? 14  GLN C C   1 
ATOM   500 O O   . GLN C 1 15 ? 1.529   -0.749  0.823   1.00 5.12  ? 14  GLN C O   1 
ATOM   501 C CB  . GLN C 1 15 ? 2.352   -3.199  2.790   1.00 6.15  ? 14  GLN C CB  1 
ATOM   502 C CG  . GLN C 1 15 ? 2.585   -3.834  4.156   1.00 6.55  ? 14  GLN C CG  1 
ATOM   503 C CD  . GLN C 1 15 ? 2.270   -5.327  4.151   1.00 9.12  ? 14  GLN C CD  1 
ATOM   504 O OE1 . GLN C 1 15 ? 2.912   -6.103  3.438   1.00 13.88 ? 14  GLN C OE1 1 
ATOM   505 N NE2 . GLN C 1 15 ? 1.287   -5.732  4.937   1.00 11.54 ? 14  GLN C NE2 1 
HETATM 506 N N   . HYP C 1 16 ? 3.527   -1.677  0.314   1.00 5.55  ? 15  HYP C N   1 
HETATM 507 C CA  . HYP C 1 16 ? 3.331   -1.445  -1.116  1.00 5.72  ? 15  HYP C CA  1 
HETATM 508 C C   . HYP C 1 16 ? 2.108   -2.204  -1.623  1.00 5.84  ? 15  HYP C C   1 
HETATM 509 O O   . HYP C 1 16 ? 1.772   -3.274  -1.130  1.00 6.31  ? 15  HYP C O   1 
HETATM 510 C CB  . HYP C 1 16 ? 4.603   -1.985  -1.740  1.00 6.28  ? 15  HYP C CB  1 
HETATM 511 C CG  . HYP C 1 16 ? 5.633   -1.897  -0.633  1.00 6.84  ? 15  HYP C CG  1 
HETATM 512 C CD  . HYP C 1 16 ? 4.850   -2.242  0.617   1.00 6.24  ? 15  HYP C CD  1 
HETATM 513 O OD1 . HYP C 1 16 ? 6.103   -0.570  -0.509  1.00 9.13  ? 15  HYP C OD1 1 
ATOM   514 N N   . GLY C 1 17 ? 1.465   -1.645  -2.636  1.00 6.10  ? 16  GLY C N   1 
ATOM   515 C CA  . GLY C 1 17 ? 0.323   -2.279  -3.249  1.00 6.53  ? 16  GLY C CA  1 
ATOM   516 C C   . GLY C 1 17 ? 0.667   -3.512  -4.063  1.00 6.42  ? 16  GLY C C   1 
ATOM   517 O O   . GLY C 1 17 ? 1.836   -3.848  -4.281  1.00 6.48  ? 16  GLY C O   1 
ATOM   518 N N   . VAL C 1 18 ? -0.392  -4.208  -4.461  1.00 6.83  ? 17  VAL C N   1 
ATOM   519 C CA  A VAL C 1 18 ? -0.311  -5.404  -5.294  0.50 6.88  ? 17  VAL C CA  1 
ATOM   520 C CA  B VAL C 1 18 ? -0.260  -5.412  -5.286  0.50 7.36  ? 17  VAL C CA  1 
ATOM   521 C C   . VAL C 1 18 ? 0.220   -5.040  -6.684  1.00 6.71  ? 17  VAL C C   1 
ATOM   522 O O   . VAL C 1 18 ? -0.237  -4.067  -7.274  1.00 6.58  ? 17  VAL C O   1 
ATOM   523 C CB  A VAL C 1 18 ? -1.731  -6.032  -5.404  0.50 7.10  ? 17  VAL C CB  1 
ATOM   524 C CB  B VAL C 1 18 ? -1.593  -6.205  -5.384  0.50 7.88  ? 17  VAL C CB  1 
ATOM   525 C CG1 A VAL C 1 18 ? -1.802  -7.095  -6.484  0.50 8.36  ? 17  VAL C CG1 1 
ATOM   526 C CG1 B VAL C 1 18 ? -2.716  -5.320  -5.877  0.50 9.23  ? 17  VAL C CG1 1 
ATOM   527 C CG2 A VAL C 1 18 ? -2.174  -6.573  -4.041  0.50 6.55  ? 17  VAL C CG2 1 
ATOM   528 C CG2 B VAL C 1 18 ? -1.444  -7.402  -6.304  0.50 10.00 ? 17  VAL C CG2 1 
ATOM   529 N N   . MET C 1 19 ? 1.147   -5.825  -7.219  1.00 6.17  ? 18  MET C N   1 
ATOM   530 C CA  . MET C 1 19 ? 1.648   -5.610  -8.574  1.00 6.78  ? 18  MET C CA  1 
ATOM   531 C C   . MET C 1 19 ? 0.497   -5.714  -9.557  1.00 6.27  ? 18  MET C C   1 
ATOM   532 O O   . MET C 1 19 ? -0.425  -6.503  -9.375  1.00 6.64  ? 18  MET C O   1 
ATOM   533 C CB  . MET C 1 19 ? 2.722   -6.640  -8.905  1.00 7.49  ? 18  MET C CB  1 
ATOM   534 C CG  . MET C 1 19 ? 3.298   -6.531  -10.283 1.00 9.39  ? 18  MET C CG  1 
ATOM   535 S SD  . MET C 1 19 ? 4.516   -7.812  -10.606 1.00 11.04 ? 18  MET C SD  1 
ATOM   536 C CE  . MET C 1 19 ? 3.547   -9.321  -10.457 1.00 11.51 ? 18  MET C CE  1 
ATOM   537 N N   . GLY C 1 20 ? 0.554   -4.906  -10.605 1.00 5.95  ? 19  GLY C N   1 
ATOM   538 C CA  . GLY C 1 20 ? -0.471  -4.929  -11.624 1.00 5.20  ? 19  GLY C CA  1 
ATOM   539 C C   . GLY C 1 20 ? -0.513  -6.241  -12.379 1.00 5.68  ? 19  GLY C C   1 
ATOM   540 O O   . GLY C 1 20 ? 0.393   -7.079  -12.268 1.00 5.54  ? 19  GLY C O   1 
ATOM   541 N N   . PHE C 1 21 ? -1.591  -6.423  -13.127 1.00 5.93  ? 20  PHE C N   1 
ATOM   542 C CA  . PHE C 1 21 ? -1.743  -7.597  -13.961 1.00 5.86  ? 20  PHE C CA  1 
ATOM   543 C C   . PHE C 1 21 ? -0.692  -7.638  -15.068 1.00 6.52  ? 20  PHE C C   1 
ATOM   544 O O   . PHE C 1 21 ? -0.219  -6.595  -15.535 1.00 7.12  ? 20  PHE C O   1 
ATOM   545 C CB  . PHE C 1 21 ? -3.113  -7.600  -14.650 1.00 5.81  ? 20  PHE C CB  1 
ATOM   546 C CG  . PHE C 1 21 ? -4.268  -8.056  -13.785 1.00 6.45  ? 20  PHE C CG  1 
ATOM   547 C CD1 . PHE C 1 21 ? -4.156  -9.139  -12.912 1.00 7.27  ? 20  PHE C CD1 1 
ATOM   548 C CD2 . PHE C 1 21 ? -5.490  -7.422  -13.886 1.00 7.77  ? 20  PHE C CD2 1 
ATOM   549 C CE1 . PHE C 1 21 ? -5.226  -9.537  -12.149 1.00 8.66  ? 20  PHE C CE1 1 
ATOM   550 C CE2 . PHE C 1 21 ? -6.562  -7.825  -13.131 1.00 9.13  ? 20  PHE C CE2 1 
ATOM   551 C CZ  . PHE C 1 21 ? -6.430  -8.889  -12.259 1.00 7.87  ? 20  PHE C CZ  1 
HETATM 552 N N   . HYP C 1 22 ? -0.384  -8.844  -15.557 1.00 6.44  ? 21  HYP C N   1 
HETATM 553 C CA  . HYP C 1 22 ? 0.403   -8.952  -16.780 1.00 6.10  ? 21  HYP C CA  1 
HETATM 554 C C   . HYP C 1 22 ? -0.262  -8.177  -17.907 1.00 6.01  ? 21  HYP C C   1 
HETATM 555 O O   . HYP C 1 22 ? -1.484  -8.032  -17.915 1.00 6.37  ? 21  HYP C O   1 
HETATM 556 C CB  . HYP C 1 22 ? 0.370   -10.438 -17.116 1.00 6.52  ? 21  HYP C CB  1 
HETATM 557 C CG  . HYP C 1 22 ? 0.130   -11.121 -15.783 1.00 6.91  ? 21  HYP C CG  1 
HETATM 558 C CD  . HYP C 1 22 ? -0.801  -10.171 -15.056 1.00 6.55  ? 21  HYP C CD  1 
HETATM 559 O OD1 . HYP C 1 22 ? 1.350   -11.217 -15.081 1.00 9.14  ? 21  HYP C OD1 1 
ATOM   560 N N   . GLY C 1 23 ? 0.533   -7.697  -18.858 1.00 5.91  ? 22  GLY C N   1 
ATOM   561 C CA  . GLY C 1 23 ? -0.033  -7.036  -20.024 1.00 6.15  ? 22  GLY C CA  1 
ATOM   562 C C   . GLY C 1 23 ? -0.799  -8.003  -20.914 1.00 6.20  ? 22  GLY C C   1 
ATOM   563 O O   . GLY C 1 23 ? -0.809  -9.209  -20.683 1.00 6.14  ? 22  GLY C O   1 
ATOM   564 N N   . PRO C 1 24 ? -1.440  -7.475  -21.953 1.00 6.23  ? 23  PRO C N   1 
ATOM   565 C CA  . PRO C 1 24 ? -2.103  -8.309  -22.943 1.00 6.21  ? 23  PRO C CA  1 
ATOM   566 C C   . PRO C 1 24 ? -1.087  -9.025  -23.861 1.00 6.04  ? 23  PRO C C   1 
ATOM   567 O O   . PRO C 1 24 ? 0.091   -8.663  -23.889 1.00 6.09  ? 23  PRO C O   1 
ATOM   568 C CB  . PRO C 1 24 ? -2.922  -7.293  -23.730 1.00 6.24  ? 23  PRO C CB  1 
ATOM   569 C CG  . PRO C 1 24 ? -2.085  -6.074  -23.691 1.00 7.31  ? 23  PRO C CG  1 
ATOM   570 C CD  . PRO C 1 24 ? -1.481  -6.054  -22.323 1.00 7.22  ? 23  PRO C CD  1 
HETATM 571 N N   . HYP C 1 25 ? -1.544  -10.021 -24.630 1.00 6.25  ? 24  HYP C N   1 
HETATM 572 C CA  . HYP C 1 25 ? -0.660  -10.664 -25.586 1.00 5.91  ? 24  HYP C CA  1 
HETATM 573 C C   . HYP C 1 25 ? -0.072  -9.662  -26.571 1.00 5.48  ? 24  HYP C C   1 
HETATM 574 O O   . HYP C 1 25 ? -0.700  -8.644  -26.907 1.00 5.69  ? 24  HYP C O   1 
HETATM 575 C CB  . HYP C 1 25 ? -1.546  -11.677 -26.303 1.00 6.09  ? 24  HYP C CB  1 
HETATM 576 C CG  . HYP C 1 25 ? -2.632  -11.990 -25.298 1.00 6.17  ? 24  HYP C CG  1 
HETATM 577 C CD  . HYP C 1 25 ? -2.859  -10.657 -24.598 1.00 6.24  ? 24  HYP C CD  1 
HETATM 578 O OD1 . HYP C 1 25 ? -2.113  -12.940 -24.386 1.00 7.74  ? 24  HYP C OD1 1 
ATOM   579 N N   . GLY C 1 26 ? 1.127   -9.971  -27.031 1.00 5.41  ? 25  GLY C N   1 
ATOM   580 C CA  . GLY C 1 26 ? 1.867   -9.097  -27.915 1.00 5.43  ? 25  GLY C CA  1 
ATOM   581 C C   . GLY C 1 26 ? 1.266   -9.032  -29.298 1.00 5.50  ? 25  GLY C C   1 
ATOM   582 O O   . GLY C 1 26 ? 0.276   -9.710  -29.609 1.00 5.34  ? 25  GLY C O   1 
ATOM   583 N N   . PRO C 1 27 ? 1.863   -8.204  -30.151 1.00 5.88  ? 26  PRO C N   1 
ATOM   584 C CA  . PRO C 1 27 ? 1.343   -8.024  -31.491 1.00 5.82  ? 26  PRO C CA  1 
ATOM   585 C C   . PRO C 1 27 ? 1.641   -9.224  -32.361 1.00 5.80  ? 26  PRO C C   1 
ATOM   586 O O   . PRO C 1 27 ? 2.480   -10.040 -32.015 1.00 5.45  ? 26  PRO C O   1 
ATOM   587 C CB  . PRO C 1 27 ? 2.075   -6.777  -31.982 1.00 6.59  ? 26  PRO C CB  1 
ATOM   588 C CG  . PRO C 1 27 ? 3.343   -6.803  -31.253 1.00 6.91  ? 26  PRO C CG  1 
ATOM   589 C CD  . PRO C 1 27 ? 3.018   -7.336  -29.897 1.00 6.06  ? 26  PRO C CD  1 
HETATM 590 N N   . HYP C 1 28 ? 0.926   -9.351  -33.470 1.00 5.77  ? 27  HYP C N   1 
HETATM 591 C CA  . HYP C 1 28 ? 1.161   -10.468 -34.372 1.00 6.14  ? 27  HYP C CA  1 
HETATM 592 C C   . HYP C 1 28 ? 2.595   -10.505 -34.862 1.00 7.14  ? 27  HYP C C   1 
HETATM 593 O O   . HYP C 1 28 ? 3.205   -9.455  -35.124 1.00 7.48  ? 27  HYP C O   1 
HETATM 594 C CB  . HYP C 1 28 ? 0.189   -10.231 -35.525 1.00 6.33  ? 27  HYP C CB  1 
HETATM 595 C CG  . HYP C 1 28 ? -0.869  -9.335  -34.920 1.00 5.98  ? 27  HYP C CG  1 
HETATM 596 C CD  . HYP C 1 28 ? -0.072  -8.422  -34.014 1.00 5.80  ? 27  HYP C CD  1 
HETATM 597 O OD1 . HYP C 1 28 ? -1.786  -10.123 -34.187 1.00 7.33  ? 27  HYP C OD1 1 
ATOM   598 N N   . GLY C 1 29 ? 3.133   -11.709 -34.977 1.00 8.19  ? 28  GLY C N   1 
ATOM   599 C CA  . GLY C 1 29 ? 4.431   -11.877 -35.572 1.00 8.64  ? 28  GLY C CA  1 
ATOM   600 C C   . GLY C 1 29 ? 4.408   -11.488 -37.041 1.00 9.60  ? 28  GLY C C   1 
ATOM   601 O O   . GLY C 1 29 ? 3.335   -11.305 -37.643 1.00 8.68  ? 28  GLY C O   1 
ATOM   602 N N   . PRO C 1 30 ? 5.602   -11.379 -37.633 1.00 11.15 ? 29  PRO C N   1 
ATOM   603 C CA  . PRO C 1 30 ? 5.737   -11.148 -39.054 1.00 12.27 ? 29  PRO C CA  1 
ATOM   604 C C   . PRO C 1 30 ? 5.006   -12.155 -39.923 1.00 13.34 ? 29  PRO C C   1 
ATOM   605 O O   . PRO C 1 30 ? 4.627   -13.251 -39.467 1.00 12.49 ? 29  PRO C O   1 
ATOM   606 C CB  . PRO C 1 30 ? 7.243   -11.268 -39.272 1.00 12.41 ? 29  PRO C CB  1 
ATOM   607 C CG  . PRO C 1 30 ? 7.811   -10.789 -38.029 1.00 11.93 ? 29  PRO C CG  1 
ATOM   608 C CD  . PRO C 1 30 ? 6.911   -11.303 -36.958 1.00 11.50 ? 29  PRO C CD  1 
HETATM 609 N N   . HYP C 1 31 ? 4.823   -11.804 -41.193 1.00 14.99 ? 30  HYP C N   1 
HETATM 610 C CA  . HYP C 1 31 ? 4.258   -12.779 -42.124 1.00 15.73 ? 30  HYP C CA  1 
HETATM 611 C C   . HYP C 1 31 ? 5.146   -14.027 -42.274 1.00 16.58 ? 30  HYP C C   1 
HETATM 612 O O   . HYP C 1 31 ? 6.367   -13.965 -42.057 1.00 17.48 ? 30  HYP C O   1 
HETATM 613 C CB  . HYP C 1 31 ? 4.210   -12.001 -43.430 1.00 16.14 ? 30  HYP C CB  1 
HETATM 614 C CG  . HYP C 1 31 ? 4.095   -10.552 -43.014 1.00 16.02 ? 30  HYP C CG  1 
HETATM 615 C CD  . HYP C 1 31 ? 4.969   -10.456 -41.777 1.00 15.50 ? 30  HYP C CD  1 
HETATM 616 O OD1 . HYP C 1 31 ? 2.753   -10.265 -42.653 1.00 18.22 ? 30  HYP C OD1 1 
HETATM 617 N N   . NH2 C 1 32 ? 4.551   -15.119 -42.470 1.00 17.29 ? 31  NH2 C N   1 
HETATM 618 C C1  . GOL D 2 .  ? 0.747   -17.842 -29.154 1.00 19.22 ? 101 GOL A C1  1 
HETATM 619 O O1  . GOL D 2 .  ? 0.437   -18.018 -27.776 1.00 18.23 ? 101 GOL A O1  1 
HETATM 620 C C2  . GOL D 2 .  ? 2.233   -18.063 -29.483 1.00 18.86 ? 101 GOL A C2  1 
HETATM 621 O O2  . GOL D 2 .  ? 3.049   -17.046 -28.960 1.00 16.53 ? 101 GOL A O2  1 
HETATM 622 C C3  . GOL D 2 .  ? 2.469   -18.055 -30.990 1.00 18.09 ? 101 GOL A C3  1 
HETATM 623 O O3  . GOL D 2 .  ? 1.685   -19.026 -31.631 1.00 13.99 ? 101 GOL A O3  1 
HETATM 624 C C1  . GOL E 2 .  ? 8.409   -15.207 -30.329 1.00 18.68 ? 101 GOL B C1  1 
HETATM 625 O O1  . GOL E 2 .  ? 7.048   -15.028 -30.001 1.00 14.64 ? 101 GOL B O1  1 
HETATM 626 C C2  . GOL E 2 .  ? 9.302   -14.761 -29.165 1.00 19.08 ? 101 GOL B C2  1 
HETATM 627 O O2  . GOL E 2 .  ? 10.643  -15.173 -29.348 1.00 18.12 ? 101 GOL B O2  1 
HETATM 628 C C3  . GOL E 2 .  ? 9.136   -13.252 -28.891 1.00 19.48 ? 101 GOL B C3  1 
HETATM 629 O O3  . GOL E 2 .  ? 9.512   -12.376 -29.958 1.00 15.25 ? 101 GOL B O3  1 
HETATM 630 C C1  . GOL F 2 .  ? -1.030  -9.645  -10.725 1.00 10.83 ? 101 GOL C C1  1 
HETATM 631 O O1  . GOL F 2 .  ? 0.100   -9.667  -11.587 1.00 10.19 ? 101 GOL C O1  1 
HETATM 632 C C2  . GOL F 2 .  ? -0.649  -10.026 -9.303  1.00 11.42 ? 101 GOL C C2  1 
HETATM 633 O O2  . GOL F 2 .  ? 0.178   -9.043  -8.740  1.00 11.64 ? 101 GOL C O2  1 
HETATM 634 C C3  . GOL F 2 .  ? -1.888  -10.100 -8.427  1.00 11.54 ? 101 GOL C C3  1 
HETATM 635 O O3  . GOL F 2 .  ? -2.594  -11.297 -8.616  1.00 10.74 ? 101 GOL C O3  1 
HETATM 636 C C1  . GOL G 2 .  ? -2.837  -10.118 -30.538 1.00 14.71 ? 102 GOL C C1  1 
HETATM 637 O O1  . GOL G 2 .  ? -1.742  -9.769  -31.348 1.00 13.67 ? 102 GOL C O1  1 
HETATM 638 C C2  . GOL G 2 .  ? -4.000  -9.159  -30.772 1.00 14.40 ? 102 GOL C C2  1 
HETATM 639 O O2  . GOL G 2 .  ? -3.716  -7.935  -30.113 1.00 13.27 ? 102 GOL C O2  1 
HETATM 640 C C3  . GOL G 2 .  ? -4.290  -8.886  -32.247 1.00 14.26 ? 102 GOL C C3  1 
HETATM 641 O O3  . GOL G 2 .  ? -4.645  -10.071 -32.943 1.00 15.95 ? 102 GOL C O3  1 
HETATM 642 O O   . HOH H 3 .  ? 3.865   -14.773 -20.222 1.00 27.75 ? 201 HOH A O   1 
HETATM 643 O O   . HOH H 3 .  ? 6.072   -14.009 -20.018 1.00 30.18 ? 202 HOH A O   1 
HETATM 644 O O   . HOH H 3 .  ? 0.912   -16.340 -25.919 1.00 12.95 ? 203 HOH A O   1 
HETATM 645 O O   . HOH H 3 .  ? 1.871   5.624   -4.756  1.00 6.35  ? 204 HOH A O   1 
HETATM 646 O O   . HOH H 3 .  ? -10.251 4.743   21.857  1.00 26.75 ? 205 HOH A O   1 
HETATM 647 O O   . HOH H 3 .  ? 5.733   -17.324 -29.157 1.00 10.29 ? 206 HOH A O   1 
HETATM 648 O O   . HOH H 3 .  ? 9.407   -0.709  -14.093 1.00 23.38 ? 207 HOH A O   1 
HETATM 649 O O   . HOH H 3 .  ? 2.074   0.715   -11.422 1.00 6.64  ? 208 HOH A O   1 
HETATM 650 O O   . HOH H 3 .  ? -1.248  3.756   -3.248  1.00 9.78  ? 209 HOH A O   1 
HETATM 651 O O   . HOH H 3 .  ? 5.873   -12.933 -22.718 1.00 12.41 ? 210 HOH A O   1 
HETATM 652 O O   . HOH H 3 .  ? 2.776   6.982   7.978   1.00 11.23 ? 211 HOH A O   1 
HETATM 653 O O   . HOH H 3 .  ? -6.796  3.793   24.721  1.00 11.89 ? 212 HOH A O   1 
HETATM 654 O O   . HOH H 3 .  ? -3.792  9.805   9.337   1.00 16.35 ? 213 HOH A O   1 
HETATM 655 O O   . HOH H 3 .  ? 7.613   -17.581 -27.142 1.00 18.59 ? 214 HOH A O   1 
HETATM 656 O O   . HOH H 3 .  ? 5.080   -0.574  -4.937  1.00 15.30 ? 215 HOH A O   1 
HETATM 657 O O   . HOH H 3 .  ? 3.374   -20.298 -35.916 1.00 19.49 ? 216 HOH A O   1 
HETATM 658 O O   . HOH H 3 .  ? 6.009   -11.691 -18.367 1.00 24.53 ? 217 HOH A O   1 
HETATM 659 O O   . HOH H 3 .  ? 3.240   -16.903 -21.730 1.00 15.47 ? 218 HOH A O   1 
HETATM 660 O O   . HOH H 3 .  ? -4.629  8.282   4.465   1.00 21.32 ? 219 HOH A O   1 
HETATM 661 O O   . HOH H 3 .  ? -2.500  -18.588 -36.718 1.00 14.35 ? 220 HOH A O   1 
HETATM 662 O O   . HOH H 3 .  ? -8.521  0.988   16.226  1.00 38.66 ? 221 HOH A O   1 
HETATM 663 O O   . HOH H 3 .  ? 2.596   -12.631 -19.229 1.00 20.40 ? 222 HOH A O   1 
HETATM 664 O O   . HOH H 3 .  ? -7.309  6.444   17.774  1.00 20.02 ? 223 HOH A O   1 
HETATM 665 O O   . HOH H 3 .  ? 6.537   -1.955  -17.104 1.00 32.77 ? 224 HOH A O   1 
HETATM 666 O O   . HOH H 3 .  ? -4.105  7.979   7.077   1.00 18.00 ? 225 HOH A O   1 
HETATM 667 O O   . HOH H 3 .  ? 6.741   -19.498 -30.570 1.00 19.93 ? 226 HOH A O   1 
HETATM 668 O O   . HOH H 3 .  ? 8.478   -15.277 -26.217 1.00 19.10 ? 227 HOH A O   1 
HETATM 669 O O   . HOH H 3 .  ? -6.265  5.740   15.142  1.00 26.48 ? 228 HOH A O   1 
HETATM 670 O O   . HOH H 3 .  ? -3.438  4.795   5.240   1.00 10.38 ? 229 HOH A O   1 
HETATM 671 O O   . HOH H 3 .  ? 6.773   -4.563  -16.272 1.00 36.53 ? 230 HOH A O   1 
HETATM 672 O O   . HOH H 3 .  ? -5.625  0.263   21.724  1.00 21.81 ? 231 HOH A O   1 
HETATM 673 O O   . HOH H 3 .  ? -6.212  8.460   11.841  1.00 22.60 ? 232 HOH A O   1 
HETATM 674 O O   . HOH H 3 .  ? 7.241   -4.488  -12.716 1.00 37.06 ? 233 HOH A O   1 
HETATM 675 O O   . HOH H 3 .  ? 8.619   -4.907  -17.968 1.00 37.88 ? 234 HOH A O   1 
HETATM 676 O O   . HOH H 3 .  ? -6.930  5.755   37.247  1.00 44.47 ? 235 HOH A O   1 
HETATM 677 O O   . HOH H 3 .  ? -4.904  1.175   8.447   1.00 29.00 ? 236 HOH A O   1 
HETATM 678 O O   . HOH H 3 .  ? -7.885  9.086   36.605  1.00 49.11 ? 237 HOH A O   1 
HETATM 679 O O   . HOH I 3 .  ? 4.803   5.033   21.609  1.00 22.26 ? 201 HOH B O   1 
HETATM 680 O O   . HOH I 3 .  ? 0.267   0.019   -18.568 1.00 12.39 ? 202 HOH B O   1 
HETATM 681 O O   . HOH I 3 .  ? 3.461   -0.625  -25.504 1.00 50.73 ? 203 HOH B O   1 
HETATM 682 O O   . HOH I 3 .  ? 7.084   7.625   18.727  1.00 34.13 ? 204 HOH B O   1 
HETATM 683 O O   . HOH I 3 .  ? -7.467  -0.314  2.347   1.00 21.74 ? 205 HOH B O   1 
HETATM 684 O O   . HOH I 3 .  ? -3.050  -3.245  -3.597  1.00 8.71  ? 206 HOH B O   1 
HETATM 685 O O   . HOH I 3 .  ? -3.262  5.263   -1.848  1.00 31.91 ? 207 HOH B O   1 
HETATM 686 O O   . HOH I 3 .  ? -5.235  -5.373  -16.955 1.00 11.96 ? 208 HOH B O   1 
HETATM 687 O O   . HOH I 3 .  ? 8.218   -6.453  -26.709 1.00 28.30 ? 209 HOH B O   1 
HETATM 688 O O   . HOH I 3 .  ? -0.365  -1.813  5.029   1.00 5.68  ? 210 HOH B O   1 
HETATM 689 O O   . HOH I 3 .  ? 9.059   -12.197 -34.284 1.00 13.27 ? 211 HOH B O   1 
HETATM 690 O O   . HOH I 3 .  ? -7.718  -4.523  -18.091 1.00 24.19 ? 212 HOH B O   1 
HETATM 691 O O   . HOH I 3 .  ? -0.382  16.220  28.320  1.00 15.11 ? 213 HOH B O   1 
HETATM 692 O O   . HOH I 3 .  ? -4.779  -1.213  -11.628 1.00 10.39 ? 214 HOH B O   1 
HETATM 693 O O   . HOH I 3 .  ? 3.061   6.491   23.206  1.00 14.62 ? 215 HOH B O   1 
HETATM 694 O O   . HOH I 3 .  ? 6.080   -5.224  -29.969 1.00 27.64 ? 216 HOH B O   1 
HETATM 695 O O   . HOH I 3 .  ? -3.077  -4.797  -1.329  1.00 11.02 ? 217 HOH B O   1 
HETATM 696 O O   . HOH I 3 .  ? 6.111   5.604   17.307  1.00 16.02 ? 218 HOH B O   1 
HETATM 697 O O   . HOH I 3 .  ? -5.011  -2.329  6.046   1.00 48.35 ? 219 HOH B O   1 
HETATM 698 O O   . HOH I 3 .  ? 5.368   -5.365  -27.409 1.00 15.98 ? 220 HOH B O   1 
HETATM 699 O O   . HOH I 3 .  ? -3.171  -4.039  -13.223 1.00 8.25  ? 221 HOH B O   1 
HETATM 700 O O   . HOH I 3 .  ? -5.746  -0.757  -15.845 1.00 11.51 ? 222 HOH B O   1 
HETATM 701 O O   . HOH I 3 .  ? 7.063   -6.850  -24.261 1.00 15.35 ? 223 HOH B O   1 
HETATM 702 O O   . HOH I 3 .  ? 2.060   -2.725  11.784  1.00 10.58 ? 224 HOH B O   1 
HETATM 703 O O   . HOH I 3 .  ? -3.326  16.754  29.092  1.00 21.89 ? 225 HOH B O   1 
HETATM 704 O O   . HOH I 3 .  ? -5.363  -3.784  0.154   1.00 15.80 ? 226 HOH B O   1 
HETATM 705 O O   . HOH I 3 .  ? -2.814  18.518  33.731  1.00 26.48 ? 227 HOH B O   1 
HETATM 706 O O   . HOH I 3 .  ? -5.379  0.865   -8.441  1.00 9.12  ? 228 HOH B O   1 
HETATM 707 O O   . HOH I 3 .  ? 2.714   6.060   26.222  1.00 17.69 ? 229 HOH B O   1 
HETATM 708 O O   . HOH I 3 .  ? -5.576  1.599   16.146  1.00 29.68 ? 230 HOH B O   1 
HETATM 709 O O   . HOH I 3 .  ? -2.689  18.097  37.000  1.00 36.45 ? 231 HOH B O   1 
HETATM 710 O O   . HOH I 3 .  ? 5.681   -3.395  -25.407 1.00 31.95 ? 232 HOH B O   1 
HETATM 711 O O   . HOH I 3 .  ? -1.100  -18.877 -38.968 1.00 28.34 ? 233 HOH B O   1 
HETATM 712 O O   . HOH I 3 .  ? -0.479  -5.493  2.120   1.00 14.46 ? 234 HOH B O   1 
HETATM 713 O O   . HOH I 3 .  ? -5.563  -0.981  0.057   1.00 26.98 ? 235 HOH B O   1 
HETATM 714 O O   . HOH I 3 .  ? 6.941   6.744   21.350  1.00 37.38 ? 236 HOH B O   1 
HETATM 715 O O   . HOH I 3 .  ? 2.436   -17.817 -39.879 1.00 25.97 ? 237 HOH B O   1 
HETATM 716 O O   . HOH I 3 .  ? -1.282  -1.691  12.101  1.00 19.87 ? 238 HOH B O   1 
HETATM 717 O O   . HOH I 3 .  ? -1.289  -2.599  -20.707 1.00 28.32 ? 239 HOH B O   1 
HETATM 718 O O   . HOH I 3 .  ? -3.839  3.171   -0.734  1.00 26.19 ? 240 HOH B O   1 
HETATM 719 O O   . HOH I 3 .  ? 4.466   8.951   23.245  1.00 22.85 ? 241 HOH B O   1 
HETATM 720 O O   . HOH I 3 .  ? -7.796  6.120   2.378   1.00 32.79 ? 242 HOH B O   1 
HETATM 721 O O   . HOH I 3 .  ? -5.399  5.382   -1.542  1.00 40.10 ? 243 HOH B O   1 
HETATM 722 O O   . HOH I 3 .  ? 10.194  -17.779 -30.830 1.00 40.34 ? 244 HOH B O   1 
HETATM 723 O O   . HOH I 3 .  ? 6.643   -18.947 -40.956 1.00 43.89 ? 245 HOH B O   1 
HETATM 724 O O   . HOH I 3 .  ? -8.280  7.835   0.782   1.00 34.71 ? 246 HOH B O   1 
HETATM 725 O O   . HOH I 3 .  ? 7.190   11.626  22.417  1.00 28.42 ? 247 HOH B O   1 
HETATM 726 O O   . HOH I 3 .  ? -5.459  2.644   6.306   1.00 64.97 ? 248 HOH B O   1 
HETATM 727 O O   . HOH I 3 .  ? 5.441   -13.676 -37.343 1.00 60.85 ? 249 HOH B O   1 
HETATM 728 O O   . HOH I 3 .  ? -6.408  18.091  35.354  1.00 44.15 ? 250 HOH B O   1 
HETATM 729 O O   . HOH I 3 .  ? -4.281  -1.804  -3.330  1.00 67.26 ? 251 HOH B O   1 
HETATM 730 O O   . HOH I 3 .  ? 1.377   -20.669 -42.749 1.00 29.22 ? 252 HOH B O   1 
HETATM 731 O O   . HOH J 3 .  ? 5.653   6.359   7.824   1.00 24.48 ? 201 HOH C O   1 
HETATM 732 O O   . HOH J 3 .  ? 5.540   7.366   15.156  1.00 23.65 ? 202 HOH C O   1 
HETATM 733 O O   . HOH J 3 .  ? 4.227   -3.448  -5.685  1.00 15.10 ? 203 HOH C O   1 
HETATM 734 O O   . HOH J 3 .  ? -1.966  15.531  19.807  1.00 29.94 ? 204 HOH C O   1 
HETATM 735 O O   . HOH J 3 .  ? -0.345  -4.958  -0.628  1.00 10.81 ? 205 HOH C O   1 
HETATM 736 O O   . HOH J 3 .  ? 5.705   -3.566  3.586   1.00 10.54 ? 206 HOH C O   1 
HETATM 737 O O   . HOH J 3 .  ? 8.562   3.720   -1.004  1.00 24.66 ? 207 HOH C O   1 
HETATM 738 O O   . HOH J 3 .  ? 5.671   0.805   16.696  1.00 19.49 ? 208 HOH C O   1 
HETATM 739 O O   . HOH J 3 .  ? -4.174  14.706  27.385  1.00 13.36 ? 209 HOH C O   1 
HETATM 740 O O   . HOH J 3 .  ? 4.741   7.988   6.735   1.00 28.55 ? 210 HOH C O   1 
HETATM 741 O O   . HOH J 3 .  ? -2.495  -12.811 -17.488 1.00 15.66 ? 211 HOH C O   1 
HETATM 742 O O   . HOH J 3 .  ? -3.398  -8.065  -27.318 1.00 8.11  ? 212 HOH C O   1 
HETATM 743 O O   . HOH J 3 .  ? 6.130   -5.440  -5.546  1.00 26.71 ? 213 HOH C O   1 
HETATM 744 O O   . HOH J 3 .  ? 7.443   -3.800  1.470   1.00 10.85 ? 214 HOH C O   1 
HETATM 745 O O   . HOH J 3 .  ? 6.787   7.405   5.738   1.00 22.82 ? 215 HOH C O   1 
HETATM 746 O O   . HOH J 3 .  ? -2.428  -12.313 -13.003 1.00 7.01  ? 216 HOH C O   1 
HETATM 747 O O   . HOH J 3 .  ? 1.457   -11.945 -12.404 1.00 12.36 ? 217 HOH C O   1 
HETATM 748 O O   . HOH J 3 .  ? -4.131  -5.475  -26.640 1.00 9.57  ? 218 HOH C O   1 
HETATM 749 O O   . HOH J 3 .  ? -0.354  -6.373  -28.521 1.00 8.00  ? 219 HOH C O   1 
HETATM 750 O O   . HOH J 3 .  ? -7.840  12.932  19.673  1.00 16.06 ? 220 HOH C O   1 
HETATM 751 O O   . HOH J 3 .  ? 8.168   3.384   3.283   1.00 11.32 ? 221 HOH C O   1 
HETATM 752 O O   . HOH J 3 .  ? 4.691   1.418   0.841   1.00 6.05  ? 222 HOH C O   1 
HETATM 753 O O   . HOH J 3 .  ? -4.952  15.755  24.577  1.00 23.90 ? 223 HOH C O   1 
HETATM 754 O O   . HOH J 3 .  ? -5.415  -4.635  -24.315 1.00 17.98 ? 224 HOH C O   1 
HETATM 755 O O   . HOH J 3 .  ? 0.943   14.585  22.598  1.00 17.64 ? 225 HOH C O   1 
HETATM 756 O O   . HOH J 3 .  ? -6.056  -5.643  -21.961 1.00 34.40 ? 226 HOH C O   1 
HETATM 757 O O   . HOH J 3 .  ? -3.582  -6.471  -18.993 1.00 15.00 ? 227 HOH C O   1 
HETATM 758 O O   . HOH J 3 .  ? 2.587   -7.795  -5.554  1.00 13.57 ? 228 HOH C O   1 
HETATM 759 O O   . HOH J 3 .  ? -0.665  13.428  20.669  1.00 18.31 ? 229 HOH C O   1 
HETATM 760 O O   . HOH J 3 .  ? -3.050  -9.257  -38.130 1.00 14.75 ? 230 HOH C O   1 
HETATM 761 O O   . HOH J 3 .  ? -4.838  -11.109 -21.758 1.00 19.08 ? 231 HOH C O   1 
HETATM 762 O O   . HOH J 3 .  ? 6.766   -5.976  -0.166  1.00 16.18 ? 232 HOH C O   1 
HETATM 763 O O   . HOH J 3 .  ? 6.709   0.102   -3.294  1.00 17.91 ? 233 HOH C O   1 
HETATM 764 O O   . HOH J 3 .  ? -6.934  11.916  23.884  1.00 15.46 ? 234 HOH C O   1 
HETATM 765 O O   . HOH J 3 .  ? 3.011   -12.980 -16.409 1.00 20.67 ? 235 HOH C O   1 
HETATM 766 O O   . HOH J 3 .  ? -3.709  -3.968  -20.175 1.00 22.91 ? 236 HOH C O   1 
HETATM 767 O O   . HOH J 3 .  ? 7.326   2.105   1.061   1.00 20.62 ? 237 HOH C O   1 
HETATM 768 O O   . HOH J 3 .  ? -6.219  13.675  17.661  1.00 10.81 ? 238 HOH C O   1 
HETATM 769 O O   . HOH J 3 .  ? 4.902   10.365  10.574  1.00 25.20 ? 239 HOH C O   1 
HETATM 770 O O   . HOH J 3 .  ? 5.272   12.243  12.084  1.00 21.56 ? 240 HOH C O   1 
HETATM 771 O O   . HOH J 3 .  ? -4.981  -10.354 -27.103 1.00 19.26 ? 241 HOH C O   1 
HETATM 772 O O   . HOH J 3 .  ? -4.917  -7.843  -20.804 1.00 19.73 ? 242 HOH C O   1 
HETATM 773 O O   . HOH J 3 .  ? 7.102   5.570   11.101  1.00 24.06 ? 243 HOH C O   1 
HETATM 774 O O   . HOH J 3 .  ? -3.890  -9.891  -17.543 1.00 28.71 ? 244 HOH C O   1 
HETATM 775 O O   . HOH J 3 .  ? 3.781   11.573  19.582  1.00 33.70 ? 245 HOH C O   1 
HETATM 776 O O   . HOH J 3 .  ? -2.706  -11.232 -20.090 1.00 23.39 ? 246 HOH C O   1 
HETATM 777 O O   . HOH J 3 .  ? -0.002  -8.492  -38.648 1.00 20.77 ? 247 HOH C O   1 
HETATM 778 O O   . HOH J 3 .  ? 2.098   -7.196  -36.720 1.00 23.23 ? 248 HOH C O   1 
HETATM 779 O O   . HOH J 3 .  ? 1.638   8.832   10.264  1.00 22.90 ? 249 HOH C O   1 
HETATM 780 O O   . HOH J 3 .  ? 8.170   5.925   4.135   1.00 27.34 ? 250 HOH C O   1 
HETATM 781 O O   . HOH J 3 .  ? 4.764   2.511   15.012  1.00 27.26 ? 251 HOH C O   1 
HETATM 782 O O   . HOH J 3 .  ? 1.937   10.858  21.617  1.00 18.14 ? 252 HOH C O   1 
HETATM 783 O O   . HOH J 3 .  ? 2.739   -6.541  -3.140  1.00 22.25 ? 253 HOH C O   1 
HETATM 784 O O   . HOH J 3 .  ? 5.177   -6.000  4.372   1.00 26.70 ? 254 HOH C O   1 
HETATM 785 O O   . HOH J 3 .  ? -8.595  10.076  38.270  1.00 29.85 ? 255 HOH C O   1 
HETATM 786 O O   . HOH J 3 .  ? 5.921   -17.659 -42.966 1.00 54.54 ? 256 HOH C O   1 
HETATM 787 O O   . HOH J 3 .  ? 7.599   -17.217 -45.088 1.00 41.89 ? 257 HOH C O   1 
HETATM 788 O O   . HOH J 3 .  ? 5.993   -15.826 -46.663 1.00 44.26 ? 258 HOH C O   1 
HETATM 789 O O   . HOH J 3 .  ? -9.598  16.247  33.342  1.00 28.38 ? 259 HOH C O   1 
HETATM 790 O O   . HOH J 3 .  ? 5.413   -7.806  -6.170  1.00 36.11 ? 260 HOH C O   1 
HETATM 791 O O   . HOH J 3 .  ? 9.168   9.460   3.823   1.00 73.35 ? 261 HOH C O   1 
HETATM 792 O O   . HOH J 3 .  ? 4.778   5.142   15.052  1.00 53.21 ? 262 HOH C O   1 
HETATM 793 O O   . HOH J 3 .  ? -5.153  -9.217  -28.467 1.00 56.20 ? 263 HOH C O   1 
HETATM 794 O O   . HOH J 3 .  ? 1.138   11.829  19.745  1.00 56.11 ? 264 HOH C O   1 
HETATM 795 O O   . HOH J 3 .  ? 2.380   -5.845  -1.120  1.00 52.14 ? 265 HOH C O   1 
HETATM 796 O O   . HOH J 3 .  ? 7.536   7.599   7.888   1.00 34.52 ? 266 HOH C O   1 
HETATM 797 O O   . HOH J 3 .  ? 9.789   6.136   2.497   1.00 36.81 ? 267 HOH C O   1 
HETATM 798 O O   . HOH J 3 .  ? -0.168  -14.300 -17.301 1.00 33.51 ? 268 HOH C O   1 
# 
loop_
_atom_site_anisotrop.id 
_atom_site_anisotrop.type_symbol 
_atom_site_anisotrop.pdbx_label_atom_id 
_atom_site_anisotrop.pdbx_label_alt_id 
_atom_site_anisotrop.pdbx_label_comp_id 
_atom_site_anisotrop.pdbx_label_asym_id 
_atom_site_anisotrop.pdbx_label_seq_id 
_atom_site_anisotrop.pdbx_PDB_ins_code 
_atom_site_anisotrop.U[1][1] 
_atom_site_anisotrop.U[2][2] 
_atom_site_anisotrop.U[3][3] 
_atom_site_anisotrop.U[1][2] 
_atom_site_anisotrop.U[1][3] 
_atom_site_anisotrop.U[2][3] 
_atom_site_anisotrop.pdbx_auth_seq_id 
_atom_site_anisotrop.pdbx_auth_comp_id 
_atom_site_anisotrop.pdbx_auth_asym_id 
_atom_site_anisotrop.pdbx_auth_atom_id 
1   N N   . GLY A 2  ? 0.2509 0.2383 0.2423 -0.0039 -0.0079 -0.0177 1   GLY A N   
2   C CA  . GLY A 2  ? 0.2433 0.2290 0.2211 -0.0041 -0.0063 -0.0159 1   GLY A CA  
3   C C   . GLY A 2  ? 0.2253 0.2165 0.1995 -0.0025 -0.0032 -0.0116 1   GLY A C   
4   O O   . GLY A 2  ? 0.2233 0.2322 0.2063 -0.0029 -0.0060 -0.0109 1   GLY A O   
5   N N   . PRO A 3  ? 0.2010 0.1965 0.1646 0.0089  -0.0030 -0.0024 2   PRO A N   
6   C CA  . PRO A 3  ? 0.1748 0.1762 0.1464 0.0036  -0.0074 0.0068  2   PRO A CA  
7   C C   . PRO A 3  ? 0.1414 0.1449 0.1256 0.0044  -0.0055 -0.0035 2   PRO A C   
8   O O   . PRO A 3  ? 0.1307 0.1296 0.1006 -0.0002 -0.0103 -0.0035 2   PRO A O   
9   C CB  . PRO A 3  ? 0.1775 0.1885 0.1478 0.0102  -0.0075 0.0127  2   PRO A CB  
10  C CG  . PRO A 3  ? 0.2027 0.2016 0.1713 0.0035  -0.0078 -0.0005 2   PRO A CG  
11  C CD  . PRO A 3  ? 0.2084 0.2140 0.1755 0.0016  -0.0005 -0.0008 2   PRO A CD  
12  N N   . HYP A 4  ? 0.1282 0.1210 0.1140 0.0024  -0.0096 -0.0076 3   HYP A N   
13  C CA  . HYP A 4  ? 0.1171 0.1025 0.1071 -0.0010 -0.0038 -0.0093 3   HYP A CA  
14  C C   . HYP A 4  ? 0.1075 0.0927 0.0913 -0.0025 -0.0018 -0.0083 3   HYP A C   
15  O O   . HYP A 4  ? 0.1262 0.0869 0.0860 -0.0026 -0.0140 -0.0058 3   HYP A O   
16  C CB  . HYP A 4  ? 0.1168 0.1133 0.1130 -0.0053 0.0018  -0.0097 3   HYP A CB  
17  C CG  . HYP A 4  ? 0.1167 0.1069 0.1229 -0.0078 -0.0040 -0.0118 3   HYP A CG  
18  C CD  . HYP A 4  ? 0.1261 0.1186 0.1160 0.0025  -0.0101 0.0020  3   HYP A CD  
19  O OD1 . HYP A 4  ? 0.1383 0.1388 0.1587 -0.0348 -0.0187 -0.0195 3   HYP A OD1 
20  N N   . GLY A 5  ? 0.0816 0.0822 0.0857 -0.0047 -0.0065 -0.0115 4   GLY A N   
21  C CA  . GLY A 5  ? 0.0754 0.0770 0.0758 -0.0070 -0.0009 -0.0114 4   GLY A CA  
22  C C   . GLY A 5  ? 0.0642 0.0730 0.0755 -0.0051 -0.0016 -0.0075 4   GLY A C   
23  O O   . GLY A 5  ? 0.0802 0.0719 0.0717 -0.0001 -0.0054 -0.0157 4   GLY A O   
24  N N   . PRO A 6  ? 0.0686 0.0771 0.0706 -0.0035 -0.0033 -0.0134 5   PRO A N   
25  C CA  . PRO A 6  ? 0.0815 0.0809 0.0763 -0.0011 -0.0007 -0.0071 5   PRO A CA  
26  C C   . PRO A 6  ? 0.0722 0.0629 0.0717 -0.0061 -0.0035 0.0026  5   PRO A C   
27  O O   . PRO A 6  ? 0.0854 0.0515 0.0677 -0.0154 -0.0053 -0.0027 5   PRO A O   
28  C CB  . PRO A 6  ? 0.0850 0.1004 0.0809 -0.0092 -0.0006 -0.0131 5   PRO A CB  
29  C CG  . PRO A 6  ? 0.0745 0.1010 0.1086 -0.0040 -0.0069 -0.0093 5   PRO A CG  
30  C CD  . PRO A 6  ? 0.0750 0.0877 0.0765 -0.0017 -0.0049 -0.0128 5   PRO A CD  
31  N N   . HYP A 7  ? 0.0630 0.0563 0.0615 -0.0057 0.0002  0.0030  6   HYP A N   
32  C CA  . HYP A 7  ? 0.0530 0.0604 0.0602 -0.0035 0.0012  -0.0027 6   HYP A CA  
33  C C   . HYP A 7  ? 0.0640 0.0616 0.0544 -0.0064 0.0020  0.0018  6   HYP A C   
34  O O   . HYP A 7  ? 0.0845 0.0790 0.0597 -0.0066 -0.0002 -0.0012 6   HYP A O   
35  C CB  . HYP A 7  ? 0.0524 0.0524 0.0646 0.0001  0.0049  -0.0021 6   HYP A CB  
36  C CG  . HYP A 7  ? 0.0704 0.0724 0.0849 -0.0057 0.0016  0.0051  6   HYP A CG  
37  C CD  . HYP A 7  ? 0.0694 0.0548 0.0708 -0.0130 -0.0042 0.0034  6   HYP A CD  
38  O OD1 . HYP A 7  ? 0.0879 0.1479 0.0816 0.0109  -0.0050 0.0356  6   HYP A OD1 
39  N N   . GLY A 8  ? 0.0558 0.0707 0.0423 -0.0106 -0.0031 -0.0003 7   GLY A N   
40  C CA  . GLY A 8  ? 0.0618 0.0634 0.0542 -0.0010 -0.0015 0.0038  7   GLY A CA  
41  C C   . GLY A 8  ? 0.0696 0.0706 0.0648 -0.0012 0.0050  -0.0002 7   GLY A C   
42  O O   . GLY A 8  ? 0.0869 0.0683 0.0540 -0.0053 0.0078  0.0109  7   GLY A O   
43  N N   . PRO A 9  ? 0.0752 0.0814 0.0622 -0.0023 0.0013  -0.0038 8   PRO A N   
44  C CA  . PRO A 9  ? 0.0878 0.0864 0.0720 -0.0007 -0.0020 -0.0007 8   PRO A CA  
45  C C   . PRO A 9  ? 0.0922 0.0931 0.0753 -0.0025 -0.0034 -0.0001 8   PRO A C   
46  O O   . PRO A 9  ? 0.0897 0.0773 0.0802 -0.0008 0.0021  -0.0048 8   PRO A O   
47  C CB  . PRO A 9  ? 0.0849 0.0963 0.0656 0.0002  -0.0049 -0.0033 8   PRO A CB  
48  C CG  . PRO A 9  ? 0.0883 0.0872 0.0582 0.0064  0.0033  0.0078  8   PRO A CG  
49  C CD  . PRO A 9  ? 0.0826 0.0794 0.0640 0.0006  0.0034  0.0017  8   PRO A CD  
50  N N   . HYP A 10 ? 0.1007 0.0944 0.0893 0.0046  0.0001  -0.0053 9   HYP A N   
51  C CA  . HYP A 10 ? 0.1042 0.1015 0.0858 0.0069  0.0003  -0.0051 9   HYP A CA  
52  C C   . HYP A 10 ? 0.1035 0.0939 0.0761 0.0159  -0.0007 -0.0061 9   HYP A C   
53  O O   . HYP A 10 ? 0.1073 0.1214 0.0673 0.0300  0.0016  -0.0053 9   HYP A O   
54  C CB  . HYP A 10 ? 0.1072 0.1066 0.0899 0.0100  -0.0030 -0.0081 9   HYP A CB  
55  C CG  . HYP A 10 ? 0.1079 0.1187 0.1073 0.0098  -0.0032 -0.0030 9   HYP A CG  
56  C CD  . HYP A 10 ? 0.1052 0.1169 0.0924 -0.0057 -0.0108 -0.0115 9   HYP A CD  
57  O OD1 . HYP A 10 ? 0.1460 0.1208 0.1435 -0.0071 -0.0316 0.0017  9   HYP A OD1 
58  N N   . GLY A 11 ? 0.0969 0.0853 0.0694 0.0143  -0.0025 0.0038  10  GLY A N   
59  C CA  . GLY A 11 ? 0.0987 0.0842 0.0643 0.0104  -0.0020 -0.0007 10  GLY A CA  
60  C C   . GLY A 11 ? 0.0816 0.0756 0.0629 0.0076  -0.0045 -0.0029 10  GLY A C   
61  O O   . GLY A 11 ? 0.0979 0.0784 0.0502 0.0008  -0.0020 0.0070  10  GLY A O   
62  N N   . PRO A 12 ? 0.0825 0.0777 0.0602 0.0072  0.0005  0.0023  11  PRO A N   
63  C CA  . PRO A 12 ? 0.0855 0.0834 0.0676 0.0058  -0.0008 0.0025  11  PRO A CA  
64  C C   . PRO A 12 ? 0.0879 0.0784 0.0722 0.0034  0.0008  0.0040  11  PRO A C   
65  O O   . PRO A 12 ? 0.0900 0.0705 0.0535 0.0131  -0.0087 0.0045  11  PRO A O   
66  C CB  . PRO A 12 ? 0.0979 0.0813 0.0665 0.0036  0.0066  0.0002  11  PRO A CB  
67  C CG  . PRO A 12 ? 0.1086 0.0852 0.0748 -0.0005 -0.0070 0.0059  11  PRO A CG  
68  C CD  . PRO A 12 ? 0.0808 0.0770 0.0608 0.0163  -0.0045 -0.0021 11  PRO A CD  
69  N N   . ARG A 13 ? 0.0818 0.0812 0.0755 0.0059  -0.0035 0.0018  12  ARG A N   
70  C CA  . ARG A 13 ? 0.0997 0.0872 0.0854 0.0025  0.0006  0.0037  12  ARG A CA  
71  C C   . ARG A 13 ? 0.1038 0.0782 0.0909 -0.0007 0.0017  0.0004  12  ARG A C   
72  O O   . ARG A 13 ? 0.1278 0.0628 0.0765 0.0017  0.0085  0.0020  12  ARG A O   
73  C CB  . ARG A 13 ? 0.1140 0.1120 0.0952 -0.0049 -0.0044 0.0033  12  ARG A CB  
74  C CG  . ARG A 13 ? 0.1527 0.1408 0.1330 -0.0122 -0.0030 0.0038  12  ARG A CG  
75  C CD  . ARG A 13 ? 0.1964 0.2167 0.1770 -0.0228 -0.0222 -0.0049 12  ARG A CD  
76  N NE  . ARG A 13 ? 0.2192 0.2584 0.2315 -0.0254 -0.0177 -0.0035 12  ARG A NE  
77  C CZ  . ARG A 13 ? 0.2361 0.2803 0.2611 -0.0342 -0.0165 -0.0076 12  ARG A CZ  
78  N NH1 . ARG A 13 ? 0.2105 0.2749 0.2554 -0.0331 -0.0428 -0.0196 12  ARG A NH1 
79  N NH2 . ARG A 13 ? 0.2392 0.3331 0.3028 -0.0224 -0.0084 -0.0263 12  ARG A NH2 
80  N N   . GLY A 14 ? 0.1022 0.0735 0.0889 0.0064  0.0026  0.0049  13  GLY A N   
81  C CA  . GLY A 14 ? 0.1059 0.0732 0.0825 0.0022  0.0009  0.0018  13  GLY A CA  
82  C C   . GLY A 14 ? 0.0923 0.0649 0.0770 0.0078  0.0021  -0.0003 13  GLY A C   
83  O O   . GLY A 14 ? 0.1047 0.0541 0.0607 -0.0086 0.0100  0.0008  13  GLY A O   
84  N N   . GLN A 15 ? 0.0968 0.0621 0.0693 0.0009  -0.0004 -0.0042 14  GLN A N   
85  C CA  . GLN A 15 ? 0.0918 0.0671 0.0736 0.0029  0.0023  0.0000  14  GLN A CA  
86  C C   . GLN A 15 ? 0.0789 0.0628 0.0709 0.0049  0.0034  0.0032  14  GLN A C   
87  O O   . GLN A 15 ? 0.0673 0.0560 0.0704 0.0052  0.0046  0.0052  14  GLN A O   
88  C CB  . GLN A 15 ? 0.1020 0.0775 0.0851 0.0029  0.0056  -0.0017 14  GLN A CB  
89  C CG  . GLN A 15 ? 0.1394 0.0849 0.0868 0.0001  0.0131  0.0085  14  GLN A CG  
90  C CD  . GLN A 15 ? 0.1917 0.1016 0.1088 0.0305  0.0018  -0.0095 14  GLN A CD  
91  O OE1 . GLN A 15 ? 0.2451 0.1934 0.1115 0.0762  0.0117  0.0072  14  GLN A OE1 
92  N NE2 . GLN A 15 ? 0.2051 0.1745 0.1514 -0.0059 0.0387  -0.0051 14  GLN A NE2 
93  N N   . HYP A 16 ? 0.0804 0.0680 0.0654 -0.0001 0.0026  -0.0009 15  HYP A N   
94  C CA  . HYP A 16 ? 0.0694 0.0690 0.0644 0.0056  0.0011  0.0014  15  HYP A CA  
95  C C   . HYP A 16 ? 0.0528 0.0642 0.0449 0.0008  0.0011  0.0013  15  HYP A C   
96  O O   . HYP A 16 ? 0.0738 0.0515 0.0605 0.0012  0.0103  -0.0074 15  HYP A O   
97  C CB  . HYP A 16 ? 0.0725 0.0958 0.0697 0.0081  -0.0016 0.0041  15  HYP A CB  
98  C CG  . HYP A 16 ? 0.1091 0.0908 0.1015 0.0025  -0.0026 0.0051  15  HYP A CG  
99  C CD  . HYP A 16 ? 0.1001 0.0767 0.0854 0.0062  0.0079  -0.0024 15  HYP A CD  
100 O OD1 . HYP A 16 ? 0.0820 0.1419 0.1260 0.0319  -0.0016 0.0057  15  HYP A OD1 
101 N N   . GLY A 17 ? 0.0527 0.0588 0.0530 -0.0043 0.0036  0.0032  16  GLY A N   
102 C CA  . GLY A 17 ? 0.0656 0.0533 0.0543 -0.0002 0.0006  -0.0011 16  GLY A CA  
103 C C   . GLY A 17 ? 0.0554 0.0453 0.0509 -0.0026 -0.0038 -0.0029 16  GLY A C   
104 O O   . GLY A 17 ? 0.0546 0.0485 0.0551 -0.0041 0.0013  -0.0073 16  GLY A O   
105 N N   A VAL A 18 ? 0.0549 0.0511 0.0410 -0.0006 0.0029  -0.0022 17  VAL A N   
106 N N   B VAL A 18 ? 0.0563 0.0464 0.0450 0.0017  0.0008  -0.0010 17  VAL A N   
107 C CA  A VAL A 18 ? 0.0562 0.0552 0.0442 -0.0014 0.0003  0.0024  17  VAL A CA  
108 C CA  B VAL A 18 ? 0.0570 0.0443 0.0451 0.0035  0.0003  0.0031  17  VAL A CA  
109 C C   A VAL A 18 ? 0.0632 0.0467 0.0459 0.0008  0.0004  0.0016  17  VAL A C   
110 C C   B VAL A 18 ? 0.0607 0.0439 0.0471 0.0030  -0.0015 0.0014  17  VAL A C   
111 O O   A VAL A 18 ? 0.0804 0.0426 0.0657 0.0011  0.0023  -0.0050 17  VAL A O   
112 O O   B VAL A 18 ? 0.0659 0.0421 0.0560 0.0018  -0.0020 -0.0014 17  VAL A O   
113 C CB  A VAL A 18 ? 0.0706 0.0775 0.0485 -0.0005 0.0053  0.0022  17  VAL A CB  
114 C CB  B VAL A 18 ? 0.0615 0.0512 0.0437 0.0074  0.0031  0.0034  17  VAL A CB  
115 C CG1 A VAL A 18 ? 0.0644 0.1052 0.0266 -0.0050 0.0060  -0.0053 17  VAL A CG1 
116 C CG1 B VAL A 18 ? 0.0691 0.0464 0.0685 0.0081  0.0065  0.0118  17  VAL A CG1 
117 C CG2 A VAL A 18 ? 0.0662 0.0872 0.0920 -0.0028 -0.0033 0.0123  17  VAL A CG2 
118 C CG2 B VAL A 18 ? 0.0596 0.0431 0.0294 0.0074  0.0005  0.0082  17  VAL A CG2 
119 N N   . MET A 19 ? 0.0607 0.0413 0.0503 0.0012  -0.0077 -0.0019 18  MET A N   
120 C CA  . MET A 19 ? 0.0622 0.0522 0.0519 -0.0047 -0.0048 0.0002  18  MET A CA  
121 C C   . MET A 19 ? 0.0640 0.0602 0.0538 -0.0032 -0.0106 0.0025  18  MET A C   
122 O O   . MET A 19 ? 0.0764 0.0728 0.0485 0.0005  -0.0117 0.0031  18  MET A O   
123 C CB  . MET A 19 ? 0.0555 0.0449 0.0517 -0.0090 -0.0018 0.0016  18  MET A CB  
124 C CG  . MET A 19 ? 0.0672 0.0392 0.0462 -0.0063 0.0093  0.0025  18  MET A CG  
125 S SD  . MET A 19 ? 0.0980 0.0576 0.0664 -0.0127 -0.0192 0.0176  18  MET A SD  
126 C CE  . MET A 19 ? 0.1269 0.0907 0.0521 -0.0135 -0.0182 -0.0089 18  MET A CE  
127 N N   . GLY A 20 ? 0.0731 0.0607 0.0563 -0.0062 -0.0072 -0.0046 19  GLY A N   
128 C CA  . GLY A 20 ? 0.0854 0.0642 0.0671 -0.0004 -0.0099 0.0008  19  GLY A CA  
129 C C   . GLY A 20 ? 0.0830 0.0562 0.0634 -0.0013 -0.0099 -0.0011 19  GLY A C   
130 O O   . GLY A 20 ? 0.1015 0.0518 0.0601 -0.0045 -0.0079 0.0018  19  GLY A O   
131 N N   . PHE A 21 ? 0.0915 0.0574 0.0684 0.0000  -0.0095 0.0003  20  PHE A N   
132 C CA  . PHE A 21 ? 0.0922 0.0647 0.0781 0.0004  -0.0081 0.0053  20  PHE A CA  
133 C C   . PHE A 21 ? 0.0753 0.0594 0.0746 -0.0069 -0.0031 0.0040  20  PHE A C   
134 O O   . PHE A 21 ? 0.0891 0.0721 0.0718 -0.0220 -0.0016 -0.0017 20  PHE A O   
135 C CB  . PHE A 21 ? 0.0993 0.0683 0.0841 0.0062  -0.0040 -0.0008 20  PHE A CB  
136 C CG  . PHE A 21 ? 0.1200 0.1108 0.1235 -0.0019 -0.0067 -0.0005 20  PHE A CG  
137 C CD1 . PHE A 21 ? 0.1173 0.1330 0.1386 -0.0092 -0.0042 -0.0143 20  PHE A CD1 
138 C CD2 . PHE A 21 ? 0.1475 0.1222 0.1413 -0.0369 -0.0047 -0.0084 20  PHE A CD2 
139 C CE1 . PHE A 21 ? 0.1245 0.1467 0.1671 0.0007  0.0086  -0.0240 20  PHE A CE1 
140 C CE2 . PHE A 21 ? 0.1439 0.1479 0.1519 -0.0323 -0.0243 -0.0115 20  PHE A CE2 
141 C CZ  . PHE A 21 ? 0.1512 0.1492 0.1715 -0.0087 -0.0209 -0.0138 20  PHE A CZ  
142 N N   . HYP A 22 ? 0.0841 0.0728 0.0737 -0.0098 -0.0045 0.0028  21  HYP A N   
143 C CA  . HYP A 22 ? 0.0826 0.0726 0.0700 -0.0104 -0.0005 0.0062  21  HYP A CA  
144 C C   . HYP A 22 ? 0.0830 0.0775 0.0698 -0.0071 -0.0003 0.0031  21  HYP A C   
145 O O   . HYP A 22 ? 0.0879 0.0701 0.0716 -0.0050 -0.0036 -0.0014 21  HYP A O   
146 C CB  . HYP A 22 ? 0.0954 0.0819 0.0699 -0.0133 -0.0014 0.0069  21  HYP A CB  
147 C CG  . HYP A 22 ? 0.0894 0.0964 0.0716 -0.0115 -0.0062 0.0065  21  HYP A CG  
148 C CD  . HYP A 22 ? 0.0841 0.0799 0.0740 -0.0117 0.0004  0.0080  21  HYP A CD  
149 O OD1 . HYP A 22 ? 0.1400 0.0959 0.0840 0.0002  -0.0083 0.0155  21  HYP A OD1 
150 N N   . GLY A 23 ? 0.0873 0.0813 0.0745 -0.0027 -0.0027 0.0028  22  GLY A N   
151 C CA  . GLY A 23 ? 0.0945 0.0796 0.0722 -0.0043 -0.0022 0.0049  22  GLY A CA  
152 C C   . GLY A 23 ? 0.0968 0.0899 0.0873 0.0011  -0.0065 -0.0003 22  GLY A C   
153 O O   . GLY A 23 ? 0.0969 0.0721 0.0732 0.0027  0.0007  -0.0084 22  GLY A O   
154 N N   . PRO A 24 ? 0.1025 0.0940 0.0981 0.0028  -0.0104 -0.0002 23  PRO A N   
155 C CA  . PRO A 24 ? 0.1127 0.1048 0.1102 0.0043  -0.0088 -0.0016 23  PRO A CA  
156 C C   . PRO A 24 ? 0.1090 0.1011 0.1076 0.0076  -0.0013 -0.0019 23  PRO A C   
157 O O   . PRO A 24 ? 0.1060 0.0777 0.1000 0.0027  -0.0099 -0.0028 23  PRO A O   
158 C CB  . PRO A 24 ? 0.1307 0.1189 0.1128 0.0057  -0.0141 -0.0001 23  PRO A CB  
159 C CG  . PRO A 24 ? 0.1275 0.1137 0.1484 -0.0033 -0.0057 -0.0036 23  PRO A CG  
160 C CD  . PRO A 24 ? 0.1053 0.1011 0.0984 0.0011  -0.0082 0.0018  23  PRO A CD  
161 N N   . HYP A 25 ? 0.1087 0.1091 0.1136 0.0083  0.0024  -0.0038 24  HYP A N   
162 C CA  . HYP A 25 ? 0.1151 0.1133 0.1143 0.0080  0.0045  -0.0053 24  HYP A CA  
163 C C   . HYP A 25 ? 0.1099 0.1006 0.0958 0.0100  0.0015  -0.0044 24  HYP A C   
164 O O   . HYP A 25 ? 0.1221 0.1047 0.0926 0.0103  -0.0077 -0.0057 24  HYP A O   
165 C CB  . HYP A 25 ? 0.1197 0.1220 0.1279 0.0055  0.0106  -0.0007 24  HYP A CB  
166 C CG  . HYP A 25 ? 0.1209 0.1255 0.1413 0.0109  0.0101  -0.0018 24  HYP A CG  
167 C CD  . HYP A 25 ? 0.1202 0.1232 0.1318 0.0163  0.0063  -0.0119 24  HYP A CD  
168 O OD1 . HYP A 25 ? 0.1560 0.1580 0.2041 0.0098  0.0053  0.0007  24  HYP A OD1 
169 N N   . GLY A 26 ? 0.1048 0.0940 0.0914 0.0103  -0.0036 -0.0001 25  GLY A N   
170 C CA  . GLY A 26 ? 0.0986 0.0901 0.0857 0.0071  -0.0009 0.0064  25  GLY A CA  
171 C C   . GLY A 26 ? 0.1103 0.0917 0.0889 0.0076  -0.0026 0.0092  25  GLY A C   
172 O O   . GLY A 26 ? 0.1172 0.0896 0.0870 0.0013  -0.0059 0.0077  25  GLY A O   
173 N N   . PRO A 27 ? 0.1120 0.0850 0.0887 0.0070  -0.0054 0.0079  26  PRO A N   
174 C CA  . PRO A 27 ? 0.1114 0.0868 0.0923 0.0077  -0.0057 0.0049  26  PRO A CA  
175 C C   . PRO A 27 ? 0.1008 0.0760 0.0871 0.0065  -0.0088 0.0029  26  PRO A C   
176 O O   . PRO A 27 ? 0.1004 0.0660 0.0875 0.0046  -0.0151 0.0043  26  PRO A O   
177 C CB  . PRO A 27 ? 0.1192 0.0863 0.1007 0.0049  -0.0031 0.0060  26  PRO A CB  
178 C CG  . PRO A 27 ? 0.1256 0.0891 0.1040 0.0036  -0.0060 -0.0021 26  PRO A CG  
179 C CD  . PRO A 27 ? 0.1162 0.0819 0.0985 0.0057  0.0019  0.0143  26  PRO A CD  
180 N N   . HYP A 28 ? 0.1010 0.0776 0.0848 0.0028  -0.0112 0.0030  27  HYP A N   
181 C CA  . HYP A 28 ? 0.0840 0.0857 0.0755 -0.0023 -0.0115 0.0006  27  HYP A CA  
182 C C   . HYP A 28 ? 0.0838 0.0866 0.0723 -0.0004 -0.0091 0.0032  27  HYP A C   
183 O O   . HYP A 28 ? 0.0840 0.0979 0.0587 0.0001  -0.0101 -0.0088 27  HYP A O   
184 C CB  . HYP A 28 ? 0.1001 0.0874 0.0802 -0.0034 -0.0066 0.0010  27  HYP A CB  
185 C CG  . HYP A 28 ? 0.1077 0.0819 0.0806 -0.0033 -0.0113 0.0057  27  HYP A CG  
186 C CD  . HYP A 28 ? 0.1032 0.0614 0.0866 -0.0030 -0.0130 0.0080  27  HYP A CD  
187 O OD1 . HYP A 28 ? 0.0913 0.1273 0.0709 -0.0043 -0.0143 0.0091  27  HYP A OD1 
188 N N   . GLY A 29 ? 0.0785 0.0737 0.0598 -0.0004 -0.0113 -0.0012 28  GLY A N   
189 C CA  . GLY A 29 ? 0.0719 0.0580 0.0655 0.0004  -0.0066 0.0036  28  GLY A CA  
190 C C   . GLY A 29 ? 0.0727 0.0620 0.0661 -0.0035 -0.0023 0.0064  28  GLY A C   
191 O O   . GLY A 29 ? 0.0856 0.0662 0.0697 -0.0079 -0.0016 0.0034  28  GLY A O   
192 N N   . PRO A 30 ? 0.0642 0.0566 0.0607 -0.0038 -0.0060 0.0052  29  PRO A N   
193 C CA  . PRO A 30 ? 0.0670 0.0603 0.0661 -0.0025 -0.0044 0.0037  29  PRO A CA  
194 C C   . PRO A 30 ? 0.0765 0.0698 0.0717 -0.0081 -0.0038 0.0031  29  PRO A C   
195 O O   . PRO A 30 ? 0.0960 0.0751 0.0719 -0.0093 -0.0053 0.0082  29  PRO A O   
196 C CB  . PRO A 30 ? 0.0665 0.0671 0.0707 -0.0045 -0.0087 0.0026  29  PRO A CB  
197 C CG  . PRO A 30 ? 0.0730 0.0591 0.0719 -0.0082 -0.0058 0.0094  29  PRO A CG  
198 C CD  . PRO A 30 ? 0.0700 0.0620 0.0724 -0.0051 -0.0003 0.0063  29  PRO A CD  
199 N N   . HYP A 31 ? 0.0964 0.0834 0.0762 -0.0081 -0.0010 0.0002  30  HYP A N   
200 C CA  . HYP A 31 ? 0.1034 0.0962 0.0855 -0.0022 -0.0031 -0.0036 30  HYP A CA  
201 C C   . HYP A 31 ? 0.1152 0.1080 0.1030 0.0043  0.0016  0.0027  30  HYP A C   
202 O O   . HYP A 31 ? 0.1202 0.1372 0.1181 0.0067  -0.0071 0.0014  30  HYP A O   
203 C CB  . HYP A 31 ? 0.1106 0.1004 0.0912 -0.0050 -0.0055 -0.0049 30  HYP A CB  
204 C CG  . HYP A 31 ? 0.1180 0.0953 0.0858 -0.0115 -0.0012 -0.0072 30  HYP A CG  
205 C CD  . HYP A 31 ? 0.0955 0.0968 0.0835 -0.0105 -0.0046 0.0006  30  HYP A CD  
206 O OD1 . HYP A 31 ? 0.1192 0.0852 0.1119 0.0075  0.0047  -0.0239 30  HYP A OD1 
207 N N   . NH2 A 32 ? 0.1286 0.1163 0.1088 0.0044  0.0139  0.0086  31  NH2 A N   
208 C C   . ACE B 1  ? 0.2462 0.2433 0.2386 -0.0085 0.0019  -0.0104 0   ACE B C   
209 O O   . ACE B 1  ? 0.2662 0.2700 0.2560 -0.0108 0.0050  -0.0043 0   ACE B O   
210 C CH3 . ACE B 1  ? 0.2591 0.2476 0.2539 -0.0013 0.0008  -0.0098 0   ACE B CH3 
211 N N   . GLY B 2  ? 0.2360 0.2209 0.2239 -0.0067 0.0072  -0.0085 1   GLY B N   
212 C CA  . GLY B 2  ? 0.2215 0.1990 0.1944 -0.0107 0.0059  -0.0090 1   GLY B CA  
213 C C   . GLY B 2  ? 0.2130 0.1733 0.1740 -0.0112 0.0031  -0.0146 1   GLY B C   
214 O O   . GLY B 2  ? 0.2429 0.1751 0.1734 -0.0154 0.0089  -0.0251 1   GLY B O   
215 N N   . PRO B 3  ? 0.2026 0.1703 0.1621 -0.0208 -0.0028 -0.0080 2   PRO B N   
216 C CA  . PRO B 3  ? 0.1840 0.1576 0.1561 -0.0182 -0.0038 -0.0043 2   PRO B CA  
217 C C   . PRO B 3  ? 0.1643 0.1391 0.1367 -0.0139 -0.0017 0.0000  2   PRO B C   
218 O O   . PRO B 3  ? 0.1506 0.1161 0.1073 -0.0138 -0.0120 -0.0001 2   PRO B O   
219 C CB  . PRO B 3  ? 0.1838 0.1700 0.1588 -0.0222 -0.0070 -0.0019 2   PRO B CB  
220 C CG  . PRO B 3  ? 0.2037 0.1856 0.1666 -0.0173 -0.0045 -0.0073 2   PRO B CG  
221 C CD  . PRO B 3  ? 0.2042 0.1786 0.1681 -0.0184 -0.0073 -0.0084 2   PRO B CD  
222 N N   . HYP B 4  ? 0.1427 0.1199 0.1201 -0.0063 -0.0036 -0.0039 3   HYP B N   
223 C CA  . HYP B 4  ? 0.1256 0.1077 0.1152 -0.0018 -0.0036 -0.0004 3   HYP B CA  
224 C C   . HYP B 4  ? 0.0978 0.0931 0.1006 -0.0017 -0.0041 -0.0029 3   HYP B C   
225 O O   . HYP B 4  ? 0.1013 0.1017 0.0897 0.0021  -0.0106 -0.0016 3   HYP B O   
226 C CB  . HYP B 4  ? 0.1276 0.1077 0.1200 -0.0015 -0.0038 0.0050  3   HYP B CB  
227 C CG  . HYP B 4  ? 0.1478 0.1202 0.1306 -0.0042 -0.0036 -0.0006 3   HYP B CG  
228 C CD  . HYP B 4  ? 0.1411 0.1199 0.1303 -0.0098 -0.0040 -0.0049 3   HYP B CD  
229 O OD1 . HYP B 4  ? 0.1734 0.1449 0.1648 0.0142  -0.0307 0.0153  3   HYP B OD1 
230 N N   . GLY B 5  ? 0.0840 0.0904 0.0962 -0.0039 -0.0057 0.0009  4   GLY B N   
231 C CA  . GLY B 5  ? 0.0787 0.0776 0.0808 -0.0081 -0.0015 -0.0059 4   GLY B CA  
232 C C   . GLY B 5  ? 0.0809 0.0757 0.0795 -0.0072 -0.0017 -0.0035 4   GLY B C   
233 O O   . GLY B 5  ? 0.0960 0.0595 0.0904 -0.0171 -0.0010 -0.0126 4   GLY B O   
234 N N   . PRO B 6  ? 0.0790 0.0717 0.0675 -0.0084 -0.0064 -0.0091 5   PRO B N   
235 C CA  . PRO B 6  ? 0.0736 0.0696 0.0714 -0.0083 -0.0065 -0.0056 5   PRO B CA  
236 C C   . PRO B 6  ? 0.0716 0.0607 0.0659 -0.0088 -0.0023 -0.0046 5   PRO B C   
237 O O   . PRO B 6  ? 0.0723 0.0659 0.0637 0.0017  -0.0028 0.0027  5   PRO B O   
238 C CB  . PRO B 6  ? 0.0710 0.0747 0.0747 -0.0063 -0.0068 -0.0060 5   PRO B CB  
239 C CG  . PRO B 6  ? 0.0797 0.0666 0.0740 -0.0115 -0.0057 -0.0025 5   PRO B CG  
240 C CD  . PRO B 6  ? 0.0810 0.0816 0.0689 -0.0084 -0.0056 -0.0044 5   PRO B CD  
241 N N   . HYP B 7  ? 0.0762 0.0616 0.0526 -0.0039 -0.0033 -0.0019 6   HYP B N   
242 C CA  . HYP B 7  ? 0.0798 0.0579 0.0565 -0.0094 -0.0008 -0.0019 6   HYP B CA  
243 C C   . HYP B 7  ? 0.0857 0.0515 0.0604 0.0015  -0.0045 -0.0012 6   HYP B C   
244 O O   . HYP B 7  ? 0.1024 0.0614 0.0629 0.0074  -0.0067 0.0029  6   HYP B O   
245 C CB  . HYP B 7  ? 0.0795 0.0600 0.0526 -0.0022 0.0040  -0.0083 6   HYP B CB  
246 C CG  . HYP B 7  ? 0.0998 0.0817 0.0566 0.0001  -0.0052 -0.0014 6   HYP B CG  
247 C CD  . HYP B 7  ? 0.0760 0.0603 0.0615 -0.0066 0.0012  0.0017  6   HYP B CD  
248 O OD1 . HYP B 7  ? 0.1177 0.0953 0.1122 -0.0159 -0.0035 -0.0130 6   HYP B OD1 
249 N N   . GLY B 8  ? 0.0874 0.0526 0.0648 0.0043  -0.0080 -0.0037 7   GLY B N   
250 C CA  . GLY B 8  ? 0.0871 0.0535 0.0634 -0.0008 -0.0071 0.0012  7   GLY B CA  
251 C C   . GLY B 8  ? 0.0813 0.0540 0.0474 -0.0044 -0.0043 0.0091  7   GLY B C   
252 O O   . GLY B 8  ? 0.0767 0.0674 0.0403 -0.0066 0.0017  0.0069  7   GLY B O   
253 N N   . PRO B 9  ? 0.0910 0.0570 0.0513 -0.0019 -0.0074 0.0055  8   PRO B N   
254 C CA  . PRO B 9  ? 0.0928 0.0571 0.0587 -0.0040 -0.0053 0.0062  8   PRO B CA  
255 C C   . PRO B 9  ? 0.0916 0.0572 0.0639 0.0046  -0.0052 0.0032  8   PRO B C   
256 O O   . PRO B 9  ? 0.0874 0.0490 0.0624 0.0092  -0.0052 0.0044  8   PRO B O   
257 C CB  . PRO B 9  ? 0.1074 0.0628 0.0604 -0.0037 -0.0080 0.0039  8   PRO B CB  
258 C CG  . PRO B 9  ? 0.0977 0.0603 0.0556 -0.0015 -0.0033 0.0055  8   PRO B CG  
259 C CD  . PRO B 9  ? 0.0957 0.0670 0.0517 -0.0004 -0.0083 0.0106  8   PRO B CD  
260 N N   . HYP B 10 ? 0.1011 0.0690 0.0693 0.0043  -0.0022 0.0023  9   HYP B N   
261 C CA  . HYP B 10 ? 0.0989 0.0745 0.0734 0.0043  0.0031  0.0007  9   HYP B CA  
262 C C   . HYP B 10 ? 0.0974 0.0648 0.0690 0.0000  0.0088  0.0014  9   HYP B C   
263 O O   . HYP B 10 ? 0.1015 0.0688 0.0634 -0.0127 0.0075  -0.0007 9   HYP B O   
264 C CB  . HYP B 10 ? 0.1055 0.0782 0.0844 0.0087  0.0019  -0.0060 9   HYP B CB  
265 C CG  . HYP B 10 ? 0.1105 0.0907 0.1009 0.0129  -0.0026 -0.0012 9   HYP B CG  
266 C CD  . HYP B 10 ? 0.1145 0.0774 0.0926 0.0061  -0.0032 -0.0039 9   HYP B CD  
267 O OD1 . HYP B 10 ? 0.1486 0.1130 0.1284 0.0291  -0.0145 -0.0219 9   HYP B OD1 
268 N N   . GLY B 11 ? 0.0984 0.0695 0.0611 -0.0010 0.0037  0.0040  10  GLY B N   
269 C CA  . GLY B 11 ? 0.0918 0.0602 0.0668 -0.0009 0.0036  0.0144  10  GLY B CA  
270 C C   . GLY B 11 ? 0.0870 0.0538 0.0668 -0.0040 0.0063  0.0188  10  GLY B C   
271 O O   . GLY B 11 ? 0.0961 0.0425 0.0765 -0.0076 -0.0094 0.0245  10  GLY B O   
272 N N   . PRO B 12 ? 0.0850 0.0517 0.0636 -0.0070 0.0053  0.0112  11  PRO B N   
273 C CA  . PRO B 12 ? 0.0923 0.0721 0.0619 -0.0069 0.0034  0.0016  11  PRO B CA  
274 C C   . PRO B 12 ? 0.0901 0.0670 0.0623 -0.0075 0.0101  0.0028  11  PRO B C   
275 O O   . PRO B 12 ? 0.1201 0.0495 0.0578 -0.0047 0.0020  -0.0031 11  PRO B O   
276 C CB  . PRO B 12 ? 0.1046 0.0868 0.0853 -0.0137 0.0034  -0.0036 11  PRO B CB  
277 C CG  . PRO B 12 ? 0.0878 0.0877 0.1003 -0.0072 -0.0093 0.0062  11  PRO B CG  
278 C CD  . PRO B 12 ? 0.0870 0.0581 0.0733 -0.0079 0.0051  0.0104  11  PRO B CD  
279 N N   . ARG B 13 ? 0.0913 0.0649 0.0604 -0.0031 0.0004  0.0049  12  ARG B N   
280 C CA  . ARG B 13 ? 0.0688 0.0658 0.0632 -0.0044 0.0043  0.0001  12  ARG B CA  
281 C C   . ARG B 13 ? 0.0749 0.0637 0.0628 -0.0040 0.0048  -0.0034 12  ARG B C   
282 O O   . ARG B 13 ? 0.0809 0.0738 0.0706 -0.0161 0.0021  -0.0085 12  ARG B O   
283 C CB  . ARG B 13 ? 0.0697 0.0638 0.0626 -0.0075 0.0024  -0.0021 12  ARG B CB  
284 C CG  . ARG B 13 ? 0.0791 0.0797 0.0704 0.0008  0.0104  -0.0046 12  ARG B CG  
285 C CD  . ARG B 13 ? 0.0779 0.0940 0.0807 0.0129  -0.0013 0.0012  12  ARG B CD  
286 N NE  . ARG B 13 ? 0.0838 0.1016 0.0787 0.0307  0.0001  -0.0031 12  ARG B NE  
287 C CZ  . ARG B 13 ? 0.0866 0.0867 0.0920 0.0204  -0.0021 0.0030  12  ARG B CZ  
288 N NH1 . ARG B 13 ? 0.0867 0.1029 0.0768 0.0142  -0.0024 -0.0057 12  ARG B NH1 
289 N NH2 . ARG B 13 ? 0.0712 0.0858 0.0836 -0.0021 0.0051  -0.0095 12  ARG B NH2 
290 N N   . GLY B 14 ? 0.0737 0.0688 0.0596 -0.0102 0.0046  -0.0037 13  GLY B N   
291 C CA  . GLY B 14 ? 0.0690 0.0709 0.0524 -0.0008 0.0087  0.0029  13  GLY B CA  
292 C C   . GLY B 14 ? 0.0636 0.0744 0.0595 -0.0011 0.0059  0.0054  13  GLY B C   
293 O O   . GLY B 14 ? 0.0795 0.0792 0.0606 -0.0056 0.0078  0.0003  13  GLY B O   
294 N N   . GLN B 15 ? 0.0673 0.0864 0.0591 0.0047  0.0056  0.0062  14  GLN B N   
295 C CA  . GLN B 15 ? 0.0826 0.0917 0.0761 0.0005  0.0041  0.0076  14  GLN B CA  
296 C C   . GLN B 15 ? 0.0679 0.0793 0.0701 -0.0028 0.0003  0.0058  14  GLN B C   
297 O O   . GLN B 15 ? 0.0744 0.0581 0.0549 -0.0094 -0.0034 0.0073  14  GLN B O   
298 C CB  . GLN B 15 ? 0.0896 0.1155 0.0869 0.0065  -0.0005 0.0061  14  GLN B CB  
299 C CG  . GLN B 15 ? 0.1489 0.1572 0.1366 0.0098  -0.0004 0.0173  14  GLN B CG  
300 C CD  . GLN B 15 ? 0.1837 0.2366 0.1916 0.0159  -0.0122 0.0142  14  GLN B CD  
301 O OE1 . GLN B 15 ? 0.1983 0.2910 0.2337 -0.0002 -0.0122 0.0184  14  GLN B OE1 
302 N NE2 . GLN B 15 ? 0.2249 0.2425 0.2069 0.0568  -0.0219 0.0239  14  GLN B NE2 
303 N N   . HYP B 16 ? 0.0695 0.0752 0.0691 -0.0061 -0.0030 0.0009  15  HYP B N   
304 C CA  . HYP B 16 ? 0.0789 0.0706 0.0651 -0.0069 -0.0053 0.0030  15  HYP B CA  
305 C C   . HYP B 16 ? 0.0696 0.0657 0.0622 0.0041  -0.0104 0.0031  15  HYP B C   
306 O O   . HYP B 16 ? 0.0724 0.0917 0.0558 0.0086  0.0069  -0.0097 15  HYP B O   
307 C CB  . HYP B 16 ? 0.0818 0.0721 0.0756 -0.0044 -0.0101 0.0018  15  HYP B CB  
308 C CG  . HYP B 16 ? 0.0803 0.0981 0.0871 -0.0095 -0.0103 0.0061  15  HYP B CG  
309 C CD  . HYP B 16 ? 0.0796 0.0983 0.0833 -0.0097 -0.0004 0.0028  15  HYP B CD  
310 O OD1 . HYP B 16 ? 0.0941 0.0939 0.0900 -0.0009 -0.0278 -0.0007 15  HYP B OD1 
311 N N   . GLY B 17 ? 0.0728 0.0647 0.0620 -0.0028 -0.0130 -0.0014 16  GLY B N   
312 C CA  . GLY B 17 ? 0.0672 0.0567 0.0625 -0.0068 -0.0086 0.0036  16  GLY B CA  
313 C C   . GLY B 17 ? 0.0715 0.0598 0.0679 -0.0079 -0.0051 0.0044  16  GLY B C   
314 O O   . GLY B 17 ? 0.0916 0.0653 0.0578 -0.0108 -0.0118 0.0186  16  GLY B O   
315 N N   . VAL B 18 ? 0.0725 0.0638 0.0673 -0.0118 -0.0133 0.0098  17  VAL B N   
316 C CA  . VAL B 18 ? 0.0727 0.0633 0.0728 -0.0131 -0.0113 0.0056  17  VAL B CA  
317 C C   . VAL B 18 ? 0.0819 0.0673 0.0703 -0.0157 -0.0088 0.0058  17  VAL B C   
318 O O   . VAL B 18 ? 0.0883 0.0709 0.0501 -0.0078 -0.0073 0.0010  17  VAL B O   
319 C CB  . VAL B 18 ? 0.0706 0.0567 0.0722 -0.0139 -0.0127 0.0128  17  VAL B CB  
320 C CG1 . VAL B 18 ? 0.0785 0.0730 0.0777 -0.0076 -0.0249 0.0015  17  VAL B CG1 
321 C CG2 . VAL B 18 ? 0.0715 0.0746 0.0774 -0.0179 -0.0060 0.0190  17  VAL B CG2 
322 N N   . MET B 19 ? 0.0910 0.0701 0.0717 -0.0153 -0.0131 0.0049  18  MET B N   
323 C CA  . MET B 19 ? 0.0887 0.0722 0.0743 -0.0180 -0.0080 0.0080  18  MET B CA  
324 C C   . MET B 19 ? 0.1005 0.0729 0.0665 -0.0190 -0.0110 0.0032  18  MET B C   
325 O O   . MET B 19 ? 0.1209 0.0717 0.0800 -0.0121 -0.0108 -0.0098 18  MET B O   
326 C CB  . MET B 19 ? 0.0975 0.0751 0.0708 -0.0236 -0.0131 0.0047  18  MET B CB  
327 C CG  . MET B 19 ? 0.0924 0.0649 0.0830 -0.0259 -0.0012 0.0154  18  MET B CG  
328 S SD  . MET B 19 ? 0.1465 0.0977 0.1096 -0.0592 0.0028  -0.0062 18  MET B SD  
329 C CE  . MET B 19 ? 0.1143 0.1124 0.1224 -0.0378 0.0155  -0.0083 18  MET B CE  
330 N N   . GLY B 20 ? 0.1034 0.0592 0.0747 -0.0167 -0.0126 0.0032  19  GLY B N   
331 C CA  . GLY B 20 ? 0.0924 0.0680 0.0669 -0.0156 -0.0117 0.0023  19  GLY B CA  
332 C C   . GLY B 20 ? 0.0909 0.0714 0.0696 -0.0099 -0.0110 -0.0018 19  GLY B C   
333 O O   . GLY B 20 ? 0.0973 0.0592 0.0599 -0.0077 -0.0107 -0.0002 19  GLY B O   
334 N N   . PHE B 21 ? 0.0906 0.0697 0.0571 -0.0062 -0.0040 0.0047  20  PHE B N   
335 C CA  . PHE B 21 ? 0.0932 0.0749 0.0654 -0.0019 -0.0053 0.0062  20  PHE B CA  
336 C C   . PHE B 21 ? 0.0931 0.0782 0.0682 0.0037  -0.0034 0.0057  20  PHE B C   
337 O O   . PHE B 21 ? 0.0868 0.0620 0.0600 0.0033  0.0004  0.0033  20  PHE B O   
338 C CB  . PHE B 21 ? 0.0853 0.0727 0.0638 0.0026  -0.0022 0.0133  20  PHE B CB  
339 C CG  . PHE B 21 ? 0.0881 0.0785 0.0626 -0.0018 -0.0125 0.0159  20  PHE B CG  
340 C CD1 . PHE B 21 ? 0.1022 0.0759 0.0514 -0.0031 -0.0126 0.0036  20  PHE B CD1 
341 C CD2 . PHE B 21 ? 0.0821 0.0618 0.0618 0.0161  -0.0263 -0.0021 20  PHE B CD2 
342 C CE1 . PHE B 21 ? 0.0948 0.0865 0.0668 0.0190  -0.0174 0.0060  20  PHE B CE1 
343 C CE2 . PHE B 21 ? 0.1044 0.0593 0.0817 0.0002  -0.0172 -0.0028 20  PHE B CE2 
344 C CZ  . PHE B 21 ? 0.0952 0.0502 0.0587 0.0085  -0.0245 -0.0188 20  PHE B CZ  
345 N N   . HYP B 22 ? 0.0948 0.0820 0.0719 0.0044  -0.0022 -0.0064 21  HYP B N   
346 C CA  . HYP B 22 ? 0.1056 0.0848 0.0803 0.0007  -0.0029 -0.0054 21  HYP B CA  
347 C C   . HYP B 22 ? 0.1037 0.0756 0.0735 -0.0034 -0.0072 -0.0079 21  HYP B C   
348 O O   . HYP B 22 ? 0.1227 0.0668 0.0684 -0.0100 0.0046  -0.0018 21  HYP B O   
349 C CB  . HYP B 22 ? 0.0958 0.0931 0.0810 0.0002  0.0010  -0.0107 21  HYP B CB  
350 C CG  . HYP B 22 ? 0.1027 0.0912 0.0946 0.0133  -0.0181 -0.0141 21  HYP B CG  
351 C CD  . HYP B 22 ? 0.0965 0.0977 0.0758 -0.0007 -0.0081 -0.0065 21  HYP B CD  
352 O OD1 . HYP B 22 ? 0.1153 0.1553 0.1164 0.0148  -0.0029 -0.0135 21  HYP B OD1 
353 N N   . GLY B 23 ? 0.1031 0.0770 0.0768 -0.0025 0.0002  -0.0074 22  GLY B N   
354 C CA  . GLY B 23 ? 0.0913 0.0752 0.0764 -0.0024 -0.0058 -0.0039 22  GLY B CA  
355 C C   . GLY B 23 ? 0.0918 0.0757 0.0832 0.0003  -0.0029 -0.0053 22  GLY B C   
356 O O   . GLY B 23 ? 0.0960 0.0682 0.0746 -0.0111 -0.0080 -0.0144 22  GLY B O   
357 N N   . PRO B 24 ? 0.0946 0.0841 0.0869 -0.0049 -0.0016 -0.0009 23  PRO B N   
358 C CA  . PRO B 24 ? 0.0916 0.0855 0.0860 -0.0096 -0.0012 -0.0044 23  PRO B CA  
359 C C   . PRO B 24 ? 0.0943 0.0743 0.0854 -0.0121 -0.0028 0.0001  23  PRO B C   
360 O O   . PRO B 24 ? 0.0910 0.0787 0.0853 -0.0152 0.0003  -0.0041 23  PRO B O   
361 C CB  . PRO B 24 ? 0.0976 0.0939 0.0956 -0.0134 0.0038  0.0005  23  PRO B CB  
362 C CG  . PRO B 24 ? 0.1069 0.1182 0.1053 -0.0089 -0.0002 -0.0093 23  PRO B CG  
363 C CD  . PRO B 24 ? 0.0930 0.0903 0.0885 -0.0059 -0.0026 -0.0018 23  PRO B CD  
364 N N   . HYP B 25 ? 0.0908 0.0687 0.0783 -0.0053 -0.0092 0.0006  24  HYP B N   
365 C CA  . HYP B 25 ? 0.0932 0.0803 0.0822 -0.0089 -0.0113 -0.0006 24  HYP B CA  
366 C C   . HYP B 25 ? 0.0933 0.0767 0.0805 -0.0111 -0.0071 -0.0051 24  HYP B C   
367 O O   . HYP B 25 ? 0.0968 0.0855 0.0793 -0.0173 -0.0022 -0.0141 24  HYP B O   
368 C CB  . HYP B 25 ? 0.0983 0.0830 0.0862 -0.0075 -0.0064 0.0000  24  HYP B CB  
369 C CG  . HYP B 25 ? 0.1063 0.0840 0.0812 -0.0056 -0.0061 -0.0019 24  HYP B CG  
370 C CD  . HYP B 25 ? 0.1057 0.0672 0.0899 -0.0113 -0.0035 -0.0022 24  HYP B CD  
371 O OD1 . HYP B 25 ? 0.1068 0.1046 0.1094 0.0193  -0.0204 -0.0012 24  HYP B OD1 
372 N N   . GLY B 26 ? 0.0877 0.0780 0.0774 -0.0140 -0.0146 -0.0071 25  GLY B N   
373 C CA  . GLY B 26 ? 0.0895 0.0856 0.0835 -0.0098 -0.0112 -0.0027 25  GLY B CA  
374 C C   . GLY B 26 ? 0.0891 0.0867 0.0803 -0.0113 -0.0145 -0.0022 25  GLY B C   
375 O O   . GLY B 26 ? 0.0923 0.0795 0.0904 -0.0152 -0.0092 0.0068  25  GLY B O   
376 N N   . PRO B 27 ? 0.0859 0.0892 0.0832 -0.0118 -0.0147 0.0015  26  PRO B N   
377 C CA  . PRO B 27 ? 0.0867 0.0920 0.0847 -0.0134 -0.0072 0.0020  26  PRO B CA  
378 C C   . PRO B 27 ? 0.0911 0.0949 0.0825 -0.0133 -0.0041 0.0070  26  PRO B C   
379 O O   . PRO B 27 ? 0.0847 0.0897 0.0868 -0.0148 0.0064  0.0059  26  PRO B O   
380 C CB  . PRO B 27 ? 0.0837 0.0983 0.0866 -0.0126 0.0001  0.0005  26  PRO B CB  
381 C CG  . PRO B 27 ? 0.0936 0.0888 0.0917 -0.0068 -0.0140 0.0087  26  PRO B CG  
382 C CD  . PRO B 27 ? 0.0972 0.0880 0.0802 -0.0185 -0.0148 0.0048  26  PRO B CD  
383 N N   . HYP B 28 ? 0.0930 0.1005 0.0885 -0.0086 -0.0015 0.0049  27  HYP B N   
384 C CA  . HYP B 28 ? 0.0912 0.1048 0.0970 -0.0051 -0.0056 0.0018  27  HYP B CA  
385 C C   . HYP B 28 ? 0.0870 0.1043 0.1039 0.0005  -0.0020 -0.0058 27  HYP B C   
386 O O   . HYP B 28 ? 0.1028 0.1044 0.1154 -0.0036 -0.0033 -0.0016 27  HYP B O   
387 C CB  . HYP B 28 ? 0.0961 0.1060 0.0963 -0.0085 -0.0087 0.0029  27  HYP B CB  
388 C CG  . HYP B 28 ? 0.1141 0.1081 0.0908 -0.0159 -0.0008 0.0090  27  HYP B CG  
389 C CD  . HYP B 28 ? 0.0977 0.1092 0.0954 -0.0138 -0.0054 0.0095  27  HYP B CD  
390 O OD1 . HYP B 28 ? 0.1278 0.1272 0.1420 -0.0111 0.0139  0.0394  27  HYP B OD1 
391 N N   . GLY B 29 ? 0.1016 0.0970 0.1058 -0.0030 -0.0045 -0.0092 28  GLY B N   
392 C CA  . GLY B 29 ? 0.1063 0.0949 0.1010 -0.0100 -0.0073 -0.0053 28  GLY B CA  
393 C C   . GLY B 29 ? 0.1079 0.1006 0.1064 -0.0097 -0.0065 -0.0022 28  GLY B C   
394 O O   . GLY B 29 ? 0.1032 0.0862 0.1072 -0.0162 -0.0011 -0.0089 28  GLY B O   
395 N N   . PRO B 30 ? 0.1234 0.1000 0.1161 -0.0116 -0.0013 0.0017  29  PRO B N   
396 C CA  . PRO B 30 ? 0.1253 0.1067 0.1204 -0.0003 -0.0014 0.0008  29  PRO B CA  
397 C C   . PRO B 30 ? 0.1250 0.1193 0.1251 0.0040  0.0040  -0.0021 29  PRO B C   
398 O O   . PRO B 30 ? 0.1227 0.1154 0.1270 0.0023  0.0097  -0.0057 29  PRO B O   
399 C CB  . PRO B 30 ? 0.1401 0.1127 0.1281 -0.0004 -0.0065 0.0037  29  PRO B CB  
400 C CG  . PRO B 30 ? 0.1474 0.1091 0.1327 -0.0088 -0.0009 0.0033  29  PRO B CG  
401 C CD  . PRO B 30 ? 0.1313 0.1093 0.1176 -0.0155 0.0067  0.0064  29  PRO B CD  
402 N N   . HYP B 31 ? 0.1128 0.1199 0.1304 0.0069  0.0083  -0.0007 30  HYP B N   
403 C CA  . HYP B 31 ? 0.1162 0.1235 0.1362 0.0008  0.0058  -0.0023 30  HYP B CA  
404 C C   . HYP B 31 ? 0.1194 0.1211 0.1405 0.0005  0.0002  0.0007  30  HYP B C   
405 O O   . HYP B 31 ? 0.1407 0.1290 0.1515 0.0051  -0.0083 -0.0002 30  HYP B O   
406 C CB  . HYP B 31 ? 0.1152 0.1179 0.1357 0.0075  0.0100  -0.0048 30  HYP B CB  
407 C CG  . HYP B 31 ? 0.1301 0.1216 0.1416 0.0048  0.0118  -0.0018 30  HYP B CG  
408 C CD  . HYP B 31 ? 0.1174 0.1271 0.1291 0.0062  0.0105  -0.0025 30  HYP B CD  
409 O OD1 . HYP B 31 ? 0.1516 0.1290 0.1370 0.0047  0.0186  0.0003  30  HYP B OD1 
410 N N   . NH2 B 32 ? 0.1308 0.1376 0.1406 0.0026  -0.0102 0.0034  31  NH2 B N   
411 C C   . ACE C 1  ? 0.1827 0.2088 0.1621 -0.0021 0.0077  -0.0058 0   ACE C C   
412 O O   . ACE C 1  ? 0.2029 0.2112 0.1838 -0.0120 0.0131  -0.0146 0   ACE C O   
413 C CH3 . ACE C 1  ? 0.2191 0.2262 0.2019 -0.0035 0.0056  -0.0106 0   ACE C CH3 
414 N N   . GLY C 2  ? 0.1474 0.1552 0.1292 0.0056  0.0013  -0.0068 1   GLY C N   
415 C CA  . GLY C 2  ? 0.1241 0.1305 0.1082 0.0051  -0.0023 -0.0051 1   GLY C CA  
416 C C   . GLY C 2  ? 0.1072 0.1082 0.0876 0.0073  0.0039  -0.0067 1   GLY C C   
417 O O   . GLY C 2  ? 0.0845 0.1066 0.0780 0.0106  0.0110  0.0058  1   GLY C O   
418 N N   . PRO C 3  ? 0.1092 0.1134 0.0942 0.0113  0.0024  -0.0045 2   PRO C N   
419 C CA  . PRO C 3  ? 0.0976 0.1022 0.0925 0.0109  0.0032  -0.0020 2   PRO C CA  
420 C C   . PRO C 3  ? 0.0833 0.0855 0.0775 0.0062  0.0030  0.0005  2   PRO C C   
421 O O   . PRO C 3  ? 0.0937 0.0862 0.0663 0.0190  0.0041  -0.0122 2   PRO C O   
422 C CB  . PRO C 3  ? 0.1096 0.1024 0.0986 0.0165  0.0031  -0.0020 2   PRO C CB  
423 C CG  . PRO C 3  ? 0.1170 0.1251 0.1189 0.0107  0.0012  0.0046  2   PRO C CG  
424 C CD  . PRO C 3  ? 0.1203 0.1189 0.1061 0.0167  -0.0001 -0.0044 2   PRO C CD  
425 N N   . HYP C 4  ? 0.0835 0.0815 0.0800 0.0030  0.0047  -0.0005 3   HYP C N   
426 C CA  . HYP C 4  ? 0.0802 0.0689 0.0794 0.0025  0.0025  0.0029  3   HYP C CA  
427 C C   . HYP C 4  ? 0.0846 0.0525 0.0718 -0.0002 0.0025  0.0044  3   HYP C C   
428 O O   . HYP C 4  ? 0.1170 0.0475 0.0689 -0.0044 0.0049  -0.0025 3   HYP C O   
429 C CB  . HYP C 4  ? 0.0939 0.0800 0.0811 0.0003  0.0008  -0.0002 3   HYP C CB  
430 C CG  . HYP C 4  ? 0.0885 0.0742 0.0861 -0.0014 0.0041  0.0105  3   HYP C CG  
431 C CD  . HYP C 4  ? 0.0852 0.0872 0.0799 0.0058  0.0026  0.0088  3   HYP C CD  
432 O OD1 . HYP C 4  ? 0.1005 0.0896 0.1103 -0.0201 -0.0080 0.0457  3   HYP C OD1 
433 N N   . GLY C 5  ? 0.0817 0.0515 0.0801 -0.0005 0.0104  0.0073  4   GLY C N   
434 C CA  . GLY C 5  ? 0.0781 0.0663 0.0847 0.0046  0.0060  0.0018  4   GLY C CA  
435 C C   . GLY C 5  ? 0.0874 0.0677 0.0943 0.0043  0.0079  -0.0007 4   GLY C C   
436 O O   . GLY C 5  ? 0.0856 0.0529 0.0897 0.0030  0.0143  -0.0076 4   GLY C O   
437 N N   . PRO C 6  ? 0.0993 0.0694 0.1040 0.0008  0.0129  -0.0032 5   PRO C N   
438 C CA  . PRO C 6  ? 0.1064 0.0736 0.1047 -0.0052 0.0078  -0.0028 5   PRO C CA  
439 C C   . PRO C 6  ? 0.0974 0.0635 0.0961 0.0017  0.0109  0.0025  5   PRO C C   
440 O O   . PRO C 6  ? 0.1048 0.0563 0.0941 -0.0051 0.0073  0.0093  5   PRO C O   
441 C CB  . PRO C 6  ? 0.1128 0.0826 0.1195 -0.0102 0.0157  -0.0054 5   PRO C CB  
442 C CG  . PRO C 6  ? 0.1264 0.0948 0.1314 -0.0014 0.0172  0.0033  5   PRO C CG  
443 C CD  . PRO C 6  ? 0.1103 0.0776 0.1110 -0.0052 0.0131  -0.0056 5   PRO C CD  
444 N N   . HYP C 7  ? 0.0990 0.0685 0.0923 0.0039  0.0097  0.0085  6   HYP C N   
445 C CA  . HYP C 7  ? 0.1001 0.0863 0.0825 0.0039  0.0085  0.0113  6   HYP C CA  
446 C C   . HYP C 7  ? 0.0951 0.0806 0.0775 0.0011  0.0058  0.0094  6   HYP C C   
447 O O   . HYP C 7  ? 0.1049 0.0921 0.0730 0.0018  0.0087  0.0050  6   HYP C O   
448 C CB  . HYP C 7  ? 0.1066 0.0962 0.0834 0.0040  0.0016  0.0151  6   HYP C CB  
449 C CG  . HYP C 7  ? 0.1251 0.1109 0.1134 0.0120  0.0078  0.0215  6   HYP C CG  
450 C CD  . HYP C 7  ? 0.1127 0.0850 0.1068 0.0176  0.0140  0.0140  6   HYP C CD  
451 O OD1 . HYP C 7  ? 0.1523 0.1820 0.1515 0.0262  0.0165  0.0384  6   HYP C OD1 
452 N N   . GLY C 8  ? 0.1054 0.0820 0.0801 -0.0039 0.0113  0.0056  7   GLY C N   
453 C CA  . GLY C 8  ? 0.1025 0.0763 0.0712 -0.0007 0.0044  0.0075  7   GLY C CA  
454 C C   . GLY C 8  ? 0.1010 0.0820 0.0667 0.0039  0.0030  0.0028  7   GLY C C   
455 O O   . GLY C 8  ? 0.1062 0.0706 0.0536 0.0093  0.0059  0.0083  7   GLY C O   
456 N N   . PRO C 9  ? 0.0968 0.0858 0.0748 -0.0016 -0.0026 0.0045  8   PRO C N   
457 C CA  . PRO C 9  ? 0.0924 0.0865 0.0768 0.0018  0.0028  -0.0059 8   PRO C CA  
458 C C   . PRO C 9  ? 0.0860 0.0751 0.0763 -0.0013 0.0039  -0.0024 8   PRO C C   
459 O O   . PRO C 9  ? 0.0929 0.0605 0.0790 -0.0021 0.0041  0.0027  8   PRO C O   
460 C CB  . PRO C 9  ? 0.0931 0.0996 0.0838 -0.0003 0.0023  -0.0141 8   PRO C CB  
461 C CG  . PRO C 9  ? 0.1035 0.1033 0.0850 0.0015  -0.0144 0.0009  8   PRO C CG  
462 C CD  . PRO C 9  ? 0.1053 0.0943 0.0766 0.0068  -0.0049 -0.0090 8   PRO C CD  
463 N N   . HYP C 10 ? 0.1032 0.0746 0.0808 -0.0093 0.0029  0.0036  9   HYP C N   
464 C CA  . HYP C 10 ? 0.0976 0.0836 0.0827 -0.0027 0.0013  0.0051  9   HYP C CA  
465 C C   . HYP C 10 ? 0.0877 0.0794 0.0716 -0.0063 0.0034  0.0029  9   HYP C C   
466 O O   . HYP C 10 ? 0.1067 0.0819 0.0860 -0.0089 -0.0002 -0.0020 9   HYP C O   
467 C CB  . HYP C 10 ? 0.1097 0.0875 0.0861 -0.0069 0.0009  0.0073  9   HYP C CB  
468 C CG  . HYP C 10 ? 0.1139 0.0855 0.0959 -0.0086 0.0071  0.0049  9   HYP C CG  
469 C CD  . HYP C 10 ? 0.1073 0.0834 0.0970 -0.0081 0.0004  -0.0064 9   HYP C CD  
470 O OD1 . HYP C 10 ? 0.1407 0.0897 0.0840 -0.0012 0.0141  0.0128  9   HYP C OD1 
471 N N   . GLY C 11 ? 0.0803 0.0727 0.0571 -0.0026 0.0072  -0.0011 10  GLY C N   
472 C CA  . GLY C 11 ? 0.0903 0.0662 0.0576 -0.0100 0.0032  0.0046  10  GLY C CA  
473 C C   . GLY C 11 ? 0.0928 0.0669 0.0580 -0.0057 0.0052  0.0056  10  GLY C C   
474 O O   . GLY C 11 ? 0.0989 0.0639 0.0705 -0.0117 0.0053  0.0116  10  GLY C O   
475 N N   . PRO C 12 ? 0.0857 0.0694 0.0630 0.0023  -0.0020 0.0100  11  PRO C N   
476 C CA  . PRO C 12 ? 0.0787 0.0723 0.0632 -0.0019 -0.0051 0.0035  11  PRO C CA  
477 C C   . PRO C 12 ? 0.0666 0.0605 0.0631 0.0069  -0.0053 0.0051  11  PRO C C   
478 O O   . PRO C 12 ? 0.0760 0.0564 0.0632 -0.0015 -0.0032 -0.0038 11  PRO C O   
479 C CB  . PRO C 12 ? 0.0877 0.0894 0.0721 -0.0011 -0.0154 0.0045  11  PRO C CB  
480 C CG  . PRO C 12 ? 0.0954 0.0884 0.0844 0.0064  -0.0078 0.0183  11  PRO C CG  
481 C CD  . PRO C 12 ? 0.0908 0.0787 0.0554 -0.0049 -0.0003 0.0165  11  PRO C CD  
482 N N   . ARG C 13 ? 0.0724 0.0595 0.0578 0.0087  -0.0002 -0.0004 12  ARG C N   
483 C CA  . ARG C 13 ? 0.0751 0.0527 0.0652 0.0079  -0.0045 0.0027  12  ARG C CA  
484 C C   . ARG C 13 ? 0.0649 0.0524 0.0584 0.0116  -0.0013 -0.0040 12  ARG C C   
485 O O   . ARG C 13 ? 0.0652 0.0538 0.0489 0.0147  -0.0001 0.0073  12  ARG C O   
486 C CB  . ARG C 13 ? 0.0738 0.0534 0.0776 0.0093  -0.0024 -0.0028 12  ARG C CB  
487 C CG  . ARG C 13 ? 0.0960 0.0614 0.0765 0.0110  0.0104  -0.0040 12  ARG C CG  
488 C CD  . ARG C 13 ? 0.1035 0.0801 0.1156 0.0040  -0.0010 0.0106  12  ARG C CD  
489 N NE  . ARG C 13 ? 0.1029 0.0756 0.1161 -0.0069 -0.0141 0.0197  12  ARG C NE  
490 C CZ  . ARG C 13 ? 0.1127 0.0651 0.0967 -0.0047 -0.0114 0.0132  12  ARG C CZ  
491 N NH1 . ARG C 13 ? 0.1145 0.0520 0.0789 0.0013  -0.0004 0.0030  12  ARG C NH1 
492 N NH2 . ARG C 13 ? 0.1506 0.0633 0.1108 -0.0098 -0.0332 0.0096  12  ARG C NH2 
493 N N   . GLY C 14 ? 0.0727 0.0496 0.0467 0.0123  -0.0040 -0.0071 13  GLY C N   
494 C CA  . GLY C 14 ? 0.0665 0.0487 0.0486 0.0053  -0.0020 0.0019  13  GLY C CA  
495 C C   . GLY C 14 ? 0.0613 0.0592 0.0486 0.0031  -0.0007 0.0081  13  GLY C C   
496 O O   . GLY C 14 ? 0.0709 0.0597 0.0402 -0.0062 0.0013  0.0009  13  GLY C O   
497 N N   . GLN C 15 ? 0.0642 0.0537 0.0544 0.0012  0.0014  0.0011  14  GLN C N   
498 C CA  . GLN C 15 ? 0.0732 0.0636 0.0557 0.0064  -0.0004 0.0012  14  GLN C CA  
499 C C   . GLN C 15 ? 0.0793 0.0651 0.0637 0.0144  0.0007  0.0076  14  GLN C C   
500 O O   . GLN C 15 ? 0.0775 0.0507 0.0660 0.0161  -0.0093 0.0026  14  GLN C O   
501 C CB  . GLN C 15 ? 0.0870 0.0789 0.0678 0.0010  0.0037  -0.0014 14  GLN C CB  
502 C CG  . GLN C 15 ? 0.1042 0.0707 0.0740 0.0174  0.0014  -0.0110 14  GLN C CG  
503 C CD  . GLN C 15 ? 0.1287 0.0958 0.1217 0.0084  0.0171  -0.0045 14  GLN C CD  
504 O OE1 . GLN C 15 ? 0.2423 0.1268 0.1583 0.0671  0.0487  -0.0086 14  GLN C OE1 
505 N NE2 . GLN C 15 ? 0.1320 0.1451 0.1612 -0.0097 0.0258  0.0067  14  GLN C NE2 
506 N N   . HYP C 16 ? 0.0804 0.0731 0.0574 0.0139  0.0020  0.0076  15  HYP C N   
507 C CA  . HYP C 16 ? 0.0855 0.0778 0.0538 0.0088  0.0016  0.0040  15  HYP C CA  
508 C C   . HYP C 16 ? 0.1007 0.0670 0.0541 0.0017  0.0000  0.0024  15  HYP C C   
509 O O   . HYP C 16 ? 0.1213 0.0648 0.0537 -0.0049 0.0031  0.0089  15  HYP C O   
510 C CB  . HYP C 16 ? 0.0956 0.0862 0.0567 0.0100  0.0058  -0.0014 15  HYP C CB  
511 C CG  . HYP C 16 ? 0.0890 0.0980 0.0727 0.0189  0.0118  0.0017  15  HYP C CG  
512 C CD  . HYP C 16 ? 0.0827 0.0779 0.0764 0.0161  0.0097  0.0129  15  HYP C CD  
513 O OD1 . HYP C 16 ? 0.0942 0.1170 0.1356 0.0185  0.0186  -0.0087 15  HYP C OD1 
514 N N   . GLY C 17 ? 0.0967 0.0810 0.0541 -0.0034 -0.0061 0.0063  16  GLY C N   
515 C CA  . GLY C 17 ? 0.1034 0.0831 0.0614 -0.0099 -0.0011 0.0019  16  GLY C CA  
516 C C   . GLY C 17 ? 0.1002 0.0777 0.0658 -0.0081 0.0019  0.0059  16  GLY C C   
517 O O   . GLY C 17 ? 0.1157 0.0652 0.0652 -0.0014 0.0013  -0.0049 16  GLY C O   
518 N N   . VAL C 18 ? 0.1038 0.0828 0.0729 -0.0090 0.0073  -0.0028 17  VAL C N   
519 C CA  A VAL C 18 ? 0.1085 0.0792 0.0737 -0.0105 0.0072  -0.0022 17  VAL C CA  
520 C CA  B VAL C 18 ? 0.1100 0.0878 0.0815 -0.0129 0.0056  -0.0058 17  VAL C CA  
521 C C   . VAL C 18 ? 0.1039 0.0737 0.0771 -0.0120 0.0034  -0.0018 17  VAL C C   
522 O O   . VAL C 18 ? 0.1152 0.0575 0.0770 -0.0081 0.0053  0.0072  17  VAL C O   
523 C CB  A VAL C 18 ? 0.1140 0.0784 0.0770 -0.0152 0.0142  -0.0003 17  VAL C CB  
524 C CB  B VAL C 18 ? 0.1182 0.0919 0.0894 -0.0206 0.0122  -0.0075 17  VAL C CB  
525 C CG1 A VAL C 18 ? 0.1342 0.0930 0.0905 -0.0089 0.0085  -0.0065 17  VAL C CG1 
526 C CG1 B VAL C 18 ? 0.1168 0.1283 0.1054 -0.0229 0.0012  -0.0136 17  VAL C CG1 
527 C CG2 A VAL C 18 ? 0.1124 0.0739 0.0626 -0.0168 0.0162  -0.0026 17  VAL C CG2 
528 C CG2 B VAL C 18 ? 0.1436 0.1166 0.1195 -0.0177 0.0106  -0.0203 17  VAL C CG2 
529 N N   . MET C 19 ? 0.0959 0.0652 0.0730 -0.0107 -0.0013 0.0029  18  MET C N   
530 C CA  . MET C 19 ? 0.0974 0.0761 0.0840 -0.0095 -0.0035 -0.0071 18  MET C CA  
531 C C   . MET C 19 ? 0.0895 0.0706 0.0781 -0.0038 0.0019  -0.0050 18  MET C C   
532 O O   . MET C 19 ? 0.0949 0.0709 0.0865 -0.0123 -0.0055 -0.0120 18  MET C O   
533 C CB  . MET C 19 ? 0.1025 0.0845 0.0976 -0.0116 -0.0044 -0.0084 18  MET C CB  
534 C CG  . MET C 19 ? 0.1271 0.1127 0.1167 -0.0137 -0.0068 -0.0125 18  MET C CG  
535 S SD  . MET C 19 ? 0.1378 0.1562 0.1254 0.0019  -0.0162 -0.0112 18  MET C SD  
536 C CE  . MET C 19 ? 0.1773 0.1264 0.1335 0.0276  0.0108  0.0050  18  MET C CE  
537 N N   . GLY C 20 ? 0.0876 0.0728 0.0654 -0.0027 0.0032  -0.0029 19  GLY C N   
538 C CA  . GLY C 20 ? 0.0774 0.0590 0.0611 0.0003  0.0023  0.0037  19  GLY C CA  
539 C C   . GLY C 20 ? 0.0842 0.0723 0.0591 -0.0053 0.0020  -0.0011 19  GLY C C   
540 O O   . GLY C 20 ? 0.0884 0.0732 0.0486 -0.0126 -0.0094 0.0020  19  GLY C O   
541 N N   . PHE C 21 ? 0.0836 0.0731 0.0684 -0.0040 0.0006  0.0000  20  PHE C N   
542 C CA  . PHE C 21 ? 0.0823 0.0699 0.0702 -0.0057 -0.0026 0.0001  20  PHE C CA  
543 C C   . PHE C 21 ? 0.0973 0.0735 0.0768 -0.0050 -0.0010 -0.0029 20  PHE C C   
544 O O   . PHE C 21 ? 0.1166 0.0853 0.0686 -0.0143 -0.0001 -0.0048 20  PHE C O   
545 C CB  . PHE C 21 ? 0.0795 0.0699 0.0713 0.0034  -0.0093 -0.0006 20  PHE C CB  
546 C CG  . PHE C 21 ? 0.0865 0.0718 0.0868 -0.0008 -0.0012 0.0055  20  PHE C CG  
547 C CD1 . PHE C 21 ? 0.0869 0.0888 0.1006 0.0086  -0.0049 0.0141  20  PHE C CD1 
548 C CD2 . PHE C 21 ? 0.0995 0.0946 0.1010 0.0018  0.0053  0.0134  20  PHE C CD2 
549 C CE1 . PHE C 21 ? 0.1218 0.0932 0.1138 -0.0019 -0.0003 0.0108  20  PHE C CE1 
550 C CE2 . PHE C 21 ? 0.1127 0.1162 0.1180 -0.0023 0.0133  0.0367  20  PHE C CE2 
551 C CZ  . PHE C 21 ? 0.1089 0.0863 0.1036 -0.0156 0.0127  0.0313  20  PHE C CZ  
552 N N   . HYP C 22 ? 0.0974 0.0703 0.0767 -0.0100 0.0013  -0.0062 21  HYP C N   
553 C CA  . HYP C 22 ? 0.0880 0.0711 0.0725 -0.0112 0.0009  -0.0078 21  HYP C CA  
554 C C   . HYP C 22 ? 0.0869 0.0720 0.0694 -0.0137 -0.0024 -0.0075 21  HYP C C   
555 O O   . HYP C 22 ? 0.0968 0.0785 0.0667 -0.0117 0.0007  -0.0041 21  HYP C O   
556 C CB  . HYP C 22 ? 0.0953 0.0744 0.0778 -0.0105 0.0068  -0.0039 21  HYP C CB  
557 C CG  . HYP C 22 ? 0.1151 0.0640 0.0831 -0.0070 0.0005  -0.0017 21  HYP C CG  
558 C CD  . HYP C 22 ? 0.0989 0.0678 0.0822 -0.0077 -0.0036 -0.0021 21  HYP C CD  
559 O OD1 . HYP C 22 ? 0.1387 0.0752 0.1331 0.0006  0.0020  -0.0078 21  HYP C OD1 
560 N N   . GLY C 23 ? 0.0846 0.0715 0.0685 -0.0099 -0.0070 0.0014  22  GLY C N   
561 C CA  . GLY C 23 ? 0.0884 0.0786 0.0665 -0.0059 -0.0044 0.0011  22  GLY C CA  
562 C C   . GLY C 23 ? 0.0925 0.0757 0.0672 -0.0041 0.0030  -0.0036 22  GLY C C   
563 O O   . GLY C 23 ? 0.0976 0.0741 0.0614 -0.0020 -0.0013 -0.0083 22  GLY C O   
564 N N   . PRO C 24 ? 0.0909 0.0739 0.0717 -0.0021 -0.0019 -0.0080 23  PRO C N   
565 C CA  . PRO C 24 ? 0.0845 0.0790 0.0721 -0.0036 -0.0005 -0.0092 23  PRO C CA  
566 C C   . PRO C 24 ? 0.0796 0.0731 0.0768 -0.0058 -0.0020 -0.0059 23  PRO C C   
567 O O   . PRO C 24 ? 0.0847 0.0734 0.0731 -0.0135 0.0097  0.0003  23  PRO C O   
568 C CB  . PRO C 24 ? 0.0846 0.0830 0.0694 -0.0029 -0.0042 -0.0128 23  PRO C CB  
569 C CG  . PRO C 24 ? 0.0994 0.0870 0.0910 -0.0024 -0.0010 -0.0071 23  PRO C CG  
570 C CD  . PRO C 24 ? 0.1082 0.0826 0.0836 -0.0045 0.0083  -0.0036 23  PRO C CD  
571 N N   . HYP C 25 ? 0.0936 0.0724 0.0714 -0.0085 0.0000  -0.0021 24  HYP C N   
572 C CA  . HYP C 25 ? 0.0839 0.0637 0.0769 -0.0037 -0.0067 0.0020  24  HYP C CA  
573 C C   . HYP C 25 ? 0.0775 0.0626 0.0680 -0.0024 -0.0020 0.0013  24  HYP C C   
574 O O   . HYP C 25 ? 0.0829 0.0568 0.0762 -0.0010 -0.0034 0.0030  24  HYP C O   
575 C CB  . HYP C 25 ? 0.0902 0.0683 0.0726 -0.0035 -0.0086 -0.0024 24  HYP C CB  
576 C CG  . HYP C 25 ? 0.0891 0.0735 0.0718 -0.0069 -0.0128 -0.0048 24  HYP C CG  
577 C CD  . HYP C 25 ? 0.0854 0.0760 0.0754 -0.0033 0.0032  -0.0030 24  HYP C CD  
578 O OD1 . HYP C 25 ? 0.1221 0.0810 0.0907 -0.0116 -0.0070 0.0137  24  HYP C OD1 
579 N N   . GLY C 26 ? 0.0757 0.0529 0.0767 -0.0089 -0.0027 0.0028  25  GLY C N   
580 C CA  . GLY C 26 ? 0.0763 0.0625 0.0674 -0.0112 0.0000  0.0059  25  GLY C CA  
581 C C   . GLY C 26 ? 0.0779 0.0609 0.0698 -0.0113 -0.0034 0.0023  25  GLY C C   
582 O O   . GLY C 26 ? 0.0935 0.0529 0.0563 -0.0147 -0.0047 0.0005  25  GLY C O   
583 N N   . PRO C 27 ? 0.0856 0.0676 0.0702 -0.0095 -0.0043 0.0074  26  PRO C N   
584 C CA  . PRO C 27 ? 0.0863 0.0622 0.0725 -0.0124 -0.0052 0.0077  26  PRO C CA  
585 C C   . PRO C 27 ? 0.0787 0.0691 0.0724 -0.0101 -0.0010 0.0056  26  PRO C C   
586 O O   . PRO C 27 ? 0.0981 0.0536 0.0551 -0.0026 -0.0060 -0.0027 26  PRO C O   
587 C CB  . PRO C 27 ? 0.0962 0.0768 0.0770 -0.0199 0.0000  0.0083  26  PRO C CB  
588 C CG  . PRO C 27 ? 0.0907 0.0781 0.0937 -0.0220 -0.0023 0.0113  26  PRO C CG  
589 C CD  . PRO C 27 ? 0.0951 0.0615 0.0736 -0.0088 -0.0137 0.0017  26  PRO C CD  
590 N N   . HYP C 28 ? 0.0801 0.0678 0.0713 -0.0045 -0.0001 0.0015  27  HYP C N   
591 C CA  . HYP C 28 ? 0.0825 0.0684 0.0819 -0.0082 0.0010  0.0013  27  HYP C CA  
592 C C   . HYP C 28 ? 0.0943 0.0789 0.0978 -0.0036 0.0009  0.0103  27  HYP C C   
593 O O   . HYP C 28 ? 0.0962 0.0863 0.1014 -0.0129 -0.0014 0.0169  27  HYP C O   
594 C CB  . HYP C 28 ? 0.0755 0.0784 0.0864 -0.0128 0.0018  0.0012  27  HYP C CB  
595 C CG  . HYP C 28 ? 0.0837 0.0688 0.0746 -0.0058 -0.0047 0.0056  27  HYP C CG  
596 C CD  . HYP C 28 ? 0.0751 0.0637 0.0816 0.0029  -0.0018 0.0004  27  HYP C CD  
597 O OD1 . HYP C 28 ? 0.0889 0.0862 0.1034 -0.0158 -0.0004 0.0063  27  HYP C OD1 
598 N N   . GLY C 29 ? 0.1120 0.0928 0.1064 -0.0012 0.0077  0.0101  28  GLY C N   
599 C CA  . GLY C 29 ? 0.1195 0.0988 0.1099 0.0007  0.0067  0.0129  28  GLY C CA  
600 C C   . GLY C 29 ? 0.1323 0.1118 0.1207 -0.0023 0.0075  0.0110  28  GLY C C   
601 O O   . GLY C 29 ? 0.1263 0.1080 0.0952 -0.0116 0.0222  0.0170  28  GLY C O   
602 N N   . PRO C 30 ? 0.1494 0.1339 0.1404 -0.0056 0.0081  0.0099  29  PRO C N   
603 C CA  . PRO C 30 ? 0.1659 0.1470 0.1532 -0.0023 0.0061  0.0058  29  PRO C CA  
604 C C   . PRO C 30 ? 0.1794 0.1603 0.1668 -0.0067 0.0055  0.0022  29  PRO C C   
605 O O   . PRO C 30 ? 0.1723 0.1557 0.1462 -0.0080 0.0164  -0.0008 29  PRO C O   
606 C CB  . PRO C 30 ? 0.1665 0.1452 0.1597 -0.0024 0.0081  0.0083  29  PRO C CB  
607 C CG  . PRO C 30 ? 0.1571 0.1428 0.1532 -0.0063 0.0083  0.0042  29  PRO C CG  
608 C CD  . PRO C 30 ? 0.1528 0.1331 0.1507 -0.0034 0.0019  0.0038  29  PRO C CD  
609 N N   . HYP C 31 ? 0.2016 0.1842 0.1837 -0.0087 0.0052  -0.0035 30  HYP C N   
610 C CA  . HYP C 31 ? 0.2047 0.1934 0.1994 -0.0110 0.0016  -0.0087 30  HYP C CA  
611 C C   . HYP C 31 ? 0.2041 0.2064 0.2195 -0.0123 0.0043  -0.0183 30  HYP C C   
612 O O   . HYP C 31 ? 0.2092 0.2274 0.2274 -0.0133 0.0055  -0.0300 30  HYP C O   
613 C CB  . HYP C 31 ? 0.2110 0.2005 0.2017 -0.0107 0.0014  -0.0081 30  HYP C CB  
614 C CG  . HYP C 31 ? 0.2075 0.2005 0.2005 -0.0072 0.0037  -0.0067 30  HYP C CG  
615 C CD  . HYP C 31 ? 0.2071 0.1901 0.1915 -0.0106 0.0071  -0.0016 30  HYP C CD  
616 O OD1 . HYP C 31 ? 0.2021 0.2574 0.2326 -0.0199 0.0157  0.0050  30  HYP C OD1 
617 N N   . NH2 C 32 ? 0.2108 0.2058 0.2403 -0.0225 -0.0007 -0.0226 31  NH2 C N   
618 C C1  . GOL D .  ? 0.2365 0.2481 0.2457 0.0056  -0.0005 0.0004  101 GOL A C1  
619 O O1  . GOL D .  ? 0.2210 0.2453 0.2261 0.0168  -0.0027 0.0022  101 GOL A O1  
620 C C2  . GOL D .  ? 0.2344 0.2351 0.2470 0.0051  -0.0079 -0.0117 101 GOL A C2  
621 O O2  . GOL D .  ? 0.1834 0.1762 0.2681 0.0018  -0.0119 0.0047  101 GOL A O2  
622 C C3  . GOL D .  ? 0.2210 0.2288 0.2377 0.0044  -0.0010 -0.0012 101 GOL A C3  
623 O O3  . GOL D .  ? 0.1541 0.1932 0.1842 0.0116  -0.0001 0.0030  101 GOL A O3  
624 C C1  . GOL E .  ? 0.2261 0.2400 0.2434 -0.0014 0.0065  0.0048  101 GOL B C1  
625 O O1  . GOL E .  ? 0.1795 0.1828 0.1939 -0.0089 0.0028  0.0109  101 GOL B O1  
626 C C2  . GOL E .  ? 0.2322 0.2453 0.2472 -0.0009 0.0059  0.0038  101 GOL B C2  
627 O O2  . GOL E .  ? 0.2186 0.2504 0.2195 0.0058  -0.0160 0.0284  101 GOL B O2  
628 C C3  . GOL E .  ? 0.2441 0.2447 0.2513 -0.0074 0.0084  0.0082  101 GOL B C3  
629 O O3  . GOL E .  ? 0.1780 0.1994 0.2018 -0.0209 -0.0017 0.0077  101 GOL B O3  
630 C C1  . GOL F .  ? 0.1485 0.1258 0.1371 -0.0081 0.0019  0.0032  101 GOL C C1  
631 O O1  . GOL F .  ? 0.1606 0.1143 0.1122 -0.0056 0.0118  -0.0103 101 GOL C O1  
632 C C2  . GOL F .  ? 0.1518 0.1403 0.1416 -0.0241 -0.0054 -0.0003 101 GOL C C2  
633 O O2  . GOL F .  ? 0.1808 0.1340 0.1276 -0.0421 -0.0046 -0.0131 101 GOL C O2  
634 C C3  . GOL F .  ? 0.1607 0.1457 0.1319 -0.0214 -0.0009 -0.0125 101 GOL C C3  
635 O O3  . GOL F .  ? 0.1474 0.1490 0.1115 -0.0375 0.0094  -0.0099 101 GOL C O3  
636 C C1  . GOL G .  ? 0.1899 0.1693 0.1997 -0.0091 -0.0021 -0.0146 102 GOL C C1  
637 O O1  . GOL G .  ? 0.1895 0.1545 0.1754 -0.0111 -0.0166 -0.0095 102 GOL C O1  
638 C C2  . GOL G .  ? 0.1972 0.1673 0.1825 -0.0036 0.0008  -0.0120 102 GOL C C2  
639 O O2  . GOL G .  ? 0.1681 0.1491 0.1866 -0.0054 -0.0235 -0.0054 102 GOL C O2  
640 C C3  . GOL G .  ? 0.1863 0.1778 0.1773 -0.0016 -0.0097 -0.0190 102 GOL C C3  
641 O O3  . GOL G .  ? 0.2011 0.1967 0.2082 -0.0300 0.0254  -0.0147 102 GOL C O3  
642 O O   . HOH H .  ? 0.4919 0.2440 0.3181 0.0327  -0.1517 -0.0279 201 HOH A O   
643 O O   . HOH H .  ? 0.3920 0.2824 0.4722 -0.0444 0.0211  -0.0055 202 HOH A O   
644 O O   . HOH H .  ? 0.1802 0.1669 0.1446 0.0120  0.0019  0.0329  203 HOH A O   
645 O O   . HOH H .  ? 0.1118 0.0364 0.0928 -0.0190 -0.0222 -0.0003 204 HOH A O   
646 O O   . HOH H .  ? 0.2989 0.3343 0.3828 -0.0438 0.0055  -0.0180 205 HOH A O   
647 O O   . HOH H .  ? 0.0999 0.1445 0.1466 0.0149  -0.0094 -0.0119 206 HOH A O   
648 O O   . HOH H .  ? 0.2751 0.2660 0.3471 -0.0425 -0.0020 -0.0008 207 HOH A O   
649 O O   . HOH H .  ? 0.1201 0.0507 0.0812 -0.0204 -0.0054 0.0111  208 HOH A O   
650 O O   . HOH H .  ? 0.1157 0.0949 0.1608 -0.0270 -0.0212 0.0333  209 HOH A O   
651 O O   . HOH H .  ? 0.1701 0.1260 0.1752 0.0009  -0.0169 0.0183  210 HOH A O   
652 O O   . HOH H .  ? 0.1683 0.1329 0.1254 0.0469  -0.0139 -0.0210 211 HOH A O   
653 O O   . HOH H .  ? 0.1679 0.0791 0.2047 0.0091  -0.0119 -0.0008 212 HOH A O   
654 O O   . HOH H .  ? 0.2127 0.1441 0.2642 0.0216  -0.0165 0.0370  213 HOH A O   
655 O O   . HOH H .  ? 0.2305 0.2748 0.2011 0.0922  -0.0093 0.1005  214 HOH A O   
656 O O   . HOH H .  ? 0.2875 0.1847 0.1087 0.0669  -0.0399 -0.0025 215 HOH A O   
657 O O   . HOH H .  ? 0.2398 0.1774 0.3232 0.0492  0.0640  -0.0084 216 HOH A O   
658 O O   . HOH H .  ? 0.3410 0.2778 0.3129 0.1111  -0.0715 -0.0029 217 HOH A O   
659 O O   . HOH H .  ? 0.2127 0.2018 0.1730 0.0349  -0.0225 0.0111  218 HOH A O   
660 O O   . HOH H .  ? 0.3135 0.2364 0.2598 0.0277  0.0577  -0.0252 219 HOH A O   
661 O O   . HOH H .  ? 0.2187 0.1199 0.2065 0.0304  0.0200  0.0312  220 HOH A O   
662 O O   . HOH H .  ? 0.4852 0.3222 0.6614 -0.1239 0.0422  0.0182  221 HOH A O   
663 O O   . HOH H .  ? 0.3530 0.2053 0.2166 0.0282  -0.0107 0.0050  222 HOH A O   
664 O O   . HOH H .  ? 0.1648 0.3505 0.2453 -0.0245 -0.0355 0.0059  223 HOH A O   
665 O O   . HOH H .  ? 0.3548 0.3057 0.5846 -0.0533 -0.0248 -0.1554 224 HOH A O   
666 O O   . HOH H .  ? 0.2084 0.2483 0.2271 0.0683  0.0263  -0.0077 225 HOH A O   
667 O O   . HOH H .  ? 0.3134 0.1933 0.2504 0.0969  -0.0475 -0.0583 226 HOH A O   
668 O O   . HOH H .  ? 0.1409 0.3175 0.2671 0.0288  0.0377  -0.0437 227 HOH A O   
669 O O   . HOH H .  ? 0.1729 0.3300 0.5028 -0.0050 -0.0506 -0.1743 228 HOH A O   
670 O O   . HOH H .  ? 0.1410 0.1151 0.1383 0.0373  -0.0107 -0.0217 229 HOH A O   
671 O O   . HOH H .  ? 0.2416 0.4252 0.7213 -0.0444 0.1336  0.0472  230 HOH A O   
672 O O   . HOH H .  ? 0.2917 0.2533 0.2837 -0.0317 0.0051  -0.0414 231 HOH A O   
673 O O   . HOH H .  ? 0.2583 0.3705 0.2299 0.1638  -0.0700 -0.0989 232 HOH A O   
674 O O   . HOH H .  ? 0.2243 0.5872 0.5964 0.0523  0.0120  -0.0134 233 HOH A O   
675 O O   . HOH H .  ? 0.5222 0.4431 0.4738 0.1560  -0.0377 0.1509  234 HOH A O   
676 O O   . HOH H .  ? 0.5412 0.7585 0.3898 -0.0299 0.0303  -0.0902 235 HOH A O   
677 O O   . HOH H .  ? 0.2353 0.4178 0.4484 -0.1199 -0.0110 -0.1163 236 HOH A O   
678 O O   . HOH H .  ? 0.4665 0.9173 0.4820 -0.1856 0.0893  0.3040  237 HOH A O   
679 O O   . HOH I .  ? 0.3207 0.3078 0.2172 -0.0104 -0.0124 0.0228  201 HOH B O   
680 O O   . HOH I .  ? 0.2086 0.1292 0.1329 0.0498  -0.0136 0.0034  202 HOH B O   
681 O O   . HOH I .  ? 1.0557 0.4334 0.4382 -0.5193 0.1855  0.0094  203 HOH B O   
682 O O   . HOH I .  ? 0.2387 0.4329 0.6250 -0.0078 0.0763  -0.0983 204 HOH B O   
683 O O   . HOH I .  ? 0.2078 0.2912 0.3268 0.0573  -0.1444 0.0111  205 HOH B O   
684 O O   . HOH I .  ? 0.1485 0.1131 0.0692 0.0007  -0.0033 0.0235  206 HOH B O   
685 O O   . HOH I .  ? 0.3915 0.5533 0.2674 0.0127  -0.0312 -0.0073 207 HOH B O   
686 O O   . HOH I .  ? 0.1796 0.1371 0.1377 -0.0209 -0.0218 0.0346  208 HOH B O   
687 O O   . HOH I .  ? 0.3476 0.2386 0.4890 -0.1376 -0.0084 -0.1427 209 HOH B O   
688 O O   . HOH I .  ? 0.1082 0.0574 0.0499 -0.0143 -0.0070 0.0264  210 HOH B O   
689 O O   . HOH I .  ? 0.1185 0.2095 0.1759 -0.0147 -0.0157 -0.0121 211 HOH B O   
690 O O   . HOH I .  ? 0.2920 0.3483 0.2786 0.0344  0.0061  -0.0214 212 HOH B O   
691 O O   . HOH I .  ? 0.2541 0.1424 0.1776 -0.0439 -0.0202 0.0402  213 HOH B O   
692 O O   . HOH I .  ? 0.1354 0.1080 0.1509 -0.0239 0.0097  -0.0165 214 HOH B O   
693 O O   . HOH I .  ? 0.1053 0.2529 0.1974 -0.0115 -0.0085 0.0334  215 HOH B O   
694 O O   . HOH I .  ? 0.2683 0.4828 0.2990 0.0328  -0.0221 -0.0850 216 HOH B O   
695 O O   . HOH I .  ? 0.1777 0.0916 0.1492 -0.0383 -0.0389 0.0138  217 HOH B O   
696 O O   . HOH I .  ? 0.1598 0.2598 0.1891 0.0043  -0.0040 0.0021  218 HOH B O   
697 O O   . HOH I .  ? 0.6168 1.1401 0.0802 -0.2496 0.0279  0.0948  219 HOH B O   
698 O O   . HOH I .  ? 0.1953 0.1506 0.2609 -0.0035 -0.0594 0.0663  220 HOH B O   
699 O O   . HOH I .  ? 0.1303 0.0936 0.0893 0.0062  -0.0113 -0.0058 221 HOH B O   
700 O O   . HOH I .  ? 0.1321 0.1327 0.1725 0.0411  0.0142  -0.0053 222 HOH B O   
701 O O   . HOH I .  ? 0.1148 0.2203 0.2478 0.0243  -0.0563 -0.0287 223 HOH B O   
702 O O   . HOH I .  ? 0.1677 0.0925 0.1415 0.0033  0.0486  0.0259  224 HOH B O   
703 O O   . HOH I .  ? 0.3732 0.1786 0.2798 -0.1119 -0.0730 0.0273  225 HOH B O   
704 O O   . HOH I .  ? 0.1599 0.2466 0.1937 -0.0158 -0.0312 0.0030  226 HOH B O   
705 O O   . HOH I .  ? 0.2178 0.2690 0.5193 0.0472  0.0649  0.0795  227 HOH B O   
706 O O   . HOH I .  ? 0.1278 0.0919 0.1265 0.0106  -0.0165 0.0464  228 HOH B O   
707 O O   . HOH I .  ? 0.2803 0.2026 0.1892 0.0988  -0.0895 -0.0541 229 HOH B O   
708 O O   . HOH I .  ? 0.4958 0.4009 0.2309 -0.0084 -0.1178 0.1448  230 HOH B O   
709 O O   . HOH I .  ? 0.2314 0.5092 0.6440 0.1217  -0.0341 -0.0799 231 HOH B O   
710 O O   . HOH I .  ? 0.3012 0.5712 0.3415 0.1305  0.0763  0.1174  232 HOH B O   
711 O O   . HOH I .  ? 0.3674 0.4294 0.2800 -0.0100 0.0664  0.0445  233 HOH B O   
712 O O   . HOH I .  ? 0.2157 0.1515 0.1822 0.0090  -0.0054 0.0217  234 HOH B O   
713 O O   . HOH I .  ? 0.1773 0.4146 0.4331 0.1103  -0.1285 -0.1307 235 HOH B O   
714 O O   . HOH I .  ? 0.3705 0.5475 0.5019 0.1053  -0.1593 -0.0717 236 HOH B O   
715 O O   . HOH I .  ? 0.2910 0.3149 0.3806 -0.0512 -0.0785 -0.0233 237 HOH B O   
716 O O   . HOH I .  ? 0.4347 0.1820 0.1381 -0.1125 0.0014  -0.0164 238 HOH B O   
717 O O   . HOH I .  ? 0.3868 0.3890 0.3000 0.1632  0.0051  0.0537  239 HOH B O   
718 O O   . HOH I .  ? 0.4695 0.2132 0.3122 0.0441  -0.1500 -0.0225 240 HOH B O   
719 O O   . HOH I .  ? 0.3647 0.2671 0.2364 -0.0042 -0.0079 -0.0201 241 HOH B O   
720 O O   . HOH I .  ? 0.2404 0.5117 0.4936 0.1254  0.1527  -0.0289 242 HOH B O   
721 O O   . HOH I .  ? 0.4458 0.4855 0.5925 0.1756  0.1986  0.0013  243 HOH B O   
722 O O   . HOH I .  ? 0.4023 0.6741 0.4561 -0.1852 -0.0684 -0.0613 244 HOH B O   
723 O O   . HOH I .  ? 0.7038 0.3306 0.6330 -0.0086 -0.1048 -0.0603 245 HOH B O   
724 O O   . HOH I .  ? 0.4392 0.5191 0.3605 -0.0827 0.0621  -0.0417 246 HOH B O   
725 O O   . HOH I .  ? 0.4878 0.3092 0.2827 -0.0218 -0.1122 0.1199  247 HOH B O   
726 O O   . HOH I .  ? 0.5547 0.8788 1.0348 0.1935  -0.0320 -0.0257 248 HOH B O   
727 O O   . HOH I .  ? 0.7630 0.7312 0.8175 0.1615  -0.0074 -0.1230 249 HOH B O   
728 O O   . HOH I .  ? 0.6567 0.3200 0.7008 -0.0118 -0.0069 -0.2270 250 HOH B O   
729 O O   . HOH I .  ? 1.0528 0.8388 0.6639 0.0405  -0.1123 0.2160  251 HOH B O   
730 O O   . HOH I .  ? 0.4096 0.3023 0.3980 -0.0009 0.1518  -0.0570 252 HOH B O   
731 O O   . HOH J .  ? 0.2200 0.3181 0.3916 0.0213  0.0872  -0.1109 201 HOH C O   
732 O O   . HOH J .  ? 0.2550 0.3275 0.3158 0.0201  -0.0365 0.0072  202 HOH C O   
733 O O   . HOH J .  ? 0.1787 0.1863 0.2085 0.0446  0.0313  0.1044  203 HOH C O   
734 O O   . HOH J .  ? 0.4059 0.4311 0.3006 0.2035  0.1944  0.1780  204 HOH C O   
735 O O   . HOH J .  ? 0.1709 0.1158 0.1237 0.0028  0.0041  0.0234  205 HOH C O   
736 O O   . HOH J .  ? 0.1253 0.1420 0.1330 -0.0077 -0.0650 0.0089  206 HOH C O   
737 O O   . HOH J .  ? 0.2090 0.4919 0.2359 -0.1426 -0.0450 0.0926  207 HOH C O   
738 O O   . HOH J .  ? 0.1866 0.2836 0.2703 0.0345  -0.0119 0.0200  208 HOH C O   
739 O O   . HOH J .  ? 0.1616 0.1153 0.2306 -0.0573 0.0375  0.0095  209 HOH C O   
740 O O   . HOH J .  ? 0.5395 0.2246 0.3206 0.0352  -0.0837 0.0319  210 HOH C O   
741 O O   . HOH J .  ? 0.1816 0.2202 0.1930 -0.1027 0.0295  -0.0210 211 HOH C O   
742 O O   . HOH J .  ? 0.0668 0.1294 0.1119 0.0118  -0.0179 -0.0001 212 HOH C O   
743 O O   . HOH J .  ? 0.2311 0.3121 0.4715 0.0502  -0.0354 -0.0043 213 HOH C O   
744 O O   . HOH J .  ? 0.1386 0.1271 0.1464 0.0022  -0.0256 0.0255  214 HOH C O   
745 O O   . HOH J .  ? 0.3662 0.1841 0.3166 0.0266  -0.0702 0.0402  215 HOH C O   
746 O O   . HOH J .  ? 0.1104 0.0771 0.0785 -0.0239 -0.0166 0.0094  216 HOH C O   
747 O O   . HOH J .  ? 0.1893 0.1154 0.1649 0.0166  -0.0166 -0.0192 217 HOH C O   
748 O O   . HOH J .  ? 0.1724 0.0507 0.1403 -0.0233 0.0188  -0.0026 218 HOH C O   
749 O O   . HOH J .  ? 0.1157 0.0759 0.1123 0.0003  0.0063  -0.0175 219 HOH C O   
750 O O   . HOH J .  ? 0.1841 0.2374 0.1885 0.0801  0.0563  0.0348  220 HOH C O   
751 O O   . HOH J .  ? 0.1115 0.1762 0.1422 -0.0001 0.0117  0.0007  221 HOH C O   
752 O O   . HOH J .  ? 0.0771 0.0820 0.0704 -0.0022 0.0052  0.0286  222 HOH C O   
753 O O   . HOH J .  ? 0.2220 0.2412 0.4447 -0.0455 0.0022  -0.1005 223 HOH C O   
754 O O   . HOH J .  ? 0.2560 0.2320 0.1949 0.0632  0.0642  0.0450  224 HOH C O   
755 O O   . HOH J .  ? 0.1841 0.2518 0.2341 -0.0407 0.0351  0.0908  225 HOH C O   
756 O O   . HOH J .  ? 0.5704 0.5131 0.2232 0.0950  0.1190  -0.0370 226 HOH C O   
757 O O   . HOH J .  ? 0.1692 0.2455 0.1550 0.0267  -0.0471 -0.0006 227 HOH C O   
758 O O   . HOH J .  ? 0.2548 0.1205 0.1401 0.0053  -0.0291 0.0156  228 HOH C O   
759 O O   . HOH J .  ? 0.2407 0.1989 0.2560 -0.0706 -0.0250 0.0759  229 HOH C O   
760 O O   . HOH J .  ? 0.2124 0.1867 0.1610 0.0150  -0.0273 0.0693  230 HOH C O   
761 O O   . HOH J .  ? 0.2494 0.3178 0.1577 -0.0449 0.0258  -0.0046 231 HOH C O   
762 O O   . HOH J .  ? 0.1740 0.2240 0.2168 -0.0278 0.0282  -0.0181 232 HOH C O   
763 O O   . HOH J .  ? 0.2430 0.2299 0.2075 0.0877  -0.0579 0.0148  233 HOH C O   
764 O O   . HOH J .  ? 0.2008 0.1862 0.2001 0.0658  -0.0193 0.0126  234 HOH C O   
765 O O   . HOH J .  ? 0.3418 0.2287 0.2148 0.0689  0.0277  -0.0536 235 HOH C O   
766 O O   . HOH J .  ? 0.2248 0.3678 0.2777 0.0178  -0.0060 -0.0343 236 HOH C O   
767 O O   . HOH J .  ? 0.1951 0.3007 0.2876 -0.0149 -0.0646 -0.0175 237 HOH C O   
768 O O   . HOH J .  ? 0.1711 0.0869 0.1526 0.0251  -0.0454 0.0163  238 HOH C O   
769 O O   . HOH J .  ? 0.3309 0.4122 0.2142 -0.1007 -0.0201 0.0032  239 HOH C O   
770 O O   . HOH J .  ? 0.2715 0.2240 0.3234 0.0678  0.0425  0.0902  240 HOH C O   
771 O O   . HOH J .  ? 0.2634 0.1841 0.2842 -0.0362 -0.1319 0.0538  241 HOH C O   
772 O O   . HOH J .  ? 0.2089 0.3013 0.2393 -0.0601 0.0588  0.0127  242 HOH C O   
773 O O   . HOH J .  ? 0.2706 0.3214 0.3220 0.0023  0.0189  -0.1450 243 HOH C O   
774 O O   . HOH J .  ? 0.4064 0.4276 0.2567 -0.1631 0.0449  0.0482  244 HOH C O   
775 O O   . HOH J .  ? 0.4232 0.2418 0.6154 -0.0414 0.0429  0.0497  245 HOH C O   
776 O O   . HOH J .  ? 0.2375 0.2779 0.3731 -0.0506 0.0094  0.1614  246 HOH C O   
777 O O   . HOH J .  ? 0.3091 0.2302 0.2496 -0.0310 -0.0618 0.0913  247 HOH C O   
778 O O   . HOH J .  ? 0.1594 0.3506 0.3727 -0.1120 0.1015  -0.0278 248 HOH C O   
779 O O   . HOH J .  ? 0.4215 0.2534 0.1952 -0.0342 -0.0883 -0.0168 249 HOH C O   
780 O O   . HOH J .  ? 0.5369 0.2711 0.2308 0.1478  -0.0649 0.0976  250 HOH C O   
781 O O   . HOH J .  ? 0.2699 0.3190 0.4468 0.1078  -0.0246 -0.0632 251 HOH C O   
782 O O   . HOH J .  ? 0.1683 0.2285 0.2922 -0.0262 0.0157  -0.0594 252 HOH C O   
783 O O   . HOH J .  ? 0.3661 0.3313 0.1476 0.0071  0.0329  0.0180  253 HOH C O   
784 O O   . HOH J .  ? 0.2742 0.4050 0.3353 -0.1141 0.0822  -0.2216 254 HOH C O   
785 O O   . HOH J .  ? 0.3725 0.5350 0.2266 0.0328  -0.0194 0.1325  255 HOH C O   
786 O O   . HOH J .  ? 0.5902 0.5227 0.9593 0.1492  0.2285  -0.0836 256 HOH C O   
787 O O   . HOH J .  ? 0.5994 0.6567 0.3355 -0.2697 -0.0627 0.0434  257 HOH C O   
788 O O   . HOH J .  ? 0.5168 0.5950 0.5698 0.0860  -0.0260 0.0188  258 HOH C O   
789 O O   . HOH J .  ? 0.2612 0.4951 0.3218 -0.0143 -0.0102 -0.0151 259 HOH C O   
790 O O   . HOH J .  ? 0.4623 0.3760 0.5338 -0.0229 -0.0918 0.1002  260 HOH C O   
791 O O   . HOH J .  ? 1.0664 0.8060 0.9142 0.0961  -0.2545 -0.5114 261 HOH C O   
792 O O   . HOH J .  ? 0.7200 0.7304 0.5712 -0.1051 0.0142  0.1193  262 HOH C O   
793 O O   . HOH J .  ? 0.7724 0.7815 0.5813 0.1442  -0.0733 0.1726  263 HOH C O   
794 O O   . HOH J .  ? 0.5884 0.8460 0.6972 -0.2427 0.1786  0.0195  264 HOH C O   
795 O O   . HOH J .  ? 0.7936 0.5627 0.6248 0.0401  -0.1634 0.0388  265 HOH C O   
796 O O   . HOH J .  ? 0.5534 0.2124 0.5456 0.0149  -0.1304 -0.1050 266 HOH C O   
797 O O   . HOH J .  ? 0.4915 0.4422 0.4648 0.1424  -0.0676 0.0757  267 HOH C O   
798 O O   . HOH J .  ? 0.5348 0.2645 0.4738 0.0964  -0.0682 -0.1805 268 HOH C O   
# 
loop_
_pdbx_poly_seq_scheme.asym_id 
_pdbx_poly_seq_scheme.entity_id 
_pdbx_poly_seq_scheme.seq_id 
_pdbx_poly_seq_scheme.mon_id 
_pdbx_poly_seq_scheme.ndb_seq_num 
_pdbx_poly_seq_scheme.pdb_seq_num 
_pdbx_poly_seq_scheme.auth_seq_num 
_pdbx_poly_seq_scheme.pdb_mon_id 
_pdbx_poly_seq_scheme.auth_mon_id 
_pdbx_poly_seq_scheme.pdb_strand_id 
_pdbx_poly_seq_scheme.pdb_ins_code 
_pdbx_poly_seq_scheme.hetero 
A 1 1  ACE 1  0  ?  ?   ?   A . n 
A 1 2  GLY 2  1  1  GLY GLY A . n 
A 1 3  PRO 3  2  2  PRO PRO A . n 
A 1 4  HYP 4  3  3  HYP HYP A . n 
A 1 5  GLY 5  4  4  GLY GLY A . n 
A 1 6  PRO 6  5  5  PRO PRO A . n 
A 1 7  HYP 7  6  6  HYP HYP A . n 
A 1 8  GLY 8  7  7  GLY GLY A . n 
A 1 9  PRO 9  8  8  PRO PRO A . n 
A 1 10 HYP 10 9  9  HYP HYP A . n 
A 1 11 GLY 11 10 10 GLY GLY A . n 
A 1 12 PRO 12 11 11 PRO PRO A . n 
A 1 13 ARG 13 12 12 ARG ARG A . n 
A 1 14 GLY 14 13 13 GLY GLY A . n 
A 1 15 GLN 15 14 14 GLN GLN A . n 
A 1 16 HYP 16 15 15 HYP HYP A . n 
A 1 17 GLY 17 16 16 GLY GLY A . n 
A 1 18 VAL 18 17 17 VAL VAL A . n 
A 1 19 MET 19 18 18 MET MET A . n 
A 1 20 GLY 20 19 19 GLY GLY A . n 
A 1 21 PHE 21 20 20 PHE PHE A . n 
A 1 22 HYP 22 21 21 HYP HYP A . n 
A 1 23 GLY 23 22 22 GLY GLY A . n 
A 1 24 PRO 24 23 23 PRO PRO A . n 
A 1 25 HYP 25 24 24 HYP HYP A . n 
A 1 26 GLY 26 25 25 GLY GLY A . n 
A 1 27 PRO 27 26 26 PRO PRO A . n 
A 1 28 HYP 28 27 27 HYP HYP A . n 
A 1 29 GLY 29 28 28 GLY GLY A . n 
A 1 30 PRO 30 29 29 PRO PRO A . n 
A 1 31 HYP 31 30 30 HYP HYP A . n 
A 1 32 NH2 32 31 31 NH2 NH2 A . n 
B 1 1  ACE 1  0  0  ACE ACE B . n 
B 1 2  GLY 2  1  1  GLY GLY B . n 
B 1 3  PRO 3  2  2  PRO PRO B . n 
B 1 4  HYP 4  3  3  HYP HYP B . n 
B 1 5  GLY 5  4  4  GLY GLY B . n 
B 1 6  PRO 6  5  5  PRO PRO B . n 
B 1 7  HYP 7  6  6  HYP HYP B . n 
B 1 8  GLY 8  7  7  GLY GLY B . n 
B 1 9  PRO 9  8  8  PRO PRO B . n 
B 1 10 HYP 10 9  9  HYP HYP B . n 
B 1 11 GLY 11 10 10 GLY GLY B . n 
B 1 12 PRO 12 11 11 PRO PRO B . n 
B 1 13 ARG 13 12 12 ARG ARG B . n 
B 1 14 GLY 14 13 13 GLY GLY B . n 
B 1 15 GLN 15 14 14 GLN GLN B . n 
B 1 16 HYP 16 15 15 HYP HYP B . n 
B 1 17 GLY 17 16 16 GLY GLY B . n 
B 1 18 VAL 18 17 17 VAL VAL B . n 
B 1 19 MET 19 18 18 MET MET B . n 
B 1 20 GLY 20 19 19 GLY GLY B . n 
B 1 21 PHE 21 20 20 PHE PHE B . n 
B 1 22 HYP 22 21 21 HYP HYP B . n 
B 1 23 GLY 23 22 22 GLY GLY B . n 
B 1 24 PRO 24 23 23 PRO PRO B . n 
B 1 25 HYP 25 24 24 HYP HYP B . n 
B 1 26 GLY 26 25 25 GLY GLY B . n 
B 1 27 PRO 27 26 26 PRO PRO B . n 
B 1 28 HYP 28 27 27 HYP HYP B . n 
B 1 29 GLY 29 28 28 GLY GLY B . n 
B 1 30 PRO 30 29 29 PRO PRO B . n 
B 1 31 HYP 31 30 30 HYP HYP B . n 
B 1 32 NH2 32 31 31 NH2 NH2 B . n 
C 1 1  ACE 1  0  0  ACE ACE C . n 
C 1 2  GLY 2  1  1  GLY GLY C . n 
C 1 3  PRO 3  2  2  PRO PRO C . n 
C 1 4  HYP 4  3  3  HYP HYP C . n 
C 1 5  GLY 5  4  4  GLY GLY C . n 
C 1 6  PRO 6  5  5  PRO PRO C . n 
C 1 7  HYP 7  6  6  HYP HYP C . n 
C 1 8  GLY 8  7  7  GLY GLY C . n 
C 1 9  PRO 9  8  8  PRO PRO C . n 
C 1 10 HYP 10 9  9  HYP HYP C . n 
C 1 11 GLY 11 10 10 GLY GLY C . n 
C 1 12 PRO 12 11 11 PRO PRO C . n 
C 1 13 ARG 13 12 12 ARG ARG C . n 
C 1 14 GLY 14 13 13 GLY GLY C . n 
C 1 15 GLN 15 14 14 GLN GLN C . n 
C 1 16 HYP 16 15 15 HYP HYP C . n 
C 1 17 GLY 17 16 16 GLY GLY C . n 
C 1 18 VAL 18 17 17 VAL VAL C . n 
C 1 19 MET 19 18 18 MET MET C . n 
C 1 20 GLY 20 19 19 GLY GLY C . n 
C 1 21 PHE 21 20 20 PHE PHE C . n 
C 1 22 HYP 22 21 21 HYP HYP C . n 
C 1 23 GLY 23 22 22 GLY GLY C . n 
C 1 24 PRO 24 23 23 PRO PRO C . n 
C 1 25 HYP 25 24 24 HYP HYP C . n 
C 1 26 GLY 26 25 25 GLY GLY C . n 
C 1 27 PRO 27 26 26 PRO PRO C . n 
C 1 28 HYP 28 27 27 HYP HYP C . n 
C 1 29 GLY 29 28 28 GLY GLY C . n 
C 1 30 PRO 30 29 29 PRO PRO C . n 
C 1 31 HYP 31 30 30 HYP HYP C . n 
C 1 32 NH2 32 31 31 NH2 NH2 C . n 
# 
loop_
_pdbx_nonpoly_scheme.asym_id 
_pdbx_nonpoly_scheme.entity_id 
_pdbx_nonpoly_scheme.mon_id 
_pdbx_nonpoly_scheme.ndb_seq_num 
_pdbx_nonpoly_scheme.pdb_seq_num 
_pdbx_nonpoly_scheme.auth_seq_num 
_pdbx_nonpoly_scheme.pdb_mon_id 
_pdbx_nonpoly_scheme.auth_mon_id 
_pdbx_nonpoly_scheme.pdb_strand_id 
_pdbx_nonpoly_scheme.pdb_ins_code 
D 2 GOL 1  101 4   GOL GOL A . 
E 2 GOL 1  101 3   GOL GOL B . 
F 2 GOL 1  101 1   GOL GOL C . 
G 2 GOL 1  102 2   GOL GOL C . 
H 3 HOH 1  201 4   HOH HOH A . 
H 3 HOH 2  202 18  HOH HOH A . 
H 3 HOH 3  203 20  HOH HOH A . 
H 3 HOH 4  204 25  HOH HOH A . 
H 3 HOH 5  205 34  HOH HOH A . 
H 3 HOH 6  206 37  HOH HOH A . 
H 3 HOH 7  207 39  HOH HOH A . 
H 3 HOH 8  208 40  HOH HOH A . 
H 3 HOH 9  209 45  HOH HOH A . 
H 3 HOH 10 210 46  HOH HOH A . 
H 3 HOH 11 211 49  HOH HOH A . 
H 3 HOH 12 212 50  HOH HOH A . 
H 3 HOH 13 213 59  HOH HOH A . 
H 3 HOH 14 214 63  HOH HOH A . 
H 3 HOH 15 215 64  HOH HOH A . 
H 3 HOH 16 216 65  HOH HOH A . 
H 3 HOH 17 217 66  HOH HOH A . 
H 3 HOH 18 218 70  HOH HOH A . 
H 3 HOH 19 219 77  HOH HOH A . 
H 3 HOH 20 220 89  HOH HOH A . 
H 3 HOH 21 221 102 HOH HOH A . 
H 3 HOH 22 222 103 HOH HOH A . 
H 3 HOH 23 223 107 HOH HOH A . 
H 3 HOH 24 224 108 HOH HOH A . 
H 3 HOH 25 225 112 HOH HOH A . 
H 3 HOH 26 226 115 HOH HOH A . 
H 3 HOH 27 227 116 HOH HOH A . 
H 3 HOH 28 228 118 HOH HOH A . 
H 3 HOH 29 229 121 HOH HOH A . 
H 3 HOH 30 230 123 HOH HOH A . 
H 3 HOH 31 231 125 HOH HOH A . 
H 3 HOH 32 232 126 HOH HOH A . 
H 3 HOH 33 233 128 HOH HOH A . 
H 3 HOH 34 234 130 HOH HOH A . 
H 3 HOH 35 235 139 HOH HOH A . 
H 3 HOH 36 236 144 HOH HOH A . 
H 3 HOH 37 237 146 HOH HOH A . 
I 3 HOH 1  201 1   HOH HOH B . 
I 3 HOH 2  202 2   HOH HOH B . 
I 3 HOH 3  203 7   HOH HOH B . 
I 3 HOH 4  204 9   HOH HOH B . 
I 3 HOH 5  205 12  HOH HOH B . 
I 3 HOH 6  206 13  HOH HOH B . 
I 3 HOH 7  207 14  HOH HOH B . 
I 3 HOH 8  208 16  HOH HOH B . 
I 3 HOH 9  209 17  HOH HOH B . 
I 3 HOH 10 210 24  HOH HOH B . 
I 3 HOH 11 211 27  HOH HOH B . 
I 3 HOH 12 212 28  HOH HOH B . 
I 3 HOH 13 213 29  HOH HOH B . 
I 3 HOH 14 214 30  HOH HOH B . 
I 3 HOH 15 215 32  HOH HOH B . 
I 3 HOH 16 216 33  HOH HOH B . 
I 3 HOH 17 217 38  HOH HOH B . 
I 3 HOH 18 218 41  HOH HOH B . 
I 3 HOH 19 219 42  HOH HOH B . 
I 3 HOH 20 220 43  HOH HOH B . 
I 3 HOH 21 221 47  HOH HOH B . 
I 3 HOH 22 222 51  HOH HOH B . 
I 3 HOH 23 223 56  HOH HOH B . 
I 3 HOH 24 224 57  HOH HOH B . 
I 3 HOH 25 225 58  HOH HOH B . 
I 3 HOH 26 226 67  HOH HOH B . 
I 3 HOH 27 227 71  HOH HOH B . 
I 3 HOH 28 228 74  HOH HOH B . 
I 3 HOH 29 229 76  HOH HOH B . 
I 3 HOH 30 230 79  HOH HOH B . 
I 3 HOH 31 231 83  HOH HOH B . 
I 3 HOH 32 232 86  HOH HOH B . 
I 3 HOH 33 233 88  HOH HOH B . 
I 3 HOH 34 234 90  HOH HOH B . 
I 3 HOH 35 235 96  HOH HOH B . 
I 3 HOH 36 236 97  HOH HOH B . 
I 3 HOH 37 237 98  HOH HOH B . 
I 3 HOH 38 238 99  HOH HOH B . 
I 3 HOH 39 239 104 HOH HOH B . 
I 3 HOH 40 240 106 HOH HOH B . 
I 3 HOH 41 241 109 HOH HOH B . 
I 3 HOH 42 242 129 HOH HOH B . 
I 3 HOH 43 243 134 HOH HOH B . 
I 3 HOH 44 244 135 HOH HOH B . 
I 3 HOH 45 245 136 HOH HOH B . 
I 3 HOH 46 246 141 HOH HOH B . 
I 3 HOH 47 247 142 HOH HOH B . 
I 3 HOH 48 248 145 HOH HOH B . 
I 3 HOH 49 249 151 HOH HOH B . 
I 3 HOH 50 250 152 HOH HOH B . 
I 3 HOH 51 251 153 HOH HOH B . 
I 3 HOH 52 252 154 HOH HOH B . 
J 3 HOH 1  201 3   HOH HOH C . 
J 3 HOH 2  202 5   HOH HOH C . 
J 3 HOH 3  203 6   HOH HOH C . 
J 3 HOH 4  204 8   HOH HOH C . 
J 3 HOH 5  205 10  HOH HOH C . 
J 3 HOH 6  206 11  HOH HOH C . 
J 3 HOH 7  207 15  HOH HOH C . 
J 3 HOH 8  208 19  HOH HOH C . 
J 3 HOH 9  209 21  HOH HOH C . 
J 3 HOH 10 210 22  HOH HOH C . 
J 3 HOH 11 211 23  HOH HOH C . 
J 3 HOH 12 212 26  HOH HOH C . 
J 3 HOH 13 213 31  HOH HOH C . 
J 3 HOH 14 214 35  HOH HOH C . 
J 3 HOH 15 215 36  HOH HOH C . 
J 3 HOH 16 216 44  HOH HOH C . 
J 3 HOH 17 217 48  HOH HOH C . 
J 3 HOH 18 218 52  HOH HOH C . 
J 3 HOH 19 219 53  HOH HOH C . 
J 3 HOH 20 220 54  HOH HOH C . 
J 3 HOH 21 221 55  HOH HOH C . 
J 3 HOH 22 222 60  HOH HOH C . 
J 3 HOH 23 223 61  HOH HOH C . 
J 3 HOH 24 224 62  HOH HOH C . 
J 3 HOH 25 225 68  HOH HOH C . 
J 3 HOH 26 226 69  HOH HOH C . 
J 3 HOH 27 227 72  HOH HOH C . 
J 3 HOH 28 228 73  HOH HOH C . 
J 3 HOH 29 229 75  HOH HOH C . 
J 3 HOH 30 230 78  HOH HOH C . 
J 3 HOH 31 231 80  HOH HOH C . 
J 3 HOH 32 232 81  HOH HOH C . 
J 3 HOH 33 233 82  HOH HOH C . 
J 3 HOH 34 234 84  HOH HOH C . 
J 3 HOH 35 235 85  HOH HOH C . 
J 3 HOH 36 236 87  HOH HOH C . 
J 3 HOH 37 237 91  HOH HOH C . 
J 3 HOH 38 238 92  HOH HOH C . 
J 3 HOH 39 239 93  HOH HOH C . 
J 3 HOH 40 240 94  HOH HOH C . 
J 3 HOH 41 241 95  HOH HOH C . 
J 3 HOH 42 242 100 HOH HOH C . 
J 3 HOH 43 243 101 HOH HOH C . 
J 3 HOH 44 244 105 HOH HOH C . 
J 3 HOH 45 245 110 HOH HOH C . 
J 3 HOH 46 246 111 HOH HOH C . 
J 3 HOH 47 247 113 HOH HOH C . 
J 3 HOH 48 248 114 HOH HOH C . 
J 3 HOH 49 249 117 HOH HOH C . 
J 3 HOH 50 250 119 HOH HOH C . 
J 3 HOH 51 251 120 HOH HOH C . 
J 3 HOH 52 252 122 HOH HOH C . 
J 3 HOH 53 253 124 HOH HOH C . 
J 3 HOH 54 254 127 HOH HOH C . 
J 3 HOH 55 255 131 HOH HOH C . 
J 3 HOH 56 256 132 HOH HOH C . 
J 3 HOH 57 257 133 HOH HOH C . 
J 3 HOH 58 258 137 HOH HOH C . 
J 3 HOH 59 259 138 HOH HOH C . 
J 3 HOH 60 260 140 HOH HOH C . 
J 3 HOH 61 261 143 HOH HOH C . 
J 3 HOH 62 262 147 HOH HOH C . 
J 3 HOH 63 263 148 HOH HOH C . 
J 3 HOH 64 264 149 HOH HOH C . 
J 3 HOH 65 265 150 HOH HOH C . 
J 3 HOH 66 266 155 HOH HOH C . 
J 3 HOH 67 267 156 HOH HOH C . 
J 3 HOH 68 268 157 HOH HOH C . 
# 
loop_
_pdbx_struct_mod_residue.id 
_pdbx_struct_mod_residue.label_asym_id 
_pdbx_struct_mod_residue.label_comp_id 
_pdbx_struct_mod_residue.label_seq_id 
_pdbx_struct_mod_residue.auth_asym_id 
_pdbx_struct_mod_residue.auth_comp_id 
_pdbx_struct_mod_residue.auth_seq_id 
_pdbx_struct_mod_residue.PDB_ins_code 
_pdbx_struct_mod_residue.parent_comp_id 
_pdbx_struct_mod_residue.details 
1  A HYP 4  A HYP 3  ? PRO 4-HYDROXYPROLINE 
2  A HYP 7  A HYP 6  ? PRO 4-HYDROXYPROLINE 
3  A HYP 10 A HYP 9  ? PRO 4-HYDROXYPROLINE 
4  A HYP 16 A HYP 15 ? PRO 4-HYDROXYPROLINE 
5  A HYP 22 A HYP 21 ? PRO 4-HYDROXYPROLINE 
6  A HYP 25 A HYP 24 ? PRO 4-HYDROXYPROLINE 
7  A HYP 28 A HYP 27 ? PRO 4-HYDROXYPROLINE 
8  A HYP 31 A HYP 30 ? PRO 4-HYDROXYPROLINE 
9  B HYP 4  B HYP 3  ? PRO 4-HYDROXYPROLINE 
10 B HYP 7  B HYP 6  ? PRO 4-HYDROXYPROLINE 
11 B HYP 10 B HYP 9  ? PRO 4-HYDROXYPROLINE 
12 B HYP 16 B HYP 15 ? PRO 4-HYDROXYPROLINE 
13 B HYP 22 B HYP 21 ? PRO 4-HYDROXYPROLINE 
14 B HYP 25 B HYP 24 ? PRO 4-HYDROXYPROLINE 
15 B HYP 28 B HYP 27 ? PRO 4-HYDROXYPROLINE 
16 B HYP 31 B HYP 30 ? PRO 4-HYDROXYPROLINE 
17 C HYP 4  C HYP 3  ? PRO 4-HYDROXYPROLINE 
18 C HYP 7  C HYP 6  ? PRO 4-HYDROXYPROLINE 
19 C HYP 10 C HYP 9  ? PRO 4-HYDROXYPROLINE 
20 C HYP 16 C HYP 15 ? PRO 4-HYDROXYPROLINE 
21 C HYP 22 C HYP 21 ? PRO 4-HYDROXYPROLINE 
22 C HYP 25 C HYP 24 ? PRO 4-HYDROXYPROLINE 
23 C HYP 28 C HYP 27 ? PRO 4-HYDROXYPROLINE 
24 C HYP 31 C HYP 30 ? PRO 4-HYDROXYPROLINE 
# 
_pdbx_struct_assembly.id                   1 
_pdbx_struct_assembly.details              author_and_software_defined_assembly 
_pdbx_struct_assembly.method_details       PISA 
_pdbx_struct_assembly.oligomeric_details   trimeric 
_pdbx_struct_assembly.oligomeric_count     3 
# 
_pdbx_struct_assembly_gen.assembly_id       1 
_pdbx_struct_assembly_gen.oper_expression   1 
_pdbx_struct_assembly_gen.asym_id_list      A,B,C,D,E,F,G,H,I,J 
# 
loop_
_pdbx_struct_assembly_prop.biol_id 
_pdbx_struct_assembly_prop.type 
_pdbx_struct_assembly_prop.value 
_pdbx_struct_assembly_prop.details 
1 'ABSA (A^2)' 6490 ? 
1 MORE         -31  ? 
1 'SSA (A^2)'  5960 ? 
# 
_pdbx_struct_oper_list.id                   1 
_pdbx_struct_oper_list.type                 'identity operation' 
_pdbx_struct_oper_list.name                 1_555 
_pdbx_struct_oper_list.symmetry_operation   x,y,z 
_pdbx_struct_oper_list.matrix[1][1]         1.0000000000 
_pdbx_struct_oper_list.matrix[1][2]         0.0000000000 
_pdbx_struct_oper_list.matrix[1][3]         0.0000000000 
_pdbx_struct_oper_list.vector[1]            0.0000000000 
_pdbx_struct_oper_list.matrix[2][1]         0.0000000000 
_pdbx_struct_oper_list.matrix[2][2]         1.0000000000 
_pdbx_struct_oper_list.matrix[2][3]         0.0000000000 
_pdbx_struct_oper_list.vector[2]            0.0000000000 
_pdbx_struct_oper_list.matrix[3][1]         0.0000000000 
_pdbx_struct_oper_list.matrix[3][2]         0.0000000000 
_pdbx_struct_oper_list.matrix[3][3]         1.0000000000 
_pdbx_struct_oper_list.vector[3]            0.0000000000 
# 
loop_
_pdbx_audit_revision_history.ordinal 
_pdbx_audit_revision_history.data_content_type 
_pdbx_audit_revision_history.major_revision 
_pdbx_audit_revision_history.minor_revision 
_pdbx_audit_revision_history.revision_date 
1 'Structure model' 1 0 2012-03-28 
2 'Structure model' 1 1 2012-04-04 
3 'Structure model' 1 2 2012-04-18 
4 'Structure model' 1 3 2023-09-13 
# 
_pdbx_audit_revision_details.ordinal             1 
_pdbx_audit_revision_details.revision_ordinal    1 
_pdbx_audit_revision_details.data_content_type   'Structure model' 
_pdbx_audit_revision_details.provider            repository 
_pdbx_audit_revision_details.type                'Initial release' 
_pdbx_audit_revision_details.description         ? 
_pdbx_audit_revision_details.details             ? 
# 
loop_
_pdbx_audit_revision_group.ordinal 
_pdbx_audit_revision_group.revision_ordinal 
_pdbx_audit_revision_group.data_content_type 
_pdbx_audit_revision_group.group 
1 2 'Structure model' 'Database references'    
2 3 'Structure model' 'Database references'    
3 4 'Structure model' 'Data collection'        
4 4 'Structure model' 'Database references'    
5 4 'Structure model' 'Derived calculations'   
6 4 'Structure model' 'Refinement description' 
# 
loop_
_pdbx_audit_revision_category.ordinal 
_pdbx_audit_revision_category.revision_ordinal 
_pdbx_audit_revision_category.data_content_type 
_pdbx_audit_revision_category.category 
1 4 'Structure model' chem_comp_atom                
2 4 'Structure model' chem_comp_bond                
3 4 'Structure model' database_2                    
4 4 'Structure model' pdbx_initial_refinement_model 
5 4 'Structure model' struct_conn                   
6 4 'Structure model' struct_site                   
# 
loop_
_pdbx_audit_revision_item.ordinal 
_pdbx_audit_revision_item.revision_ordinal 
_pdbx_audit_revision_item.data_content_type 
_pdbx_audit_revision_item.item 
1  4 'Structure model' '_database_2.pdbx_DOI'                
2  4 'Structure model' '_database_2.pdbx_database_accession' 
3  4 'Structure model' '_struct_conn.pdbx_dist_value'        
4  4 'Structure model' '_struct_conn.pdbx_leaving_atom_flag' 
5  4 'Structure model' '_struct_conn.ptnr1_auth_asym_id'     
6  4 'Structure model' '_struct_conn.ptnr1_auth_comp_id'     
7  4 'Structure model' '_struct_conn.ptnr1_auth_seq_id'      
8  4 'Structure model' '_struct_conn.ptnr1_label_asym_id'    
9  4 'Structure model' '_struct_conn.ptnr1_label_atom_id'    
10 4 'Structure model' '_struct_conn.ptnr1_label_comp_id'    
11 4 'Structure model' '_struct_conn.ptnr1_label_seq_id'     
12 4 'Structure model' '_struct_conn.ptnr2_auth_asym_id'     
13 4 'Structure model' '_struct_conn.ptnr2_auth_comp_id'     
14 4 'Structure model' '_struct_conn.ptnr2_auth_seq_id'      
15 4 'Structure model' '_struct_conn.ptnr2_label_asym_id'    
16 4 'Structure model' '_struct_conn.ptnr2_label_atom_id'    
17 4 'Structure model' '_struct_conn.ptnr2_label_comp_id'    
18 4 'Structure model' '_struct_conn.ptnr2_label_seq_id'     
19 4 'Structure model' '_struct_site.pdbx_auth_asym_id'      
20 4 'Structure model' '_struct_site.pdbx_auth_comp_id'      
21 4 'Structure model' '_struct_site.pdbx_auth_seq_id'       
# 
loop_
_software.name 
_software.classification 
_software.version 
_software.citation_id 
_software.pdbx_ordinal 
XDS    'data scaling'   .        ? 1 
PHASER phasing          .        ? 2 
REFMAC refinement       5.5.0102 ? 3 
XDS    'data reduction' .        ? 4 
SCALA  'data scaling'   .        ? 5 
# 
loop_
_pdbx_validate_close_contact.id 
_pdbx_validate_close_contact.PDB_model_num 
_pdbx_validate_close_contact.auth_atom_id_1 
_pdbx_validate_close_contact.auth_asym_id_1 
_pdbx_validate_close_contact.auth_comp_id_1 
_pdbx_validate_close_contact.auth_seq_id_1 
_pdbx_validate_close_contact.PDB_ins_code_1 
_pdbx_validate_close_contact.label_alt_id_1 
_pdbx_validate_close_contact.auth_atom_id_2 
_pdbx_validate_close_contact.auth_asym_id_2 
_pdbx_validate_close_contact.auth_comp_id_2 
_pdbx_validate_close_contact.auth_seq_id_2 
_pdbx_validate_close_contact.PDB_ins_code_2 
_pdbx_validate_close_contact.label_alt_id_2 
_pdbx_validate_close_contact.dist 
1 1 O C HOH 241 ? ? O   C HOH 263 ? ? 1.78 
2 1 O B HOH 206 ? ? O   B HOH 251 ? ? 1.91 
3 1 O B ACE 0   ? ? CH3 C ACE 0   ? ? 2.06 
4 1 O A HOH 237 ? ? O   C HOH 255 ? ? 2.06 
5 1 O B PRO 29  ? ? O   B HOH 249 ? ? 2.12 
6 1 O C HOH 201 ? ? O   C HOH 210 ? ? 2.16 
7 1 O B HOH 207 ? ? O   B HOH 243 ? ? 2.16 
8 1 O C HOH 253 ? ? O   C HOH 265 ? ? 2.17 
# 
loop_
_pdbx_validate_symm_contact.id 
_pdbx_validate_symm_contact.PDB_model_num 
_pdbx_validate_symm_contact.auth_atom_id_1 
_pdbx_validate_symm_contact.auth_asym_id_1 
_pdbx_validate_symm_contact.auth_comp_id_1 
_pdbx_validate_symm_contact.auth_seq_id_1 
_pdbx_validate_symm_contact.PDB_ins_code_1 
_pdbx_validate_symm_contact.label_alt_id_1 
_pdbx_validate_symm_contact.site_symmetry_1 
_pdbx_validate_symm_contact.auth_atom_id_2 
_pdbx_validate_symm_contact.auth_asym_id_2 
_pdbx_validate_symm_contact.auth_comp_id_2 
_pdbx_validate_symm_contact.auth_seq_id_2 
_pdbx_validate_symm_contact.PDB_ins_code_2 
_pdbx_validate_symm_contact.label_alt_id_2 
_pdbx_validate_symm_contact.site_symmetry_2 
_pdbx_validate_symm_contact.dist 
1 1 O C HOH 201 ? ? 1_555 O C HOH 259 ? ? 1_655 1.85 
2 1 O A HOH 231 ? ? 1_555 O C HOH 237 ? ? 2_555 1.90 
3 1 O B HOH 230 ? ? 1_555 O C HOH 261 ? ? 2_555 1.95 
4 1 O B HOH 238 ? ? 1_555 O C HOH 249 ? ? 2_555 2.09 
5 1 O B HOH 234 ? ? 1_555 O C HOH 264 ? ? 2_555 2.09 
6 1 O B HOH 230 ? ? 1_555 O C HOH 215 ? ? 2_555 2.10 
# 
_pdbx_unobs_or_zero_occ_residues.id               1 
_pdbx_unobs_or_zero_occ_residues.PDB_model_num    1 
_pdbx_unobs_or_zero_occ_residues.polymer_flag     Y 
_pdbx_unobs_or_zero_occ_residues.occupancy_flag   1 
_pdbx_unobs_or_zero_occ_residues.auth_asym_id     A 
_pdbx_unobs_or_zero_occ_residues.auth_comp_id     ACE 
_pdbx_unobs_or_zero_occ_residues.auth_seq_id      0 
_pdbx_unobs_or_zero_occ_residues.PDB_ins_code     ? 
_pdbx_unobs_or_zero_occ_residues.label_asym_id    A 
_pdbx_unobs_or_zero_occ_residues.label_comp_id    ACE 
_pdbx_unobs_or_zero_occ_residues.label_seq_id     1 
# 
loop_
_chem_comp_atom.comp_id 
_chem_comp_atom.atom_id 
_chem_comp_atom.type_symbol 
_chem_comp_atom.pdbx_aromatic_flag 
_chem_comp_atom.pdbx_stereo_config 
_chem_comp_atom.pdbx_ordinal 
ACE C    C N N 1   
ACE O    O N N 2   
ACE CH3  C N N 3   
ACE H    H N N 4   
ACE H1   H N N 5   
ACE H2   H N N 6   
ACE H3   H N N 7   
ARG N    N N N 8   
ARG CA   C N S 9   
ARG C    C N N 10  
ARG O    O N N 11  
ARG CB   C N N 12  
ARG CG   C N N 13  
ARG CD   C N N 14  
ARG NE   N N N 15  
ARG CZ   C N N 16  
ARG NH1  N N N 17  
ARG NH2  N N N 18  
ARG OXT  O N N 19  
ARG H    H N N 20  
ARG H2   H N N 21  
ARG HA   H N N 22  
ARG HB2  H N N 23  
ARG HB3  H N N 24  
ARG HG2  H N N 25  
ARG HG3  H N N 26  
ARG HD2  H N N 27  
ARG HD3  H N N 28  
ARG HE   H N N 29  
ARG HH11 H N N 30  
ARG HH12 H N N 31  
ARG HH21 H N N 32  
ARG HH22 H N N 33  
ARG HXT  H N N 34  
GLN N    N N N 35  
GLN CA   C N S 36  
GLN C    C N N 37  
GLN O    O N N 38  
GLN CB   C N N 39  
GLN CG   C N N 40  
GLN CD   C N N 41  
GLN OE1  O N N 42  
GLN NE2  N N N 43  
GLN OXT  O N N 44  
GLN H    H N N 45  
GLN H2   H N N 46  
GLN HA   H N N 47  
GLN HB2  H N N 48  
GLN HB3  H N N 49  
GLN HG2  H N N 50  
GLN HG3  H N N 51  
GLN HE21 H N N 52  
GLN HE22 H N N 53  
GLN HXT  H N N 54  
GLY N    N N N 55  
GLY CA   C N N 56  
GLY C    C N N 57  
GLY O    O N N 58  
GLY OXT  O N N 59  
GLY H    H N N 60  
GLY H2   H N N 61  
GLY HA2  H N N 62  
GLY HA3  H N N 63  
GLY HXT  H N N 64  
GOL C1   C N N 65  
GOL O1   O N N 66  
GOL C2   C N N 67  
GOL O2   O N N 68  
GOL C3   C N N 69  
GOL O3   O N N 70  
GOL H11  H N N 71  
GOL H12  H N N 72  
GOL HO1  H N N 73  
GOL H2   H N N 74  
GOL HO2  H N N 75  
GOL H31  H N N 76  
GOL H32  H N N 77  
GOL HO3  H N N 78  
HOH O    O N N 79  
HOH H1   H N N 80  
HOH H2   H N N 81  
HYP N    N N N 82  
HYP CA   C N S 83  
HYP C    C N N 84  
HYP O    O N N 85  
HYP CB   C N N 86  
HYP CG   C N R 87  
HYP CD   C N N 88  
HYP OD1  O N N 89  
HYP OXT  O N N 90  
HYP H    H N N 91  
HYP HA   H N N 92  
HYP HB2  H N N 93  
HYP HB3  H N N 94  
HYP HG   H N N 95  
HYP HD22 H N N 96  
HYP HD23 H N N 97  
HYP HD1  H N N 98  
HYP HXT  H N N 99  
MET N    N N N 100 
MET CA   C N S 101 
MET C    C N N 102 
MET O    O N N 103 
MET CB   C N N 104 
MET CG   C N N 105 
MET SD   S N N 106 
MET CE   C N N 107 
MET OXT  O N N 108 
MET H    H N N 109 
MET H2   H N N 110 
MET HA   H N N 111 
MET HB2  H N N 112 
MET HB3  H N N 113 
MET HG2  H N N 114 
MET HG3  H N N 115 
MET HE1  H N N 116 
MET HE2  H N N 117 
MET HE3  H N N 118 
MET HXT  H N N 119 
NH2 N    N N N 120 
NH2 HN1  H N N 121 
NH2 HN2  H N N 122 
PHE N    N N N 123 
PHE CA   C N S 124 
PHE C    C N N 125 
PHE O    O N N 126 
PHE CB   C N N 127 
PHE CG   C Y N 128 
PHE CD1  C Y N 129 
PHE CD2  C Y N 130 
PHE CE1  C Y N 131 
PHE CE2  C Y N 132 
PHE CZ   C Y N 133 
PHE OXT  O N N 134 
PHE H    H N N 135 
PHE H2   H N N 136 
PHE HA   H N N 137 
PHE HB2  H N N 138 
PHE HB3  H N N 139 
PHE HD1  H N N 140 
PHE HD2  H N N 141 
PHE HE1  H N N 142 
PHE HE2  H N N 143 
PHE HZ   H N N 144 
PHE HXT  H N N 145 
PRO N    N N N 146 
PRO CA   C N S 147 
PRO C    C N N 148 
PRO O    O N N 149 
PRO CB   C N N 150 
PRO CG   C N N 151 
PRO CD   C N N 152 
PRO OXT  O N N 153 
PRO H    H N N 154 
PRO HA   H N N 155 
PRO HB2  H N N 156 
PRO HB3  H N N 157 
PRO HG2  H N N 158 
PRO HG3  H N N 159 
PRO HD2  H N N 160 
PRO HD3  H N N 161 
PRO HXT  H N N 162 
VAL N    N N N 163 
VAL CA   C N S 164 
VAL C    C N N 165 
VAL O    O N N 166 
VAL CB   C N N 167 
VAL CG1  C N N 168 
VAL CG2  C N N 169 
VAL OXT  O N N 170 
VAL H    H N N 171 
VAL H2   H N N 172 
VAL HA   H N N 173 
VAL HB   H N N 174 
VAL HG11 H N N 175 
VAL HG12 H N N 176 
VAL HG13 H N N 177 
VAL HG21 H N N 178 
VAL HG22 H N N 179 
VAL HG23 H N N 180 
VAL HXT  H N N 181 
# 
loop_
_chem_comp_bond.comp_id 
_chem_comp_bond.atom_id_1 
_chem_comp_bond.atom_id_2 
_chem_comp_bond.value_order 
_chem_comp_bond.pdbx_aromatic_flag 
_chem_comp_bond.pdbx_stereo_config 
_chem_comp_bond.pdbx_ordinal 
ACE C   O    doub N N 1   
ACE C   CH3  sing N N 2   
ACE C   H    sing N N 3   
ACE CH3 H1   sing N N 4   
ACE CH3 H2   sing N N 5   
ACE CH3 H3   sing N N 6   
ARG N   CA   sing N N 7   
ARG N   H    sing N N 8   
ARG N   H2   sing N N 9   
ARG CA  C    sing N N 10  
ARG CA  CB   sing N N 11  
ARG CA  HA   sing N N 12  
ARG C   O    doub N N 13  
ARG C   OXT  sing N N 14  
ARG CB  CG   sing N N 15  
ARG CB  HB2  sing N N 16  
ARG CB  HB3  sing N N 17  
ARG CG  CD   sing N N 18  
ARG CG  HG2  sing N N 19  
ARG CG  HG3  sing N N 20  
ARG CD  NE   sing N N 21  
ARG CD  HD2  sing N N 22  
ARG CD  HD3  sing N N 23  
ARG NE  CZ   sing N N 24  
ARG NE  HE   sing N N 25  
ARG CZ  NH1  sing N N 26  
ARG CZ  NH2  doub N N 27  
ARG NH1 HH11 sing N N 28  
ARG NH1 HH12 sing N N 29  
ARG NH2 HH21 sing N N 30  
ARG NH2 HH22 sing N N 31  
ARG OXT HXT  sing N N 32  
GLN N   CA   sing N N 33  
GLN N   H    sing N N 34  
GLN N   H2   sing N N 35  
GLN CA  C    sing N N 36  
GLN CA  CB   sing N N 37  
GLN CA  HA   sing N N 38  
GLN C   O    doub N N 39  
GLN C   OXT  sing N N 40  
GLN CB  CG   sing N N 41  
GLN CB  HB2  sing N N 42  
GLN CB  HB3  sing N N 43  
GLN CG  CD   sing N N 44  
GLN CG  HG2  sing N N 45  
GLN CG  HG3  sing N N 46  
GLN CD  OE1  doub N N 47  
GLN CD  NE2  sing N N 48  
GLN NE2 HE21 sing N N 49  
GLN NE2 HE22 sing N N 50  
GLN OXT HXT  sing N N 51  
GLY N   CA   sing N N 52  
GLY N   H    sing N N 53  
GLY N   H2   sing N N 54  
GLY CA  C    sing N N 55  
GLY CA  HA2  sing N N 56  
GLY CA  HA3  sing N N 57  
GLY C   O    doub N N 58  
GLY C   OXT  sing N N 59  
GLY OXT HXT  sing N N 60  
GOL C1  O1   sing N N 61  
GOL C1  C2   sing N N 62  
GOL C1  H11  sing N N 63  
GOL C1  H12  sing N N 64  
GOL O1  HO1  sing N N 65  
GOL C2  O2   sing N N 66  
GOL C2  C3   sing N N 67  
GOL C2  H2   sing N N 68  
GOL O2  HO2  sing N N 69  
GOL C3  O3   sing N N 70  
GOL C3  H31  sing N N 71  
GOL C3  H32  sing N N 72  
GOL O3  HO3  sing N N 73  
HOH O   H1   sing N N 74  
HOH O   H2   sing N N 75  
HYP N   CA   sing N N 76  
HYP N   CD   sing N N 77  
HYP N   H    sing N N 78  
HYP CA  C    sing N N 79  
HYP CA  CB   sing N N 80  
HYP CA  HA   sing N N 81  
HYP C   O    doub N N 82  
HYP C   OXT  sing N N 83  
HYP CB  CG   sing N N 84  
HYP CB  HB2  sing N N 85  
HYP CB  HB3  sing N N 86  
HYP CG  CD   sing N N 87  
HYP CG  OD1  sing N N 88  
HYP CG  HG   sing N N 89  
HYP CD  HD22 sing N N 90  
HYP CD  HD23 sing N N 91  
HYP OD1 HD1  sing N N 92  
HYP OXT HXT  sing N N 93  
MET N   CA   sing N N 94  
MET N   H    sing N N 95  
MET N   H2   sing N N 96  
MET CA  C    sing N N 97  
MET CA  CB   sing N N 98  
MET CA  HA   sing N N 99  
MET C   O    doub N N 100 
MET C   OXT  sing N N 101 
MET CB  CG   sing N N 102 
MET CB  HB2  sing N N 103 
MET CB  HB3  sing N N 104 
MET CG  SD   sing N N 105 
MET CG  HG2  sing N N 106 
MET CG  HG3  sing N N 107 
MET SD  CE   sing N N 108 
MET CE  HE1  sing N N 109 
MET CE  HE2  sing N N 110 
MET CE  HE3  sing N N 111 
MET OXT HXT  sing N N 112 
NH2 N   HN1  sing N N 113 
NH2 N   HN2  sing N N 114 
PHE N   CA   sing N N 115 
PHE N   H    sing N N 116 
PHE N   H2   sing N N 117 
PHE CA  C    sing N N 118 
PHE CA  CB   sing N N 119 
PHE CA  HA   sing N N 120 
PHE C   O    doub N N 121 
PHE C   OXT  sing N N 122 
PHE CB  CG   sing N N 123 
PHE CB  HB2  sing N N 124 
PHE CB  HB3  sing N N 125 
PHE CG  CD1  doub Y N 126 
PHE CG  CD2  sing Y N 127 
PHE CD1 CE1  sing Y N 128 
PHE CD1 HD1  sing N N 129 
PHE CD2 CE2  doub Y N 130 
PHE CD2 HD2  sing N N 131 
PHE CE1 CZ   doub Y N 132 
PHE CE1 HE1  sing N N 133 
PHE CE2 CZ   sing Y N 134 
PHE CE2 HE2  sing N N 135 
PHE CZ  HZ   sing N N 136 
PHE OXT HXT  sing N N 137 
PRO N   CA   sing N N 138 
PRO N   CD   sing N N 139 
PRO N   H    sing N N 140 
PRO CA  C    sing N N 141 
PRO CA  CB   sing N N 142 
PRO CA  HA   sing N N 143 
PRO C   O    doub N N 144 
PRO C   OXT  sing N N 145 
PRO CB  CG   sing N N 146 
PRO CB  HB2  sing N N 147 
PRO CB  HB3  sing N N 148 
PRO CG  CD   sing N N 149 
PRO CG  HG2  sing N N 150 
PRO CG  HG3  sing N N 151 
PRO CD  HD2  sing N N 152 
PRO CD  HD3  sing N N 153 
PRO OXT HXT  sing N N 154 
VAL N   CA   sing N N 155 
VAL N   H    sing N N 156 
VAL N   H2   sing N N 157 
VAL CA  C    sing N N 158 
VAL CA  CB   sing N N 159 
VAL CA  HA   sing N N 160 
VAL C   O    doub N N 161 
VAL C   OXT  sing N N 162 
VAL CB  CG1  sing N N 163 
VAL CB  CG2  sing N N 164 
VAL CB  HB   sing N N 165 
VAL CG1 HG11 sing N N 166 
VAL CG1 HG12 sing N N 167 
VAL CG1 HG13 sing N N 168 
VAL CG2 HG21 sing N N 169 
VAL CG2 HG22 sing N N 170 
VAL CG2 HG23 sing N N 171 
VAL OXT HXT  sing N N 172 
# 
loop_
_pdbx_entity_nonpoly.entity_id 
_pdbx_entity_nonpoly.name 
_pdbx_entity_nonpoly.comp_id 
2 GLYCEROL GOL 
3 water    HOH 
# 
_pdbx_initial_refinement_model.id               1 
_pdbx_initial_refinement_model.entity_id_list   ? 
_pdbx_initial_refinement_model.type             'experimental model' 
_pdbx_initial_refinement_model.source_name      PDB 
_pdbx_initial_refinement_model.accession_code   1V7H 
_pdbx_initial_refinement_model.details          '1V7H poly-ala' 
# 
